data_5MP5
#
_entry.id   5MP5
#
_cell.length_a   60.750
_cell.length_b   82.120
_cell.length_c   89.040
_cell.angle_alpha   92.350
_cell.angle_beta   95.360
_cell.angle_gamma   89.860
#
_symmetry.space_group_name_H-M   'P 1'
#
loop_
_entity.id
_entity.type
_entity.pdbx_description
1 polymer 'antibody Fab heavy chain'
2 polymer 'antibody Fab light chain'
3 polymer 'Microtubule-associated protein tau'
4 water water
#
loop_
_entity_poly.entity_id
_entity_poly.type
_entity_poly.pdbx_seq_one_letter_code
_entity_poly.pdbx_strand_id
1 'polypeptide(L)'
;(PCA)VQLQQSGPELVKPGTSVKMPCKASGYIFTDYVISWVKQRTGQGLEWIGEIFPRSGSTYYNEKFKGKATLTADKSS
NTAYMQLSSVTSEDSAVYFCARDYYGTSFAMDYWGQGTSVTVSSAKTTPPSVYPLAPGSAAQTNSMVTLGCLVKGYFPEP
VTVTWNSGSLSSGVHTFPAVLQSDLYTLSSSVTVPSSTWPSETVTCNVAHPASSTKVDKKIVPR
;
A,C,E,H
2 'polypeptide(L)'
;DIVMSQSPSSLAVSAGEKVTMSCKSSQSLLNSRTRKNYLAWYQQKPGQSPKLLIYWASTRESGVPDRFTGSGSGTDFTLT
ISSVQAEDLAVYYCKQSFYLRTFGGGTKLDIKRADAAPTVSIFPPSSEQLTSGGASVVCFLNNFYPKDINVRWKIDGSER
QNGVLNSWTDQDSKDSTYSMSSTLTLTKDEYERHNSYTCEATHKTSTSPIVKSFNRNE
;
B,D,F,L
3 'polypeptide(L)' KHVPGGGSVQIVYK I,J,K
#
# COMPACT_ATOMS: atom_id res chain seq x y z
N VAL A 2 24.81 9.96 31.84
CA VAL A 2 25.10 11.25 31.24
C VAL A 2 24.40 11.25 29.89
N GLN A 3 23.80 12.37 29.54
CA GLN A 3 23.14 12.50 28.28
C GLN A 3 23.06 13.95 27.90
N LEU A 4 23.34 14.24 26.62
CA LEU A 4 23.27 15.57 26.05
C LEU A 4 22.25 15.53 24.93
N GLN A 5 21.20 16.34 25.10
CA GLN A 5 20.04 16.31 24.24
C GLN A 5 19.98 17.59 23.41
N GLN A 6 20.24 17.42 22.12
CA GLN A 6 20.29 18.50 21.15
C GLN A 6 18.99 18.60 20.35
N SER A 7 18.71 19.79 19.82
CA SER A 7 17.50 20.01 19.01
C SER A 7 17.52 19.26 17.68
N GLY A 8 16.36 19.20 17.05
CA GLY A 8 16.19 18.64 15.71
C GLY A 8 16.90 19.47 14.64
N PRO A 9 16.82 19.00 13.37
CA PRO A 9 17.32 19.69 12.17
C PRO A 9 16.79 21.09 11.97
N GLU A 10 17.60 21.91 11.32
CA GLU A 10 17.31 23.34 11.11
C GLU A 10 17.67 23.80 9.70
N LEU A 11 16.75 24.55 9.08
CA LEU A 11 16.97 25.32 7.85
C LEU A 11 17.03 26.73 8.34
N VAL A 12 18.02 27.51 7.89
CA VAL A 12 18.01 28.95 8.15
C VAL A 12 18.54 29.77 6.99
N LYS A 13 17.95 30.92 6.80
CA LYS A 13 18.32 31.78 5.69
C LYS A 13 19.70 32.44 5.84
N PRO A 14 20.41 32.64 4.71
CA PRO A 14 21.66 33.37 4.71
C PRO A 14 21.52 34.72 5.37
N GLY A 15 22.52 35.09 6.17
CA GLY A 15 22.58 36.39 6.85
C GLY A 15 21.64 36.57 8.02
N THR A 16 21.10 35.48 8.56
CA THR A 16 20.29 35.51 9.78
C THR A 16 21.00 34.76 10.88
N SER A 17 20.29 34.49 11.97
CA SER A 17 20.80 33.76 13.12
C SER A 17 20.02 32.50 13.46
N VAL A 18 20.75 31.56 14.05
CA VAL A 18 20.21 30.31 14.58
C VAL A 18 20.76 30.06 15.97
N LYS A 19 19.87 29.63 16.87
CA LYS A 19 20.24 29.31 18.23
C LYS A 19 19.81 27.88 18.53
N MET A 20 20.76 27.06 18.96
CA MET A 20 20.52 25.62 19.19
C MET A 20 20.86 25.18 20.63
N PRO A 21 19.91 24.50 21.32
CA PRO A 21 20.10 24.07 22.69
C PRO A 21 20.77 22.72 22.85
N CYS A 22 21.42 22.58 23.98
CA CYS A 22 22.06 21.33 24.39
C CYS A 22 21.68 21.04 25.85
N LYS A 23 20.62 20.25 25.99
CA LYS A 23 20.03 19.93 27.29
C LYS A 23 20.77 18.78 27.97
N ALA A 24 21.45 19.10 29.08
CA ALA A 24 22.24 18.16 29.87
C ALA A 24 21.46 17.48 30.99
N SER A 25 21.63 16.16 31.11
CA SER A 25 21.10 15.39 32.25
C SER A 25 22.05 14.29 32.72
N GLY A 26 21.81 13.82 33.94
CA GLY A 26 22.55 12.70 34.54
C GLY A 26 23.81 13.05 35.31
N TYR A 27 24.11 14.34 35.44
CA TYR A 27 25.28 14.78 36.17
C TYR A 27 25.06 16.21 36.70
N ILE A 28 26.07 16.68 37.41
CA ILE A 28 26.07 18.06 37.92
C ILE A 28 26.51 18.99 36.79
N PHE A 29 25.53 19.59 36.08
CA PHE A 29 25.76 20.55 34.97
C PHE A 29 26.85 21.61 35.24
N THR A 30 26.88 22.12 36.47
CA THR A 30 27.84 23.17 36.85
C THR A 30 29.27 22.69 37.14
N ASP A 31 29.48 21.38 37.11
CA ASP A 31 30.80 20.81 37.36
C ASP A 31 31.71 20.58 36.14
N TYR A 32 31.11 20.63 34.94
CA TYR A 32 31.78 20.23 33.68
C TYR A 32 31.62 21.31 32.63
N VAL A 33 32.59 21.49 31.75
CA VAL A 33 32.42 22.48 30.66
C VAL A 33 31.64 21.80 29.55
N ILE A 34 30.99 22.63 28.75
CA ILE A 34 30.30 22.20 27.54
C ILE A 34 31.10 22.73 26.37
N SER A 35 31.56 21.81 25.53
CA SER A 35 32.26 22.13 24.30
C SER A 35 31.31 21.97 23.12
N TRP A 36 31.58 22.72 22.07
CA TRP A 36 30.88 22.63 20.79
C TRP A 36 31.85 22.31 19.65
N VAL A 37 31.41 21.43 18.74
CA VAL A 37 32.24 20.94 17.62
C VAL A 37 31.47 20.97 16.28
N LYS A 38 32.14 21.47 15.27
CA LYS A 38 31.59 21.54 13.90
C LYS A 38 32.12 20.40 13.01
N GLN A 39 31.22 19.84 12.21
CA GLN A 39 31.56 18.82 11.20
C GLN A 39 30.82 19.06 9.91
N ARG A 40 31.50 19.61 8.90
CA ARG A 40 30.90 19.79 7.55
C ARG A 40 30.83 18.44 6.89
N THR A 41 29.76 18.24 6.09
CA THR A 41 29.51 16.96 5.41
C THR A 41 30.79 16.44 4.78
N GLY A 42 31.17 15.21 5.14
CA GLY A 42 32.36 14.54 4.62
C GLY A 42 33.68 15.16 5.03
N GLN A 43 33.68 16.02 6.06
CA GLN A 43 34.91 16.62 6.59
C GLN A 43 35.23 16.12 7.99
N GLY A 44 36.36 16.58 8.52
CA GLY A 44 36.75 16.31 9.89
C GLY A 44 36.00 17.10 10.93
N LEU A 45 36.41 16.91 12.18
CA LEU A 45 35.90 17.70 13.30
C LEU A 45 36.71 18.96 13.55
N GLU A 46 36.01 20.02 13.93
CA GLU A 46 36.60 21.35 14.16
C GLU A 46 36.01 21.94 15.45
N TRP A 47 36.87 22.32 16.38
CA TRP A 47 36.44 22.90 17.67
C TRP A 47 35.98 24.33 17.48
N ILE A 48 34.82 24.63 18.03
CA ILE A 48 34.28 25.99 17.97
C ILE A 48 34.69 26.80 19.21
N GLY A 49 34.37 26.22 20.36
CA GLY A 49 34.53 26.92 21.62
C GLY A 49 33.94 26.13 22.76
N GLU A 50 34.11 26.65 23.97
CA GLU A 50 33.59 26.01 25.18
C GLU A 50 33.01 27.03 26.17
N ILE A 51 32.04 26.57 26.95
CA ILE A 51 31.50 27.39 28.05
C ILE A 51 31.64 26.62 29.36
N PHE A 52 31.94 27.34 30.44
CA PHE A 52 31.86 26.82 31.82
C PHE A 52 30.50 27.30 32.35
N PRO A 53 29.54 26.37 32.50
CA PRO A 53 28.22 26.76 33.01
C PRO A 53 28.20 27.33 34.42
N ARG A 54 29.15 26.93 35.26
CA ARG A 54 29.22 27.46 36.63
C ARG A 54 29.33 28.98 36.66
N SER A 55 30.20 29.52 35.80
CA SER A 55 30.51 30.96 35.74
C SER A 55 30.09 31.70 34.46
N GLY A 56 29.70 30.96 33.41
CA GLY A 56 29.44 31.56 32.09
C GLY A 56 30.68 32.01 31.30
N SER A 57 31.85 31.66 31.78
CA SER A 57 33.11 31.95 31.08
C SER A 57 33.26 31.12 29.79
N THR A 58 33.64 31.78 28.71
CA THR A 58 33.79 31.14 27.40
C THR A 58 35.19 31.26 26.84
N TYR A 59 35.55 30.27 26.02
CA TYR A 59 36.75 30.33 25.17
C TYR A 59 36.37 29.89 23.78
N TYR A 60 37.04 30.45 22.78
CA TYR A 60 36.71 30.25 21.39
C TYR A 60 37.94 29.94 20.55
N ASN A 61 37.76 29.05 19.57
CA ASN A 61 38.64 28.96 18.42
C ASN A 61 38.51 30.29 17.71
N GLU A 62 39.66 30.91 17.40
CA GLU A 62 39.77 32.29 16.90
C GLU A 62 38.93 32.55 15.64
N LYS A 63 38.78 31.55 14.78
CA LYS A 63 37.89 31.69 13.60
C LYS A 63 36.41 31.93 13.90
N PHE A 64 35.94 31.43 15.04
CA PHE A 64 34.52 31.55 15.41
C PHE A 64 34.25 32.67 16.39
N LYS A 65 35.24 33.54 16.62
CA LYS A 65 35.03 34.75 17.43
C LYS A 65 34.14 35.78 16.73
N GLY A 66 32.95 35.97 17.27
CA GLY A 66 31.96 36.87 16.64
C GLY A 66 30.97 36.16 15.73
N LYS A 67 31.32 34.97 15.26
CA LYS A 67 30.38 34.10 14.55
C LYS A 67 29.51 33.38 15.56
N ALA A 68 30.16 32.65 16.46
CA ALA A 68 29.51 31.81 17.47
C ALA A 68 29.42 32.50 18.83
N THR A 69 28.26 32.36 19.47
CA THR A 69 28.07 32.88 20.83
C THR A 69 27.47 31.84 21.75
N LEU A 70 28.23 31.47 22.79
CA LEU A 70 27.88 30.39 23.72
C LEU A 70 27.31 30.82 25.04
N THR A 71 26.08 30.39 25.32
CA THR A 71 25.42 30.72 26.59
C THR A 71 25.03 29.49 27.35
N ALA A 72 24.73 29.69 28.63
CA ALA A 72 24.24 28.60 29.48
C ALA A 72 23.21 29.11 30.47
N ASP A 73 22.15 28.33 30.57
CA ASP A 73 21.09 28.56 31.52
C ASP A 73 21.19 27.47 32.59
N LYS A 74 21.66 27.85 33.77
CA LYS A 74 21.81 26.93 34.91
C LYS A 74 20.52 26.34 35.49
N SER A 75 19.43 27.11 35.41
CA SER A 75 18.11 26.67 35.90
C SER A 75 17.44 25.56 35.05
N SER A 76 17.85 25.46 33.78
CA SER A 76 17.32 24.41 32.88
C SER A 76 18.36 23.35 32.46
N ASN A 77 19.57 23.44 32.99
CA ASN A 77 20.71 22.57 32.56
C ASN A 77 20.84 22.52 31.05
N THR A 78 20.82 23.71 30.44
CA THR A 78 20.81 23.83 28.97
C THR A 78 21.84 24.83 28.51
N ALA A 79 22.72 24.37 27.64
CA ALA A 79 23.70 25.22 26.98
C ALA A 79 23.18 25.56 25.59
N TYR A 80 23.46 26.79 25.16
CA TYR A 80 23.01 27.27 23.83
C TYR A 80 24.18 27.77 23.04
N MET A 81 24.18 27.46 21.74
CA MET A 81 25.10 28.07 20.80
C MET A 81 24.36 28.77 19.71
N GLN A 82 24.62 30.07 19.58
CA GLN A 82 24.06 30.90 18.53
C GLN A 82 25.13 31.13 17.49
N LEU A 83 24.73 31.11 16.21
CA LEU A 83 25.59 31.44 15.08
C LEU A 83 24.95 32.65 14.39
N SER A 84 25.73 33.71 14.15
CA SER A 84 25.17 34.96 13.58
C SER A 84 25.68 35.22 12.16
N SER A 85 24.90 35.98 11.40
CA SER A 85 25.21 36.34 10.00
C SER A 85 25.63 35.16 9.13
N VAL A 86 24.86 34.08 9.24
CA VAL A 86 25.29 32.77 8.73
C VAL A 86 25.40 32.73 7.21
N THR A 87 26.36 31.94 6.73
CA THR A 87 26.60 31.71 5.31
C THR A 87 26.49 30.23 5.02
N SER A 88 26.59 29.88 3.74
CA SER A 88 26.55 28.47 3.31
C SER A 88 27.71 27.65 3.88
N GLU A 89 28.77 28.35 4.25
CA GLU A 89 29.93 27.76 4.95
C GLU A 89 29.58 27.24 6.35
N ASP A 90 28.55 27.82 6.96
CA ASP A 90 28.11 27.38 8.29
C ASP A 90 27.22 26.13 8.27
N SER A 91 26.86 25.67 7.06
CA SER A 91 26.11 24.42 6.87
C SER A 91 26.95 23.21 7.31
N ALA A 92 26.50 22.58 8.36
CA ALA A 92 27.29 21.57 9.07
C ALA A 92 26.43 20.87 10.10
N VAL A 93 26.93 19.73 10.60
CA VAL A 93 26.45 19.15 11.84
C VAL A 93 27.25 19.78 12.99
N TYR A 94 26.52 20.21 13.99
CA TYR A 94 27.11 20.83 15.19
C TYR A 94 26.86 19.98 16.43
N PHE A 95 27.94 19.51 17.05
CA PHE A 95 27.87 18.68 18.25
C PHE A 95 28.08 19.52 19.52
N CYS A 96 27.36 19.19 20.57
CA CYS A 96 27.72 19.64 21.91
C CYS A 96 28.35 18.46 22.68
N ALA A 97 29.18 18.77 23.65
CA ALA A 97 29.92 17.71 24.32
C ALA A 97 30.32 18.09 25.72
N ARG A 98 30.23 17.12 26.62
CA ARG A 98 30.70 17.29 27.99
C ARG A 98 32.20 17.13 28.02
N ASP A 99 32.84 18.13 28.57
CA ASP A 99 34.26 18.26 28.55
C ASP A 99 34.71 18.23 30.02
N TYR A 100 35.47 17.20 30.34
CA TYR A 100 35.91 16.96 31.70
C TYR A 100 37.13 17.84 32.05
N TYR A 101 36.82 19.12 32.19
CA TYR A 101 37.80 20.13 32.61
C TYR A 101 38.32 19.85 34.01
N GLY A 102 39.58 20.14 34.21
CA GLY A 102 40.23 19.99 35.51
C GLY A 102 41.14 18.79 35.53
N THR A 103 40.64 17.63 35.09
CA THR A 103 41.38 16.36 35.14
C THR A 103 41.68 15.86 33.72
N SER A 104 40.74 15.14 33.10
CA SER A 104 41.01 14.53 31.77
C SER A 104 41.15 15.54 30.62
N PHE A 105 40.49 16.68 30.75
CA PHE A 105 40.37 17.68 29.65
C PHE A 105 39.98 17.02 28.31
N ALA A 106 39.10 16.03 28.41
CA ALA A 106 38.64 15.27 27.26
C ALA A 106 37.12 15.29 27.15
N MET A 107 36.62 15.17 25.92
CA MET A 107 35.18 15.21 25.68
C MET A 107 34.63 13.79 25.82
N ASP A 108 34.14 13.49 27.02
CA ASP A 108 33.74 12.13 27.37
C ASP A 108 32.29 11.75 26.98
N TYR A 109 31.43 12.73 26.76
CA TYR A 109 30.05 12.52 26.25
C TYR A 109 29.58 13.59 25.27
N TRP A 110 28.97 13.10 24.18
CA TRP A 110 28.61 13.87 23.02
C TRP A 110 27.09 13.82 22.85
N GLY A 111 26.50 14.91 22.40
CA GLY A 111 25.13 14.91 21.88
C GLY A 111 25.10 14.20 20.52
N GLN A 112 23.89 13.98 20.01
CA GLN A 112 23.71 13.32 18.70
C GLN A 112 23.94 14.27 17.51
N GLY A 113 24.15 15.54 17.80
CA GLY A 113 24.45 16.53 16.76
C GLY A 113 23.20 17.14 16.13
N THR A 114 23.30 18.42 15.79
CA THR A 114 22.22 19.13 15.14
C THR A 114 22.65 19.54 13.75
N SER A 115 21.87 19.12 12.74
CA SER A 115 22.12 19.36 11.33
C SER A 115 21.56 20.75 11.01
N VAL A 116 22.43 21.64 10.52
CA VAL A 116 22.06 22.98 10.04
C VAL A 116 22.32 23.17 8.54
N THR A 117 21.27 23.47 7.79
CA THR A 117 21.40 23.87 6.37
C THR A 117 21.16 25.37 6.25
N VAL A 118 22.12 26.09 5.66
CA VAL A 118 22.00 27.53 5.38
C VAL A 118 21.70 27.76 3.90
N SER A 119 20.47 28.14 3.62
CA SER A 119 19.93 28.23 2.26
C SER A 119 18.64 29.04 2.21
N SER A 120 18.46 29.77 1.13
CA SER A 120 17.22 30.51 0.89
C SER A 120 16.20 29.64 0.14
N ALA A 121 16.58 28.39 -0.17
CA ALA A 121 15.68 27.45 -0.83
C ALA A 121 14.48 27.05 0.05
N LYS A 122 13.47 26.54 -0.59
CA LYS A 122 12.13 26.33 0.01
C LYS A 122 12.06 24.99 0.75
N THR A 123 11.64 24.95 2.03
CA THR A 123 11.35 23.60 2.54
C THR A 123 10.29 22.98 1.62
N THR A 124 10.57 21.78 1.15
CA THR A 124 9.69 21.03 0.25
C THR A 124 9.54 19.61 0.79
N PRO A 125 8.32 19.19 1.15
CA PRO A 125 8.18 17.81 1.63
C PRO A 125 8.47 16.78 0.53
N PRO A 126 8.82 15.54 0.91
CA PRO A 126 9.08 14.50 -0.09
C PRO A 126 7.83 13.89 -0.74
N SER A 127 8.02 13.43 -1.96
CA SER A 127 7.12 12.46 -2.57
C SER A 127 7.74 11.09 -2.35
N VAL A 128 6.96 10.19 -1.75
CA VAL A 128 7.43 8.88 -1.33
C VAL A 128 6.73 7.85 -2.20
N TYR A 129 7.52 6.93 -2.77
CA TYR A 129 7.06 5.94 -3.75
C TYR A 129 7.53 4.54 -3.41
N PRO A 130 6.61 3.53 -3.45
CA PRO A 130 7.05 2.16 -3.16
C PRO A 130 7.74 1.51 -4.34
N LEU A 131 8.76 0.72 -4.02
CA LEU A 131 9.47 -0.08 -4.99
C LEU A 131 9.11 -1.54 -4.69
N ALA A 132 8.20 -2.06 -5.51
CA ALA A 132 7.80 -3.48 -5.50
C ALA A 132 8.42 -4.14 -6.72
N PRO A 133 8.94 -5.39 -6.57
CA PRO A 133 9.58 -6.06 -7.72
C PRO A 133 8.61 -6.33 -8.87
N ALA A 136 8.42 -11.13 -11.56
CA ALA A 136 9.60 -11.90 -12.00
C ALA A 136 10.42 -12.45 -10.84
N ALA A 137 11.42 -13.25 -11.17
CA ALA A 137 12.27 -13.91 -10.18
C ALA A 137 13.58 -14.35 -10.82
N GLN A 138 14.67 -14.07 -10.11
CA GLN A 138 15.97 -14.70 -10.38
C GLN A 138 16.30 -15.68 -9.24
N THR A 139 15.34 -16.58 -8.96
CA THR A 139 15.51 -17.76 -8.07
C THR A 139 16.10 -17.49 -6.66
N ASN A 140 15.60 -16.45 -6.00
CA ASN A 140 16.06 -16.08 -4.65
C ASN A 140 15.04 -16.41 -3.55
N SER A 141 15.53 -17.05 -2.49
CA SER A 141 14.77 -17.28 -1.24
C SER A 141 14.56 -16.02 -0.42
N MET A 142 15.31 -14.98 -0.77
CA MET A 142 15.12 -13.62 -0.27
C MET A 142 14.46 -12.74 -1.31
N VAL A 143 13.83 -11.67 -0.83
CA VAL A 143 13.22 -10.66 -1.70
C VAL A 143 13.67 -9.28 -1.24
N THR A 144 14.02 -8.43 -2.19
CA THR A 144 14.39 -7.06 -1.88
C THR A 144 13.23 -6.13 -2.26
N LEU A 145 12.96 -5.18 -1.37
CA LEU A 145 11.97 -4.14 -1.60
C LEU A 145 12.63 -2.78 -1.40
N GLY A 146 11.92 -1.71 -1.75
CA GLY A 146 12.40 -0.36 -1.51
C GLY A 146 11.40 0.76 -1.50
N CYS A 147 11.90 1.94 -1.11
CA CYS A 147 11.13 3.18 -1.13
C CYS A 147 11.98 4.26 -1.79
N LEU A 148 11.38 4.97 -2.75
CA LEU A 148 11.98 6.13 -3.40
C LEU A 148 11.46 7.41 -2.76
N VAL A 149 12.38 8.20 -2.17
CA VAL A 149 12.08 9.41 -1.39
C VAL A 149 12.59 10.55 -2.25
N LYS A 150 11.67 11.25 -2.88
CA LYS A 150 11.98 12.16 -4.01
C LYS A 150 11.51 13.61 -3.88
N GLY A 151 12.44 14.52 -4.13
CA GLY A 151 12.12 15.94 -4.26
C GLY A 151 11.83 16.70 -2.98
N TYR A 152 12.68 16.48 -1.98
CA TYR A 152 12.52 17.17 -0.69
C TYR A 152 13.66 18.15 -0.47
N PHE A 153 13.44 19.07 0.44
CA PHE A 153 14.48 19.97 0.95
C PHE A 153 14.06 20.49 2.34
N PRO A 154 15.01 20.70 3.26
CA PRO A 154 16.37 20.24 3.21
C PRO A 154 16.49 18.81 3.71
N GLU A 155 17.73 18.36 3.78
CA GLU A 155 18.11 17.18 4.50
C GLU A 155 17.83 17.45 5.99
N PRO A 156 17.67 16.41 6.82
CA PRO A 156 17.60 15.03 6.39
C PRO A 156 16.14 14.53 6.27
N VAL A 157 16.03 13.31 5.75
CA VAL A 157 14.88 12.46 6.00
C VAL A 157 15.37 11.26 6.79
N THR A 158 14.54 10.79 7.73
CA THR A 158 14.76 9.53 8.41
C THR A 158 13.92 8.50 7.69
N VAL A 159 14.47 7.30 7.51
CA VAL A 159 13.72 6.18 6.92
C VAL A 159 13.86 5.00 7.85
N THR A 160 12.71 4.44 8.24
CA THR A 160 12.65 3.18 8.98
C THR A 160 11.74 2.25 8.20
N TRP A 161 11.78 0.97 8.57
CA TRP A 161 10.88 -0.04 8.02
C TRP A 161 10.16 -0.71 9.18
N ASN A 162 8.87 -0.99 8.99
CA ASN A 162 7.96 -1.54 10.03
C ASN A 162 8.19 -0.85 11.39
N SER A 163 8.17 0.47 11.35
CA SER A 163 8.44 1.32 12.54
C SER A 163 9.79 1.05 13.20
N GLY A 164 10.74 0.54 12.41
CA GLY A 164 12.05 0.11 12.91
C GLY A 164 12.10 -1.27 13.54
N SER A 165 11.13 -2.13 13.21
CA SER A 165 11.16 -3.54 13.65
C SER A 165 12.01 -4.37 12.69
N LEU A 166 11.91 -4.07 11.39
CA LEU A 166 12.86 -4.55 10.37
C LEU A 166 14.09 -3.66 10.39
N SER A 167 15.13 -4.14 11.07
CA SER A 167 16.35 -3.35 11.33
C SER A 167 17.51 -3.77 10.42
N SER A 168 17.84 -5.06 10.45
CA SER A 168 18.86 -5.63 9.57
C SER A 168 18.30 -5.78 8.18
N GLY A 169 19.19 -6.00 7.21
CA GLY A 169 18.80 -6.09 5.78
C GLY A 169 18.40 -4.76 5.13
N VAL A 170 18.59 -3.65 5.85
CA VAL A 170 18.22 -2.31 5.43
C VAL A 170 19.46 -1.59 4.93
N HIS A 171 19.35 -0.98 3.75
CA HIS A 171 20.37 -0.05 3.25
C HIS A 171 19.71 1.23 2.81
N THR A 172 19.92 2.28 3.59
CA THR A 172 19.45 3.61 3.21
C THR A 172 20.61 4.41 2.62
N PHE A 173 20.40 4.86 1.40
CA PHE A 173 21.45 5.47 0.61
C PHE A 173 21.50 6.96 0.86
N PRO A 174 22.71 7.56 0.84
CA PRO A 174 22.77 9.01 1.05
C PRO A 174 22.09 9.77 -0.07
N ALA A 175 21.52 10.91 0.29
CA ALA A 175 20.79 11.74 -0.64
C ALA A 175 21.73 12.40 -1.64
N VAL A 176 21.20 12.68 -2.82
CA VAL A 176 21.94 13.51 -3.78
C VAL A 176 21.12 14.74 -4.12
N LEU A 177 21.79 15.89 -4.07
CA LEU A 177 21.17 17.17 -4.34
C LEU A 177 21.14 17.43 -5.83
N GLN A 178 19.98 17.83 -6.33
CA GLN A 178 19.86 18.38 -7.67
C GLN A 178 18.78 19.44 -7.72
N SER A 179 19.09 20.60 -8.28
CA SER A 179 18.08 21.63 -8.56
C SER A 179 17.28 22.07 -7.31
N ASP A 180 18.02 22.31 -6.23
CA ASP A 180 17.45 22.66 -4.90
C ASP A 180 16.60 21.55 -4.25
N LEU A 181 16.75 20.31 -4.73
CA LEU A 181 15.94 19.19 -4.23
C LEU A 181 16.68 17.86 -4.15
N TYR A 182 16.47 17.18 -3.02
CA TYR A 182 17.17 15.95 -2.68
C TYR A 182 16.37 14.72 -3.10
N THR A 183 17.08 13.67 -3.47
CA THR A 183 16.46 12.37 -3.72
C THR A 183 17.30 11.29 -3.07
N LEU A 184 16.66 10.40 -2.34
CA LEU A 184 17.33 9.22 -1.81
C LEU A 184 16.45 8.01 -2.02
N SER A 185 17.02 6.85 -1.70
CA SER A 185 16.30 5.59 -1.67
C SER A 185 16.71 4.76 -0.48
N SER A 186 15.86 3.80 -0.18
CA SER A 186 16.14 2.81 0.87
C SER A 186 15.69 1.43 0.38
N SER A 187 16.53 0.45 0.63
CA SER A 187 16.14 -0.94 0.37
C SER A 187 16.01 -1.70 1.67
N VAL A 188 15.10 -2.67 1.68
CA VAL A 188 15.01 -3.67 2.73
C VAL A 188 14.98 -5.04 2.07
N THR A 189 15.80 -5.96 2.59
CA THR A 189 15.82 -7.34 2.15
C THR A 189 15.27 -8.20 3.29
N VAL A 190 14.24 -8.96 2.98
CA VAL A 190 13.61 -9.90 3.93
C VAL A 190 13.45 -11.25 3.24
N PRO A 191 13.08 -12.31 3.99
CA PRO A 191 12.82 -13.58 3.31
C PRO A 191 11.52 -13.59 2.51
N SER A 192 11.47 -14.42 1.46
CA SER A 192 10.25 -14.69 0.71
C SER A 192 9.09 -15.24 1.58
N SER A 193 9.40 -15.76 2.77
CA SER A 193 8.39 -16.22 3.73
C SER A 193 7.56 -15.07 4.32
N THR A 194 8.23 -13.97 4.66
CA THR A 194 7.57 -12.84 5.35
C THR A 194 6.76 -11.92 4.42
N TRP A 195 7.24 -11.64 3.20
CA TRP A 195 6.52 -10.79 2.21
C TRP A 195 6.18 -11.64 0.97
N PRO A 196 5.02 -11.44 0.31
CA PRO A 196 3.93 -10.53 0.70
C PRO A 196 2.94 -11.01 1.78
N SER A 197 3.14 -12.21 2.33
CA SER A 197 2.27 -12.79 3.36
C SER A 197 2.02 -11.83 4.53
N GLU A 198 3.07 -11.14 4.96
CA GLU A 198 3.00 -10.08 6.00
C GLU A 198 3.20 -8.70 5.39
N THR A 199 2.96 -7.69 6.22
CA THR A 199 3.01 -6.29 5.82
C THR A 199 4.41 -5.74 5.98
N VAL A 200 4.88 -5.04 4.93
CA VAL A 200 6.13 -4.29 4.97
C VAL A 200 5.85 -2.85 4.53
N THR A 201 6.16 -1.93 5.43
CA THR A 201 5.81 -0.52 5.29
C THR A 201 7.03 0.32 5.61
N CYS A 202 7.37 1.23 4.71
CA CYS A 202 8.50 2.13 4.97
C CYS A 202 7.98 3.44 5.53
N ASN A 203 8.64 3.90 6.58
CA ASN A 203 8.23 5.08 7.30
C ASN A 203 9.24 6.15 6.97
N VAL A 204 8.77 7.20 6.29
CA VAL A 204 9.61 8.33 5.92
C VAL A 204 9.22 9.50 6.81
N ALA A 205 10.20 10.01 7.54
CA ALA A 205 10.01 11.21 8.35
C ALA A 205 10.87 12.30 7.72
N HIS A 206 10.33 13.50 7.63
CA HIS A 206 11.03 14.68 7.18
C HIS A 206 10.73 15.74 8.25
N PRO A 207 11.64 15.91 9.25
CA PRO A 207 11.42 16.87 10.35
C PRO A 207 11.17 18.31 9.89
N ALA A 208 11.99 18.77 8.94
CA ALA A 208 11.95 20.18 8.49
C ALA A 208 10.54 20.67 8.08
N SER A 209 9.77 19.79 7.46
CA SER A 209 8.41 20.13 7.06
C SER A 209 7.34 19.50 7.96
N SER A 210 7.76 18.89 9.07
CA SER A 210 6.83 18.18 9.95
C SER A 210 5.97 17.22 9.12
N THR A 211 6.63 16.43 8.26
CA THR A 211 5.93 15.52 7.42
C THR A 211 6.33 14.08 7.83
N LYS A 212 5.36 13.18 7.77
CA LYS A 212 5.52 11.78 8.11
C LYS A 212 4.62 10.93 7.26
N VAL A 213 5.23 10.06 6.47
CA VAL A 213 4.51 9.21 5.55
C VAL A 213 4.81 7.75 5.86
N ASP A 214 3.78 6.93 5.64
CA ASP A 214 3.88 5.50 5.66
C ASP A 214 3.48 5.02 4.29
N LYS A 215 4.40 4.33 3.62
CA LYS A 215 4.10 3.71 2.36
C LYS A 215 4.20 2.20 2.49
N LYS A 216 3.07 1.54 2.33
CA LYS A 216 3.03 0.07 2.30
C LYS A 216 3.52 -0.41 0.95
N ILE A 217 4.36 -1.45 0.98
CA ILE A 217 4.83 -2.11 -0.24
C ILE A 217 3.83 -3.22 -0.56
N VAL A 218 3.19 -3.11 -1.74
CA VAL A 218 2.26 -4.15 -2.23
C VAL A 218 2.67 -4.64 -3.62
N PRO A 219 2.49 -5.95 -3.90
CA PRO A 219 3.03 -6.54 -5.14
C PRO A 219 2.33 -6.18 -6.45
N ARG A 220 2.99 -6.60 -7.53
CA ARG A 220 2.61 -6.29 -8.92
C ARG A 220 2.22 -4.82 -9.14
N ASP B 1 46.26 28.25 17.68
CA ASP B 1 47.71 28.21 18.07
C ASP B 1 48.39 26.89 17.70
N ILE B 2 47.88 25.78 18.28
CA ILE B 2 48.46 24.45 18.08
C ILE B 2 47.80 23.72 16.92
N VAL B 3 48.66 23.16 16.07
CA VAL B 3 48.28 22.52 14.82
C VAL B 3 48.51 21.04 15.01
N MET B 4 47.60 20.23 14.50
CA MET B 4 47.67 18.76 14.65
C MET B 4 47.67 18.13 13.28
N SER B 5 48.44 17.05 13.15
CA SER B 5 48.68 16.35 11.87
C SER B 5 48.42 14.89 12.09
N GLN B 6 47.68 14.26 11.19
CA GLN B 6 47.46 12.83 11.25
C GLN B 6 47.92 12.11 9.97
N SER B 7 48.45 10.91 10.15
CA SER B 7 48.89 10.08 9.02
C SER B 7 48.87 8.59 9.35
N PRO B 8 48.56 7.74 8.38
CA PRO B 8 48.12 8.13 7.03
C PRO B 8 46.69 8.62 7.06
N SER B 9 46.29 9.31 5.99
CA SER B 9 44.93 9.86 5.88
C SER B 9 43.88 8.79 5.67
N SER B 10 44.31 7.69 5.06
CA SER B 10 43.44 6.54 4.84
C SER B 10 44.25 5.26 5.08
N LEU B 11 43.55 4.20 5.49
CA LEU B 11 44.18 2.92 5.82
C LEU B 11 43.19 1.77 5.74
N ALA B 12 43.65 0.64 5.20
CA ALA B 12 42.84 -0.56 5.01
C ALA B 12 43.56 -1.80 5.54
N VAL B 13 42.83 -2.60 6.31
CA VAL B 13 43.31 -3.91 6.80
C VAL B 13 42.19 -4.93 6.98
N SER B 14 42.58 -6.20 6.93
CA SER B 14 41.65 -7.30 7.15
C SER B 14 41.34 -7.45 8.64
N ALA B 15 40.16 -8.00 8.90
CA ALA B 15 39.72 -8.35 10.25
C ALA B 15 40.72 -9.30 10.92
N GLY B 16 41.09 -8.96 12.16
CA GLY B 16 42.11 -9.71 12.91
C GLY B 16 43.53 -9.17 12.81
N GLU B 17 43.79 -8.27 11.87
CA GLU B 17 45.12 -7.68 11.70
C GLU B 17 45.37 -6.49 12.63
N LYS B 18 46.64 -6.11 12.72
CA LYS B 18 47.06 -4.95 13.48
C LYS B 18 47.03 -3.72 12.56
N VAL B 19 46.68 -2.58 13.14
CA VAL B 19 46.95 -1.25 12.55
C VAL B 19 47.51 -0.30 13.59
N THR B 20 48.38 0.57 13.12
CA THR B 20 48.83 1.73 13.90
C THR B 20 48.58 2.97 13.05
N MET B 21 48.34 4.09 13.70
CA MET B 21 48.21 5.37 13.04
C MET B 21 48.84 6.46 13.89
N SER B 22 49.40 7.46 13.23
CA SER B 22 50.26 8.42 13.87
C SER B 22 49.64 9.80 13.93
N CYS B 23 49.90 10.50 15.03
CA CYS B 23 49.42 11.85 15.27
C CYS B 23 50.62 12.72 15.69
N LYS B 24 50.77 13.85 15.01
CA LYS B 24 51.83 14.84 15.31
C LYS B 24 51.26 16.19 15.74
N SER B 25 51.85 16.77 16.78
CA SER B 25 51.49 18.11 17.25
C SER B 25 52.63 19.10 17.02
N SER B 26 52.27 20.37 16.82
CA SER B 26 53.22 21.43 16.50
C SER B 26 54.06 21.94 17.70
N GLN B 27 53.49 21.85 18.89
CA GLN B 27 54.21 22.05 20.16
C GLN B 27 54.00 20.86 21.04
N SER B 28 54.86 20.77 22.07
CA SER B 28 54.73 19.73 23.09
C SER B 28 53.40 19.83 23.82
N LEU B 29 52.82 18.67 24.11
CA LEU B 29 51.55 18.57 24.82
C LEU B 29 51.73 18.03 26.23
N LEU B 30 52.97 17.89 26.66
CA LEU B 30 53.28 17.47 28.03
C LEU B 30 53.20 18.68 28.98
N ASN B 31 52.47 18.51 30.08
CA ASN B 31 52.54 19.47 31.17
C ASN B 31 53.52 18.99 32.22
N SER B 32 54.53 19.81 32.51
CA SER B 32 55.63 19.44 33.42
C SER B 32 55.14 19.05 34.80
N ARG B 33 54.31 19.91 35.39
CA ARG B 33 53.50 19.54 36.54
C ARG B 33 52.35 18.67 36.05
N THR B 34 51.89 17.75 36.88
CA THR B 34 50.86 16.75 36.46
C THR B 34 51.47 15.55 35.71
N ARG B 35 52.43 15.83 34.84
CA ARG B 35 53.14 14.81 34.04
C ARG B 35 52.34 14.21 32.88
N LYS B 36 51.21 14.83 32.53
CA LYS B 36 50.27 14.27 31.53
C LYS B 36 50.41 14.96 30.18
N ASN B 37 50.32 14.18 29.10
CA ASN B 37 50.15 14.72 27.75
C ASN B 37 48.66 14.89 27.54
N TYR B 38 48.24 16.10 27.14
CA TYR B 38 46.83 16.39 26.91
C TYR B 38 46.55 16.10 25.45
N LEU B 39 46.43 14.80 25.20
CA LEU B 39 46.20 14.23 23.88
C LEU B 39 45.17 13.17 24.00
N ALA B 40 44.12 13.27 23.19
CA ALA B 40 43.04 12.30 23.24
C ALA B 40 42.74 11.78 21.86
N TRP B 41 42.27 10.53 21.81
CA TRP B 41 41.79 9.90 20.58
C TRP B 41 40.28 9.65 20.60
N TYR B 42 39.68 9.91 19.46
CA TYR B 42 38.24 9.79 19.25
C TYR B 42 37.94 8.93 18.02
N GLN B 43 36.86 8.17 18.13
CA GLN B 43 36.35 7.31 17.07
C GLN B 43 35.02 7.85 16.60
N GLN B 44 34.88 8.02 15.29
CA GLN B 44 33.56 8.33 14.69
C GLN B 44 33.17 7.39 13.54
N LYS B 45 32.25 6.51 13.86
CA LYS B 45 31.62 5.63 12.91
C LYS B 45 30.68 6.42 11.99
N PRO B 46 30.31 5.84 10.81
CA PRO B 46 29.37 6.51 9.89
C PRO B 46 28.01 6.79 10.53
N GLY B 47 27.51 7.98 10.32
CA GLY B 47 26.22 8.43 10.88
C GLY B 47 26.14 8.63 12.39
N GLN B 48 27.26 8.48 13.10
CA GLN B 48 27.26 8.56 14.58
C GLN B 48 28.07 9.73 15.09
N SER B 49 27.82 10.07 16.33
CA SER B 49 28.61 11.10 16.99
C SER B 49 29.99 10.49 17.35
N PRO B 50 30.97 11.36 17.59
CA PRO B 50 32.24 10.86 18.07
C PRO B 50 32.18 10.25 19.48
N LYS B 51 33.07 9.31 19.73
CA LYS B 51 33.24 8.63 21.01
C LYS B 51 34.69 8.70 21.45
N LEU B 52 34.90 9.11 22.71
CA LEU B 52 36.22 9.16 23.35
C LEU B 52 36.78 7.75 23.51
N LEU B 53 38.00 7.56 23.03
CA LEU B 53 38.68 6.27 23.13
C LEU B 53 39.74 6.30 24.21
N ILE B 54 40.64 7.26 24.10
CA ILE B 54 41.81 7.38 24.96
C ILE B 54 42.06 8.84 25.31
N TYR B 55 42.35 9.10 26.58
CA TYR B 55 42.79 10.42 27.02
C TYR B 55 44.16 10.30 27.71
N TRP B 56 44.76 11.44 28.01
CA TRP B 56 46.14 11.50 28.55
C TRP B 56 47.16 10.70 27.72
N ALA B 57 46.96 10.72 26.40
CA ALA B 57 47.74 9.94 25.40
C ALA B 57 47.64 8.41 25.48
N SER B 58 47.57 7.86 26.69
CA SER B 58 47.62 6.39 26.92
C SER B 58 46.53 5.77 27.81
N THR B 59 45.65 6.59 28.39
CA THR B 59 44.61 6.07 29.29
C THR B 59 43.33 5.77 28.51
N ARG B 60 42.95 4.49 28.46
CA ARG B 60 41.66 4.11 27.88
C ARG B 60 40.52 4.69 28.69
N GLU B 61 39.52 5.20 27.97
CA GLU B 61 38.25 5.59 28.55
C GLU B 61 37.45 4.32 28.87
N SER B 62 36.52 4.44 29.82
CA SER B 62 35.56 3.37 30.09
C SER B 62 34.72 3.06 28.84
N GLY B 63 34.31 1.80 28.71
CA GLY B 63 33.54 1.32 27.55
C GLY B 63 34.29 0.98 26.28
N VAL B 64 35.62 1.13 26.31
CA VAL B 64 36.52 1.02 25.15
C VAL B 64 37.27 -0.32 25.17
N PRO B 65 37.09 -1.15 24.11
CA PRO B 65 37.82 -2.43 24.06
C PRO B 65 39.33 -2.29 24.22
N ASP B 66 39.96 -3.29 24.83
CA ASP B 66 41.41 -3.21 25.18
C ASP B 66 42.37 -3.40 23.98
N ARG B 67 41.80 -3.83 22.87
CA ARG B 67 42.48 -3.81 21.57
C ARG B 67 42.92 -2.43 21.07
N PHE B 68 42.29 -1.36 21.60
CA PHE B 68 42.68 0.05 21.35
C PHE B 68 43.71 0.60 22.37
N THR B 69 44.91 0.87 21.89
CA THR B 69 46.02 1.33 22.74
C THR B 69 46.54 2.67 22.18
N GLY B 70 46.80 3.60 23.08
CA GLY B 70 47.39 4.89 22.75
C GLY B 70 48.77 4.98 23.35
N SER B 71 49.68 5.64 22.64
CA SER B 71 51.07 5.79 23.06
C SER B 71 51.69 7.03 22.48
N GLY B 72 52.87 7.37 23.00
CA GLY B 72 53.66 8.52 22.56
C GLY B 72 53.72 9.63 23.61
N SER B 73 54.52 10.65 23.31
CA SER B 73 54.73 11.77 24.22
C SER B 73 55.25 13.04 23.54
N GLY B 74 55.00 14.15 24.22
CA GLY B 74 55.44 15.46 23.74
C GLY B 74 54.72 15.85 22.49
N THR B 75 55.33 15.56 21.34
CA THR B 75 54.80 15.92 20.01
C THR B 75 54.45 14.76 19.07
N ASP B 76 54.70 13.53 19.46
CA ASP B 76 54.47 12.39 18.56
C ASP B 76 53.65 11.35 19.32
N PHE B 77 52.54 10.95 18.69
CA PHE B 77 51.55 10.07 19.33
C PHE B 77 51.08 9.00 18.35
N THR B 78 50.76 7.84 18.90
CA THR B 78 50.34 6.69 18.10
C THR B 78 49.08 6.07 18.72
N LEU B 79 48.14 5.70 17.87
CA LEU B 79 47.04 4.79 18.24
C LEU B 79 47.28 3.45 17.57
N THR B 80 47.16 2.40 18.37
CA THR B 80 47.30 1.04 17.91
C THR B 80 45.94 0.34 18.10
N ILE B 81 45.51 -0.35 17.07
CA ILE B 81 44.40 -1.28 17.18
C ILE B 81 44.98 -2.66 16.94
N SER B 82 45.06 -3.44 18.00
CA SER B 82 45.49 -4.81 17.87
C SER B 82 44.23 -5.53 17.39
N SER B 83 44.40 -6.51 16.51
CA SER B 83 43.26 -7.33 16.04
C SER B 83 41.95 -6.57 15.70
N VAL B 84 42.01 -5.83 14.60
CA VAL B 84 40.92 -5.03 14.07
C VAL B 84 39.66 -5.91 13.90
N GLN B 85 38.51 -5.30 14.16
CA GLN B 85 37.19 -5.94 13.93
C GLN B 85 36.41 -5.23 12.83
N ALA B 86 35.44 -5.94 12.29
CA ALA B 86 34.50 -5.37 11.31
C ALA B 86 33.91 -4.05 11.84
N GLU B 87 33.48 -4.10 13.09
CA GLU B 87 32.86 -2.97 13.78
C GLU B 87 33.77 -1.74 13.97
N ASP B 88 35.09 -1.88 13.81
CA ASP B 88 36.05 -0.75 13.94
C ASP B 88 36.14 0.19 12.74
N LEU B 89 35.32 -0.05 11.74
CA LEU B 89 35.14 0.90 10.64
C LEU B 89 34.74 2.28 11.17
N ALA B 90 35.61 3.26 10.94
CA ALA B 90 35.45 4.60 11.48
C ALA B 90 36.52 5.52 10.96
N VAL B 91 36.34 6.81 11.23
CA VAL B 91 37.45 7.78 11.20
C VAL B 91 37.94 8.00 12.65
N TYR B 92 39.26 8.02 12.79
CA TYR B 92 39.92 8.18 14.06
C TYR B 92 40.59 9.53 14.08
N TYR B 93 40.23 10.33 15.09
CA TYR B 93 40.75 11.69 15.26
C TYR B 93 41.58 11.70 16.51
N CYS B 94 42.70 12.39 16.43
CA CYS B 94 43.45 12.79 17.60
C CYS B 94 43.09 14.24 17.86
N LYS B 95 43.33 14.64 19.09
CA LYS B 95 42.97 15.97 19.51
C LYS B 95 43.80 16.45 20.70
N GLN B 96 44.18 17.69 20.59
CA GLN B 96 45.00 18.37 21.57
C GLN B 96 44.09 19.12 22.52
N SER B 97 44.32 19.00 23.83
CA SER B 97 43.63 19.84 24.84
C SER B 97 44.61 20.48 25.84
N PHE B 98 45.83 20.71 25.41
CA PHE B 98 46.89 21.39 26.16
C PHE B 98 46.60 22.89 26.29
N TYR B 99 46.29 23.50 25.16
CA TYR B 99 45.85 24.89 25.10
C TYR B 99 44.73 24.98 24.08
N LEU B 100 43.53 25.31 24.56
CA LEU B 100 42.32 25.28 23.74
C LEU B 100 42.13 23.87 23.19
N ARG B 101 41.53 23.72 22.01
CA ARG B 101 41.39 22.38 21.41
C ARG B 101 41.72 22.43 19.93
N THR B 102 42.38 21.38 19.46
CA THR B 102 42.56 21.19 18.02
C THR B 102 42.47 19.72 17.67
N PHE B 103 41.65 19.43 16.67
CA PHE B 103 41.56 18.10 16.11
C PHE B 103 42.46 17.96 14.92
N GLY B 104 43.05 16.78 14.79
CA GLY B 104 43.70 16.37 13.55
C GLY B 104 42.67 16.16 12.45
N GLY B 105 43.14 16.08 11.22
CA GLY B 105 42.26 15.88 10.03
C GLY B 105 41.67 14.48 9.90
N GLY B 106 42.17 13.55 10.71
CA GLY B 106 41.58 12.23 10.86
C GLY B 106 42.31 11.16 10.07
N THR B 107 42.12 9.92 10.49
CA THR B 107 42.59 8.74 9.76
C THR B 107 41.38 7.84 9.55
N LYS B 108 41.01 7.62 8.31
CA LYS B 108 39.88 6.77 7.98
C LYS B 108 40.33 5.33 7.92
N LEU B 109 39.72 4.47 8.71
CA LEU B 109 39.99 3.03 8.66
C LEU B 109 38.95 2.28 7.84
N ASP B 110 39.37 1.82 6.67
CA ASP B 110 38.59 0.86 5.89
C ASP B 110 38.98 -0.58 6.23
N ILE B 111 38.10 -1.48 5.86
CA ILE B 111 38.24 -2.89 6.17
C ILE B 111 38.24 -3.67 4.88
N LYS B 112 39.26 -4.54 4.76
CA LYS B 112 39.42 -5.44 3.64
C LYS B 112 38.86 -6.79 4.01
N ARG B 113 38.30 -7.47 3.01
CA ARG B 113 37.64 -8.76 3.21
C ARG B 113 37.61 -9.49 1.88
N ALA B 114 37.17 -10.75 1.91
CA ALA B 114 37.06 -11.54 0.69
C ALA B 114 36.04 -10.91 -0.27
N ASP B 115 36.30 -11.06 -1.56
CA ASP B 115 35.47 -10.47 -2.61
C ASP B 115 34.07 -11.05 -2.64
N ALA B 116 33.09 -10.18 -2.82
CA ALA B 116 31.67 -10.60 -2.81
C ALA B 116 30.92 -9.93 -3.95
N ALA B 117 30.10 -10.72 -4.63
CA ALA B 117 29.35 -10.27 -5.79
C ALA B 117 28.08 -9.58 -5.30
N PRO B 118 27.58 -8.60 -6.08
CA PRO B 118 26.37 -7.91 -5.65
C PRO B 118 25.12 -8.72 -5.88
N THR B 119 24.16 -8.59 -4.97
CA THR B 119 22.79 -9.01 -5.19
C THR B 119 22.13 -7.85 -5.91
N VAL B 120 21.74 -8.09 -7.17
CA VAL B 120 21.10 -7.07 -7.99
C VAL B 120 19.59 -7.25 -8.02
N SER B 121 18.87 -6.14 -7.85
CA SER B 121 17.39 -6.15 -7.90
C SER B 121 16.93 -4.89 -8.66
N ILE B 122 16.06 -5.09 -9.65
CA ILE B 122 15.55 -4.01 -10.50
C ILE B 122 14.08 -3.80 -10.17
N PHE B 123 13.66 -2.52 -10.20
CA PHE B 123 12.30 -2.14 -9.77
C PHE B 123 11.68 -1.23 -10.83
N PRO B 124 10.47 -1.56 -11.29
CA PRO B 124 9.80 -0.65 -12.23
C PRO B 124 9.11 0.52 -11.50
N PRO B 125 8.80 1.60 -12.25
CA PRO B 125 8.09 2.73 -11.64
C PRO B 125 6.81 2.34 -10.93
N SER B 126 6.57 2.97 -9.80
CA SER B 126 5.32 2.80 -9.08
C SER B 126 4.20 3.50 -9.82
N SER B 127 3.00 2.94 -9.71
CA SER B 127 1.79 3.52 -10.30
C SER B 127 1.57 4.97 -9.86
N GLU B 128 1.78 5.24 -8.57
CA GLU B 128 1.66 6.60 -7.99
C GLU B 128 2.56 7.63 -8.67
N GLN B 129 3.80 7.22 -8.97
CA GLN B 129 4.76 8.09 -9.67
C GLN B 129 4.32 8.33 -11.11
N LEU B 130 3.90 7.24 -11.75
CA LEU B 130 3.34 7.31 -13.13
C LEU B 130 2.10 8.21 -13.21
N THR B 131 1.27 8.17 -12.18
CA THR B 131 0.11 9.07 -12.04
C THR B 131 0.53 10.54 -12.20
N SER B 132 1.64 10.90 -11.55
CA SER B 132 2.14 12.30 -11.54
C SER B 132 2.89 12.75 -12.79
N GLY B 133 3.14 11.82 -13.72
CA GLY B 133 3.78 12.13 -15.00
C GLY B 133 5.28 11.89 -15.07
N GLY B 134 5.83 11.27 -14.01
CA GLY B 134 7.25 10.88 -13.94
C GLY B 134 7.41 9.36 -13.89
N ALA B 135 8.61 8.90 -14.23
CA ALA B 135 8.91 7.46 -14.27
C ALA B 135 10.35 7.16 -13.87
N SER B 136 10.52 6.55 -12.71
CA SER B 136 11.84 6.16 -12.21
C SER B 136 11.97 4.64 -12.17
N VAL B 137 13.02 4.15 -12.81
CA VAL B 137 13.42 2.76 -12.75
C VAL B 137 14.67 2.65 -11.87
N VAL B 138 14.58 1.79 -10.86
CA VAL B 138 15.55 1.73 -9.76
C VAL B 138 16.26 0.38 -9.73
N CYS B 139 17.57 0.44 -9.50
CA CYS B 139 18.43 -0.74 -9.40
C CYS B 139 19.27 -0.74 -8.10
N PHE B 140 19.04 -1.73 -7.26
CA PHE B 140 19.81 -1.92 -6.02
C PHE B 140 20.88 -2.97 -6.23
N LEU B 141 22.13 -2.58 -5.94
CA LEU B 141 23.31 -3.44 -6.03
C LEU B 141 23.85 -3.62 -4.63
N ASN B 142 23.46 -4.71 -3.97
CA ASN B 142 23.65 -4.86 -2.53
C ASN B 142 24.77 -5.83 -2.14
N ASN B 143 25.48 -5.49 -1.07
CA ASN B 143 26.40 -6.39 -0.36
C ASN B 143 27.51 -6.95 -1.26
N PHE B 144 28.31 -6.01 -1.79
CA PHE B 144 29.45 -6.34 -2.62
C PHE B 144 30.76 -5.82 -2.05
N TYR B 145 31.84 -6.41 -2.54
CA TYR B 145 33.19 -5.99 -2.20
C TYR B 145 34.12 -6.41 -3.35
N PRO B 146 35.06 -5.56 -3.80
CA PRO B 146 35.33 -4.20 -3.29
C PRO B 146 34.43 -3.11 -3.85
N LYS B 147 34.63 -1.89 -3.36
CA LYS B 147 33.79 -0.72 -3.69
C LYS B 147 33.68 -0.40 -5.20
N ASP B 148 34.73 -0.73 -5.95
CA ASP B 148 34.76 -0.49 -7.40
C ASP B 148 33.62 -1.26 -8.07
N ILE B 149 32.66 -0.52 -8.59
CA ILE B 149 31.57 -1.11 -9.37
C ILE B 149 31.13 -0.13 -10.43
N ASN B 150 30.75 -0.67 -11.57
CA ASN B 150 30.17 0.11 -12.66
C ASN B 150 28.77 -0.36 -12.93
N VAL B 151 27.90 0.57 -13.33
CA VAL B 151 26.50 0.26 -13.63
C VAL B 151 26.13 0.92 -14.94
N ARG B 152 25.45 0.15 -15.77
CA ARG B 152 25.06 0.57 -17.13
C ARG B 152 23.58 0.31 -17.20
N TRP B 153 22.88 1.26 -17.80
CA TRP B 153 21.46 1.07 -18.09
C TRP B 153 21.34 0.74 -19.57
N LYS B 154 20.30 -0.03 -19.90
CA LYS B 154 19.94 -0.27 -21.28
C LYS B 154 18.45 -0.14 -21.46
N ILE B 155 18.08 0.59 -22.51
CA ILE B 155 16.69 0.74 -22.92
C ILE B 155 16.60 0.14 -24.32
N ASP B 156 15.87 -0.99 -24.42
CA ASP B 156 15.75 -1.78 -25.67
C ASP B 156 17.12 -2.04 -26.28
N GLY B 157 18.01 -2.59 -25.46
CA GLY B 157 19.39 -2.94 -25.87
C GLY B 157 20.39 -1.80 -26.02
N SER B 158 19.90 -0.56 -25.96
CA SER B 158 20.71 0.64 -26.20
C SER B 158 21.05 1.32 -24.87
N GLU B 159 22.33 1.65 -24.70
CA GLU B 159 22.81 2.30 -23.47
C GLU B 159 22.29 3.73 -23.34
N ARG B 160 21.88 4.08 -22.11
CA ARG B 160 21.26 5.36 -21.79
C ARG B 160 21.99 6.01 -20.62
N GLN B 161 22.35 7.29 -20.78
CA GLN B 161 23.18 8.02 -19.81
C GLN B 161 22.36 9.02 -19.00
N ASN B 162 21.48 9.73 -19.68
CA ASN B 162 20.72 10.85 -19.08
C ASN B 162 19.62 10.37 -18.15
N GLY B 163 19.47 11.13 -17.05
CA GLY B 163 18.48 10.84 -16.02
C GLY B 163 18.92 9.84 -14.97
N VAL B 164 20.20 9.46 -14.96
CA VAL B 164 20.71 8.42 -14.06
C VAL B 164 21.33 9.07 -12.83
N LEU B 165 20.91 8.60 -11.66
CA LEU B 165 21.46 9.03 -10.38
C LEU B 165 21.95 7.85 -9.57
N ASN B 166 23.19 7.95 -9.11
CA ASN B 166 23.89 6.88 -8.40
C ASN B 166 24.30 7.28 -7.00
N SER B 167 24.09 6.38 -6.05
CA SER B 167 24.43 6.63 -4.66
C SER B 167 25.04 5.38 -4.02
N TRP B 168 26.16 5.57 -3.33
CA TRP B 168 26.87 4.50 -2.62
C TRP B 168 26.65 4.65 -1.12
N THR B 169 26.51 3.52 -0.43
CA THR B 169 26.60 3.45 1.05
C THR B 169 28.04 3.49 1.55
N ASP B 170 28.17 3.79 2.84
CA ASP B 170 29.42 3.58 3.58
C ASP B 170 29.52 2.10 3.90
N GLN B 171 30.76 1.61 4.04
CA GLN B 171 31.01 0.20 4.33
C GLN B 171 30.21 -0.31 5.54
N ASP B 172 29.64 -1.49 5.42
CA ASP B 172 28.79 -2.06 6.47
C ASP B 172 29.60 -2.54 7.68
N SER B 173 29.13 -2.23 8.88
CA SER B 173 29.90 -2.48 10.11
C SER B 173 29.91 -3.97 10.54
N LYS B 174 29.03 -4.77 9.96
CA LYS B 174 28.90 -6.20 10.25
C LYS B 174 29.67 -7.07 9.27
N ASP B 175 29.35 -6.98 7.96
CA ASP B 175 29.96 -7.83 6.92
C ASP B 175 31.01 -7.15 6.05
N SER B 176 31.28 -5.87 6.31
CA SER B 176 32.29 -5.09 5.59
C SER B 176 32.05 -4.93 4.09
N THR B 177 30.79 -5.04 3.65
CA THR B 177 30.43 -4.87 2.25
C THR B 177 29.95 -3.45 1.97
N TYR B 178 29.83 -3.16 0.68
CA TYR B 178 29.28 -1.90 0.18
C TYR B 178 27.99 -2.16 -0.59
N SER B 179 27.14 -1.15 -0.63
CA SER B 179 25.88 -1.19 -1.42
C SER B 179 25.70 0.07 -2.25
N MET B 180 25.01 -0.11 -3.36
CA MET B 180 24.86 0.95 -4.35
C MET B 180 23.42 0.99 -4.83
N SER B 181 22.97 2.20 -5.12
CA SER B 181 21.64 2.46 -5.65
C SER B 181 21.83 3.25 -6.92
N SER B 182 21.16 2.80 -7.98
CA SER B 182 21.18 3.50 -9.26
C SER B 182 19.74 3.67 -9.73
N THR B 183 19.40 4.92 -10.05
CA THR B 183 18.04 5.31 -10.42
C THR B 183 18.01 5.99 -11.78
N LEU B 184 17.29 5.38 -12.71
CA LEU B 184 17.06 5.95 -14.02
C LEU B 184 15.72 6.66 -13.93
N THR B 185 15.73 8.00 -14.10
CA THR B 185 14.52 8.82 -14.08
C THR B 185 14.24 9.36 -15.48
N LEU B 186 13.05 9.00 -15.98
CA LEU B 186 12.53 9.47 -17.29
C LEU B 186 11.15 10.08 -17.11
N THR B 187 10.67 10.74 -18.15
CA THR B 187 9.25 11.18 -18.19
C THR B 187 8.36 9.96 -18.40
N LYS B 188 7.09 10.08 -18.07
CA LYS B 188 6.13 8.98 -18.25
C LYS B 188 6.02 8.56 -19.73
N ASP B 189 5.73 9.55 -20.59
CA ASP B 189 5.57 9.34 -22.06
C ASP B 189 6.86 8.75 -22.67
N GLU B 190 8.02 9.13 -22.14
CA GLU B 190 9.33 8.55 -22.53
C GLU B 190 9.46 7.08 -22.10
N TYR B 191 9.00 6.80 -20.88
CA TYR B 191 8.99 5.42 -20.33
C TYR B 191 8.06 4.46 -21.10
N GLU B 192 6.92 4.99 -21.53
CA GLU B 192 5.90 4.19 -22.25
C GLU B 192 6.16 3.99 -23.75
N ARG B 193 7.11 4.74 -24.31
CA ARG B 193 7.57 4.52 -25.70
C ARG B 193 8.40 3.25 -25.85
N HIS B 194 9.05 2.83 -24.77
CA HIS B 194 9.94 1.66 -24.77
C HIS B 194 9.38 0.57 -23.85
N ASN B 195 10.01 -0.60 -23.91
CA ASN B 195 9.51 -1.82 -23.19
C ASN B 195 10.54 -2.58 -22.36
N SER B 196 11.75 -2.73 -22.89
CA SER B 196 12.84 -3.46 -22.22
C SER B 196 13.73 -2.53 -21.39
N TYR B 197 13.76 -2.76 -20.08
CA TYR B 197 14.58 -1.99 -19.16
C TYR B 197 15.54 -2.92 -18.44
N THR B 198 16.83 -2.69 -18.67
CA THR B 198 17.92 -3.46 -18.05
C THR B 198 18.87 -2.57 -17.23
N CYS B 199 19.28 -3.06 -16.05
CA CYS B 199 20.45 -2.52 -15.33
C CYS B 199 21.52 -3.62 -15.25
N GLU B 200 22.73 -3.25 -15.63
CA GLU B 200 23.85 -4.18 -15.70
C GLU B 200 24.99 -3.74 -14.82
N ALA B 201 25.36 -4.62 -13.89
CA ALA B 201 26.44 -4.36 -12.98
C ALA B 201 27.67 -5.02 -13.59
N THR B 202 28.79 -4.28 -13.58
CA THR B 202 30.11 -4.84 -13.85
C THR B 202 30.89 -4.68 -12.57
N HIS B 203 31.36 -5.81 -12.05
CA HIS B 203 32.08 -5.84 -10.79
C HIS B 203 33.25 -6.82 -10.93
N LYS B 204 34.39 -6.46 -10.34
CA LYS B 204 35.65 -7.13 -10.50
C LYS B 204 35.74 -8.58 -9.89
N THR B 205 34.63 -9.18 -9.41
CA THR B 205 34.49 -10.64 -9.23
C THR B 205 34.81 -11.34 -10.53
N SER B 206 34.12 -10.86 -11.55
CA SER B 206 34.10 -11.37 -12.89
C SER B 206 34.36 -10.23 -13.86
N THR B 207 34.30 -10.59 -15.14
CA THR B 207 34.06 -9.66 -16.23
C THR B 207 32.60 -9.69 -16.61
N SER B 208 32.06 -10.91 -16.73
CA SER B 208 30.66 -11.10 -17.20
C SER B 208 29.68 -10.28 -16.32
N PRO B 209 29.00 -9.23 -16.89
CA PRO B 209 28.11 -8.39 -16.08
C PRO B 209 26.94 -9.14 -15.47
N ILE B 210 26.54 -8.67 -14.29
CA ILE B 210 25.35 -9.18 -13.66
C ILE B 210 24.21 -8.33 -14.16
N VAL B 211 23.22 -9.00 -14.72
CA VAL B 211 22.21 -8.38 -15.60
C VAL B 211 20.85 -8.61 -14.99
N LYS B 212 20.05 -7.55 -14.90
CA LYS B 212 18.67 -7.66 -14.43
C LYS B 212 17.74 -6.80 -15.25
N SER B 213 16.63 -7.41 -15.67
CA SER B 213 15.69 -6.79 -16.61
C SER B 213 14.25 -7.02 -16.20
N PHE B 214 13.38 -6.21 -16.79
CA PHE B 214 11.94 -6.47 -16.78
C PHE B 214 11.33 -6.01 -18.10
N ASN B 215 10.09 -6.45 -18.33
CA ASN B 215 9.23 -5.93 -19.42
C ASN B 215 8.14 -5.10 -18.78
N ARG B 216 7.75 -4.07 -19.51
CA ARG B 216 6.58 -3.26 -19.13
C ARG B 216 5.21 -3.99 -19.19
N ASN B 217 5.09 -5.00 -20.04
CA ASN B 217 3.91 -5.91 -20.12
C ASN B 217 2.52 -5.27 -19.96
N VAL C 2 -8.38 -0.16 47.39
CA VAL C 2 -8.88 -1.52 47.36
C VAL C 2 -8.88 -1.95 45.90
N GLN C 3 -8.36 -3.15 45.66
CA GLN C 3 -8.25 -3.68 44.32
C GLN C 3 -8.30 -5.21 44.35
N LEU C 4 -9.11 -5.75 43.44
CA LEU C 4 -9.26 -7.20 43.28
C LEU C 4 -8.79 -7.53 41.89
N GLN C 5 -7.76 -8.35 41.84
CA GLN C 5 -7.05 -8.65 40.60
C GLN C 5 -7.39 -10.11 40.23
N GLN C 6 -8.11 -10.25 39.14
CA GLN C 6 -8.55 -11.56 38.66
C GLN C 6 -7.72 -11.98 37.46
N SER C 7 -7.62 -13.28 37.21
CA SER C 7 -6.83 -13.79 36.08
C SER C 7 -7.38 -13.40 34.72
N GLY C 8 -6.55 -13.56 33.70
CA GLY C 8 -6.98 -13.32 32.33
C GLY C 8 -7.97 -14.38 31.87
N PRO C 9 -8.58 -14.17 30.70
CA PRO C 9 -9.51 -15.10 30.06
C PRO C 9 -9.06 -16.55 30.01
N GLU C 10 -10.03 -17.44 30.08
CA GLU C 10 -9.78 -18.86 30.18
C GLU C 10 -10.63 -19.62 29.18
N LEU C 11 -10.02 -20.64 28.61
CA LEU C 11 -10.72 -21.61 27.81
C LEU C 11 -10.54 -22.89 28.56
N VAL C 12 -11.64 -23.62 28.72
CA VAL C 12 -11.61 -24.88 29.46
C VAL C 12 -12.49 -25.95 28.80
N LYS C 13 -11.95 -27.16 28.67
CA LYS C 13 -12.61 -28.23 27.91
C LYS C 13 -13.74 -28.84 28.72
N PRO C 14 -14.87 -29.17 28.06
CA PRO C 14 -15.98 -29.82 28.72
C PRO C 14 -15.58 -31.02 29.60
N GLY C 15 -16.13 -31.05 30.80
CA GLY C 15 -15.87 -32.12 31.77
C GLY C 15 -14.54 -32.06 32.53
N THR C 16 -13.84 -30.94 32.44
CA THR C 16 -12.58 -30.75 33.18
C THR C 16 -12.82 -29.74 34.28
N SER C 17 -11.73 -29.22 34.86
CA SER C 17 -11.79 -28.21 35.91
C SER C 17 -11.00 -26.96 35.60
N VAL C 18 -11.46 -25.88 36.20
CA VAL C 18 -10.78 -24.60 36.13
C VAL C 18 -10.66 -24.08 37.56
N LYS C 19 -9.57 -23.38 37.81
CA LYS C 19 -9.35 -22.71 39.06
C LYS C 19 -8.89 -21.29 38.78
N MET C 20 -9.61 -20.30 39.29
CA MET C 20 -9.33 -18.88 38.97
C MET C 20 -9.06 -18.05 40.23
N PRO C 21 -7.93 -17.32 40.27
CA PRO C 21 -7.53 -16.55 41.43
C PRO C 21 -8.07 -15.15 41.47
N CYS C 22 -8.26 -14.64 42.68
CA CYS C 22 -8.70 -13.29 42.94
C CYS C 22 -7.67 -12.75 43.94
N LYS C 23 -6.75 -11.95 43.44
CA LYS C 23 -5.68 -11.36 44.25
C LYS C 23 -6.13 -10.03 44.82
N ALA C 24 -6.23 -9.97 46.13
CA ALA C 24 -6.63 -8.78 46.87
C ALA C 24 -5.41 -7.91 47.21
N SER C 25 -5.60 -6.60 47.16
CA SER C 25 -4.65 -5.63 47.74
C SER C 25 -5.35 -4.33 48.20
N GLY C 26 -4.63 -3.57 49.04
CA GLY C 26 -5.10 -2.27 49.55
C GLY C 26 -5.95 -2.29 50.81
N TYR C 27 -6.07 -3.46 51.45
CA TYR C 27 -6.82 -3.61 52.67
C TYR C 27 -6.46 -4.91 53.39
N ILE C 28 -6.96 -5.04 54.60
CA ILE C 28 -6.71 -6.23 55.41
C ILE C 28 -7.58 -7.37 54.84
N PHE C 29 -6.96 -8.23 54.04
CA PHE C 29 -7.61 -9.43 53.44
C PHE C 29 -8.40 -10.35 54.38
N THR C 30 -7.95 -10.45 55.62
CA THR C 30 -8.62 -11.29 56.63
C THR C 30 -9.84 -10.63 57.28
N ASP C 31 -10.06 -9.33 57.03
CA ASP C 31 -11.17 -8.57 57.66
C ASP C 31 -12.46 -8.45 56.82
N TYR C 32 -12.47 -9.03 55.61
CA TYR C 32 -13.63 -8.93 54.71
C TYR C 32 -13.90 -10.28 54.06
N VAL C 33 -15.16 -10.55 53.70
CA VAL C 33 -15.44 -11.80 52.96
C VAL C 33 -15.27 -11.52 51.47
N ILE C 34 -14.93 -12.58 50.75
CA ILE C 34 -14.83 -12.53 49.31
C ILE C 34 -16.05 -13.27 48.80
N SER C 35 -16.84 -12.58 47.99
CA SER C 35 -17.99 -13.15 47.29
C SER C 35 -17.61 -13.40 45.84
N TRP C 36 -18.29 -14.36 45.24
CA TRP C 36 -18.19 -14.66 43.80
C TRP C 36 -19.57 -14.59 43.10
N VAL C 37 -19.57 -13.98 41.92
CA VAL C 37 -20.81 -13.72 41.16
C VAL C 37 -20.70 -14.09 39.68
N LYS C 38 -21.69 -14.85 39.20
CA LYS C 38 -21.76 -15.33 37.81
C LYS C 38 -22.61 -14.35 36.96
N GLN C 39 -22.18 -14.18 35.72
CA GLN C 39 -22.94 -13.44 34.72
C GLN C 39 -22.77 -14.09 33.35
N ARG C 40 -23.81 -14.78 32.89
CA ARG C 40 -23.81 -15.35 31.52
C ARG C 40 -24.03 -14.20 30.53
N THR C 41 -23.44 -14.34 29.35
CA THR C 41 -23.53 -13.30 28.30
C THR C 41 -24.98 -12.87 28.12
N GLY C 42 -25.21 -11.56 28.27
CA GLY C 42 -26.54 -10.99 28.10
C GLY C 42 -27.55 -11.29 29.19
N GLN C 43 -27.10 -11.88 30.30
CA GLN C 43 -27.96 -12.23 31.45
C GLN C 43 -27.70 -11.35 32.67
N GLY C 44 -28.48 -11.56 33.70
CA GLY C 44 -28.31 -10.89 35.00
C GLY C 44 -27.21 -11.50 35.84
N LEU C 45 -27.01 -10.94 37.01
CA LEU C 45 -26.06 -11.43 38.00
C LEU C 45 -26.66 -12.54 38.88
N GLU C 46 -25.81 -13.49 39.23
CA GLU C 46 -26.19 -14.66 40.04
C GLU C 46 -25.11 -15.02 41.07
N TRP C 47 -25.49 -14.99 42.34
CA TRP C 47 -24.54 -15.22 43.44
C TRP C 47 -24.17 -16.68 43.52
N ILE C 48 -22.87 -16.96 43.56
CA ILE C 48 -22.37 -18.32 43.65
C ILE C 48 -22.16 -18.73 45.11
N GLY C 49 -21.43 -17.92 45.83
CA GLY C 49 -21.02 -18.24 47.19
C GLY C 49 -20.03 -17.23 47.73
N GLU C 50 -19.66 -17.41 48.98
CA GLU C 50 -18.70 -16.53 49.66
C GLU C 50 -17.75 -17.28 50.55
N ILE C 51 -16.54 -16.74 50.71
CA ILE C 51 -15.54 -17.28 51.63
C ILE C 51 -15.07 -16.19 52.62
N PHE C 52 -14.96 -16.59 53.90
CA PHE C 52 -14.33 -15.77 54.96
C PHE C 52 -12.85 -16.14 55.00
N PRO C 53 -11.95 -15.32 54.42
CA PRO C 53 -10.52 -15.69 54.43
C PRO C 53 -9.87 -15.86 55.79
N ARG C 54 -10.39 -15.19 56.81
CA ARG C 54 -9.85 -15.34 58.16
C ARG C 54 -9.88 -16.83 58.55
N SER C 55 -11.04 -17.46 58.41
CA SER C 55 -11.26 -18.84 58.86
C SER C 55 -11.29 -19.90 57.74
N GLY C 56 -11.54 -19.49 56.50
CA GLY C 56 -11.84 -20.43 55.41
C GLY C 56 -13.27 -20.96 55.33
N SER C 57 -14.16 -20.43 56.18
CA SER C 57 -15.57 -20.79 56.16
C SER C 57 -16.25 -20.32 54.85
N THR C 58 -17.08 -21.18 54.29
CA THR C 58 -17.77 -20.89 53.02
C THR C 58 -19.27 -21.07 53.09
N TYR C 59 -19.99 -20.25 52.32
CA TYR C 59 -21.41 -20.43 52.10
C TYR C 59 -21.63 -20.44 50.59
N TYR C 60 -22.70 -21.12 50.17
CA TYR C 60 -23.00 -21.32 48.75
C TYR C 60 -24.47 -21.15 48.43
N ASN C 61 -24.73 -20.57 47.28
CA ASN C 61 -26.01 -20.71 46.62
C ASN C 61 -26.17 -22.21 46.31
N GLU C 62 -27.31 -22.75 46.68
CA GLU C 62 -27.58 -24.22 46.65
C GLU C 62 -27.33 -24.87 45.28
N LYS C 63 -27.58 -24.13 44.20
CA LYS C 63 -27.28 -24.63 42.85
C LYS C 63 -25.82 -24.96 42.61
N PHE C 64 -24.92 -24.19 43.22
CA PHE C 64 -23.46 -24.33 42.98
C PHE C 64 -22.76 -25.25 44.00
N LYS C 65 -23.55 -25.86 44.88
CA LYS C 65 -22.98 -26.83 45.81
C LYS C 65 -22.45 -28.01 44.99
N GLY C 66 -21.16 -28.27 45.12
CA GLY C 66 -20.52 -29.38 44.39
C GLY C 66 -19.92 -28.95 43.07
N LYS C 67 -20.52 -27.93 42.43
CA LYS C 67 -19.99 -27.37 41.20
C LYS C 67 -18.81 -26.43 41.52
N ALA C 68 -19.05 -25.49 42.40
CA ALA C 68 -18.05 -24.49 42.77
C ALA C 68 -17.40 -24.82 44.11
N THR C 69 -16.09 -24.62 44.21
CA THR C 69 -15.34 -24.79 45.47
C THR C 69 -14.46 -23.57 45.72
N LEU C 70 -14.70 -22.89 46.83
CA LEU C 70 -14.02 -21.64 47.20
C LEU C 70 -12.91 -21.84 48.21
N THR C 71 -11.70 -21.40 47.87
CA THR C 71 -10.55 -21.47 48.78
C THR C 71 -9.85 -20.13 48.91
N ALA C 72 -9.10 -19.97 50.00
CA ALA C 72 -8.34 -18.75 50.23
C ALA C 72 -6.96 -19.11 50.73
N ASP C 73 -5.99 -18.38 50.22
CA ASP C 73 -4.60 -18.46 50.68
C ASP C 73 -4.22 -17.15 51.33
N LYS C 74 -4.20 -17.14 52.67
CA LYS C 74 -3.89 -15.93 53.47
C LYS C 74 -2.48 -15.35 53.26
N SER C 75 -1.52 -16.21 52.97
CA SER C 75 -0.12 -15.77 52.74
C SER C 75 0.11 -15.02 51.43
N SER C 76 -0.80 -15.17 50.46
CA SER C 76 -0.72 -14.44 49.18
C SER C 76 -1.87 -13.43 48.95
N ASN C 77 -2.76 -13.27 49.93
CA ASN C 77 -3.99 -12.44 49.81
C ASN C 77 -4.81 -12.80 48.56
N THR C 78 -4.97 -14.08 48.33
CA THR C 78 -5.58 -14.58 47.09
C THR C 78 -6.70 -15.56 47.42
N ALA C 79 -7.86 -15.28 46.86
CA ALA C 79 -9.01 -16.18 46.92
C ALA C 79 -9.09 -16.94 45.60
N TYR C 80 -9.51 -18.19 45.67
CA TYR C 80 -9.63 -19.03 44.50
C TYR C 80 -11.04 -19.61 44.42
N MET C 81 -11.55 -19.66 43.20
CA MET C 81 -12.76 -20.43 42.89
C MET C 81 -12.42 -21.49 41.86
N GLN C 82 -12.78 -22.70 42.19
CA GLN C 82 -12.71 -23.83 41.29
C GLN C 82 -14.13 -24.18 40.84
N LEU C 83 -14.23 -24.59 39.57
CA LEU C 83 -15.46 -25.14 39.00
C LEU C 83 -15.16 -26.52 38.43
N SER C 84 -15.91 -27.52 38.82
CA SER C 84 -15.60 -28.90 38.41
C SER C 84 -16.64 -29.50 37.46
N SER C 85 -16.20 -30.47 36.65
CA SER C 85 -17.03 -31.16 35.64
C SER C 85 -17.82 -30.13 34.82
N VAL C 86 -17.08 -29.18 34.23
CA VAL C 86 -17.72 -28.01 33.62
C VAL C 86 -18.43 -28.33 32.30
N THR C 87 -19.55 -27.63 32.11
CA THR C 87 -20.35 -27.74 30.89
C THR C 87 -20.50 -26.36 30.25
N SER C 88 -21.05 -26.35 29.05
CA SER C 88 -21.25 -25.09 28.31
C SER C 88 -22.08 -24.10 29.14
N GLU C 89 -22.91 -24.62 30.03
CA GLU C 89 -23.70 -23.83 30.98
C GLU C 89 -22.89 -23.03 31.99
N ASP C 90 -21.63 -23.43 32.19
CA ASP C 90 -20.70 -22.70 33.04
C ASP C 90 -19.94 -21.60 32.35
N SER C 91 -20.14 -21.46 31.04
CA SER C 91 -19.57 -20.36 30.27
C SER C 91 -20.17 -19.04 30.63
N ALA C 92 -19.37 -18.19 31.22
CA ALA C 92 -19.83 -16.96 31.87
C ALA C 92 -18.66 -16.09 32.25
N VAL C 93 -18.97 -14.82 32.56
CA VAL C 93 -18.01 -13.99 33.28
C VAL C 93 -18.24 -14.25 34.76
N TYR C 94 -17.16 -14.45 35.48
CA TYR C 94 -17.17 -14.67 36.93
C TYR C 94 -16.47 -13.52 37.65
N PHE C 95 -17.20 -12.86 38.52
CA PHE C 95 -16.67 -11.74 39.32
C PHE C 95 -16.30 -12.22 40.71
N CYS C 96 -15.20 -11.70 41.25
CA CYS C 96 -14.96 -11.77 42.69
C CYS C 96 -15.22 -10.38 43.27
N ALA C 97 -15.56 -10.33 44.54
CA ALA C 97 -15.96 -9.07 45.13
C ALA C 97 -15.69 -9.05 46.63
N ARG C 98 -15.29 -7.88 47.10
CA ARG C 98 -15.12 -7.65 48.51
C ARG C 98 -16.48 -7.33 49.11
N ASP C 99 -16.81 -8.11 50.13
CA ASP C 99 -18.14 -8.11 50.73
C ASP C 99 -17.91 -7.65 52.16
N TYR C 100 -18.45 -6.47 52.49
CA TYR C 100 -18.24 -5.83 53.79
C TYR C 100 -19.14 -6.45 54.85
N TYR C 101 -18.83 -7.71 55.17
CA TYR C 101 -19.54 -8.47 56.18
C TYR C 101 -19.37 -7.78 57.53
N GLY C 102 -20.44 -7.85 58.33
CA GLY C 102 -20.43 -7.29 59.70
C GLY C 102 -21.08 -5.92 59.88
N THR C 103 -21.05 -5.10 58.84
CA THR C 103 -21.77 -3.81 58.84
C THR C 103 -22.66 -3.60 57.60
N SER C 104 -22.08 -3.23 56.48
CA SER C 104 -22.88 -2.95 55.26
C SER C 104 -23.52 -4.20 54.67
N PHE C 105 -22.83 -5.35 54.78
CA PHE C 105 -23.16 -6.61 54.07
C PHE C 105 -23.38 -6.38 52.59
N ALA C 106 -22.57 -5.50 52.00
CA ALA C 106 -22.69 -5.14 50.59
C ALA C 106 -21.36 -5.33 49.87
N MET C 107 -21.44 -5.60 48.57
CA MET C 107 -20.25 -5.85 47.78
C MET C 107 -19.72 -4.50 47.27
N ASP C 108 -18.78 -3.94 48.02
CA ASP C 108 -18.30 -2.56 47.78
C ASP C 108 -17.17 -2.43 46.75
N TYR C 109 -16.44 -3.52 46.52
CA TYR C 109 -15.43 -3.58 45.44
C TYR C 109 -15.52 -4.87 44.67
N TRP C 110 -15.30 -4.76 43.37
CA TRP C 110 -15.45 -5.85 42.41
C TRP C 110 -14.21 -5.95 41.54
N GLY C 111 -13.76 -7.18 41.29
CA GLY C 111 -12.72 -7.43 40.29
C GLY C 111 -13.25 -7.07 38.89
N GLN C 112 -12.38 -7.14 37.89
CA GLN C 112 -12.75 -6.88 36.48
C GLN C 112 -13.45 -8.08 35.83
N GLY C 113 -13.56 -9.18 36.54
CA GLY C 113 -14.23 -10.38 36.04
C GLY C 113 -13.32 -11.24 35.16
N THR C 114 -13.55 -12.54 35.25
CA THR C 114 -12.81 -13.51 34.43
C THR C 114 -13.75 -14.27 33.48
N SER C 115 -13.47 -14.10 32.22
CA SER C 115 -14.27 -14.69 31.15
C SER C 115 -13.87 -16.13 30.97
N VAL C 116 -14.80 -17.03 31.23
CA VAL C 116 -14.60 -18.47 31.04
C VAL C 116 -15.46 -18.96 29.89
N THR C 117 -14.80 -19.54 28.89
CA THR C 117 -15.48 -20.22 27.80
C THR C 117 -15.25 -21.74 27.92
N VAL C 118 -16.35 -22.49 27.99
CA VAL C 118 -16.29 -23.97 28.05
C VAL C 118 -16.56 -24.60 26.69
N SER C 119 -15.49 -25.01 26.03
CA SER C 119 -15.57 -25.43 24.64
C SER C 119 -14.40 -26.36 24.33
N SER C 120 -14.64 -27.28 23.40
CA SER C 120 -13.57 -28.13 22.85
C SER C 120 -12.97 -27.47 21.60
N ALA C 121 -13.44 -26.30 21.24
CA ALA C 121 -12.82 -25.51 20.18
C ALA C 121 -11.49 -24.88 20.61
N LYS C 122 -10.64 -24.65 19.61
CA LYS C 122 -9.23 -24.37 19.83
C LYS C 122 -8.97 -22.89 19.80
N THR C 123 -7.99 -22.44 20.61
CA THR C 123 -7.65 -21.02 20.72
C THR C 123 -7.04 -20.66 19.39
N THR C 124 -7.49 -19.56 18.83
CA THR C 124 -7.03 -19.07 17.54
C THR C 124 -6.74 -17.61 17.74
N PRO C 125 -5.51 -17.14 17.45
CA PRO C 125 -5.27 -15.70 17.52
C PRO C 125 -6.00 -14.95 16.41
N PRO C 126 -6.25 -13.64 16.60
CA PRO C 126 -6.91 -12.87 15.56
C PRO C 126 -6.01 -12.46 14.41
N SER C 127 -6.61 -12.34 13.24
CA SER C 127 -6.03 -11.61 12.12
C SER C 127 -6.59 -10.20 12.19
N VAL C 128 -5.69 -9.23 12.25
CA VAL C 128 -6.03 -7.83 12.45
C VAL C 128 -5.73 -7.05 11.17
N TYR C 129 -6.76 -6.32 10.72
CA TYR C 129 -6.72 -5.63 9.44
C TYR C 129 -7.03 -4.16 9.64
N PRO C 130 -6.32 -3.26 8.92
CA PRO C 130 -6.69 -1.87 8.99
C PRO C 130 -7.84 -1.56 8.05
N LEU C 131 -8.66 -0.61 8.49
CA LEU C 131 -9.72 -0.03 7.67
C LEU C 131 -9.30 1.42 7.44
N ALA C 132 -8.78 1.64 6.23
CA ALA C 132 -8.48 2.97 5.72
C ALA C 132 -9.54 3.33 4.67
N PRO C 133 -10.01 4.60 4.68
CA PRO C 133 -11.04 5.00 3.70
C PRO C 133 -10.61 4.88 2.26
N GLY C 134 -11.59 4.82 1.36
CA GLY C 134 -11.31 4.84 -0.08
C GLY C 134 -10.70 6.16 -0.54
N SER C 135 -10.01 6.13 -1.67
CA SER C 135 -9.24 7.29 -2.20
C SER C 135 -10.17 8.42 -2.69
N ALA C 136 -10.62 9.25 -1.75
CA ALA C 136 -11.80 10.09 -1.95
C ALA C 136 -11.95 11.21 -0.91
N ALA C 137 -13.02 11.98 -1.06
CA ALA C 137 -13.50 12.89 -0.02
C ALA C 137 -15.00 12.67 0.29
N GLN C 138 -15.26 12.28 1.54
CA GLN C 138 -16.57 12.39 2.20
C GLN C 138 -16.49 13.65 3.09
N THR C 139 -16.10 14.77 2.46
CA THR C 139 -15.52 15.95 3.08
C THR C 139 -16.41 16.75 4.03
N ASN C 140 -16.39 16.33 5.28
CA ASN C 140 -16.65 17.21 6.43
C ASN C 140 -15.22 17.34 7.00
N SER C 141 -15.00 17.91 8.19
CA SER C 141 -13.62 17.97 8.69
C SER C 141 -13.17 16.57 9.10
N MET C 142 -14.09 15.76 9.62
CA MET C 142 -13.71 14.56 10.37
C MET C 142 -13.47 13.39 9.43
N VAL C 143 -12.68 12.45 9.93
CA VAL C 143 -12.38 11.20 9.21
C VAL C 143 -12.54 10.00 10.13
N THR C 144 -13.23 8.98 9.65
CA THR C 144 -13.41 7.74 10.43
C THR C 144 -12.45 6.70 9.92
N LEU C 145 -11.85 5.99 10.85
CA LEU C 145 -10.96 4.86 10.57
C LEU C 145 -11.41 3.64 11.38
N GLY C 146 -10.86 2.49 11.04
CA GLY C 146 -11.17 1.29 11.81
C GLY C 146 -10.14 0.20 11.80
N CYS C 147 -10.46 -0.85 12.55
CA CYS C 147 -9.69 -2.10 12.56
C CYS C 147 -10.61 -3.32 12.59
N LEU C 148 -10.42 -4.21 11.64
CA LEU C 148 -11.16 -5.48 11.57
C LEU C 148 -10.37 -6.56 12.31
N VAL C 149 -11.01 -7.13 13.33
CA VAL C 149 -10.38 -8.12 14.22
C VAL C 149 -11.08 -9.43 13.98
N LYS C 150 -10.45 -10.28 13.19
CA LYS C 150 -11.12 -11.40 12.54
C LYS C 150 -10.57 -12.74 13.03
N GLY C 151 -11.47 -13.72 13.14
CA GLY C 151 -11.12 -15.14 13.22
C GLY C 151 -10.39 -15.57 14.48
N TYR C 152 -10.84 -15.08 15.61
CA TYR C 152 -10.21 -15.44 16.88
C TYR C 152 -11.16 -16.24 17.73
N PHE C 153 -10.56 -17.00 18.65
CA PHE C 153 -11.33 -17.72 19.69
C PHE C 153 -10.39 -17.90 20.88
N PRO C 154 -10.90 -17.93 22.11
CA PRO C 154 -12.22 -17.46 22.48
C PRO C 154 -12.18 -15.96 22.74
N GLU C 155 -13.33 -15.41 23.07
CA GLU C 155 -13.47 -14.03 23.57
C GLU C 155 -12.73 -13.90 24.90
N PRO C 156 -12.26 -12.71 25.28
CA PRO C 156 -12.44 -11.47 24.56
C PRO C 156 -11.18 -11.03 23.86
N VAL C 157 -11.31 -10.00 23.02
CA VAL C 157 -10.18 -9.13 22.62
C VAL C 157 -10.40 -7.74 23.24
N THR C 158 -9.31 -7.11 23.64
CA THR C 158 -9.29 -5.70 24.04
C THR C 158 -8.74 -4.85 22.90
N VAL C 159 -9.45 -3.78 22.56
CA VAL C 159 -9.05 -2.86 21.48
C VAL C 159 -8.89 -1.45 22.04
N THR C 160 -7.70 -0.89 21.86
CA THR C 160 -7.39 0.51 22.19
C THR C 160 -6.78 1.20 20.96
N TRP C 161 -6.87 2.51 20.93
CA TRP C 161 -6.28 3.33 19.84
C TRP C 161 -5.26 4.32 20.38
N ASN C 162 -4.09 4.37 19.74
CA ASN C 162 -2.90 5.10 20.22
C ASN C 162 -2.57 4.81 21.68
N SER C 163 -2.54 3.52 21.99
CA SER C 163 -2.32 3.01 23.35
C SER C 163 -3.37 3.49 24.38
N GLY C 164 -4.54 3.87 23.87
CA GLY C 164 -5.60 4.49 24.69
C GLY C 164 -5.57 6.00 24.84
N SER C 165 -4.75 6.68 24.04
CA SER C 165 -4.68 8.15 24.08
C SER C 165 -5.85 8.77 23.31
N LEU C 166 -6.20 8.14 22.18
CA LEU C 166 -7.46 8.41 21.48
C LEU C 166 -8.59 7.67 22.16
N SER C 167 -9.32 8.37 23.01
CA SER C 167 -10.36 7.78 23.86
C SER C 167 -11.77 8.04 23.32
N SER C 168 -12.10 9.30 23.10
CA SER C 168 -13.40 9.67 22.55
C SER C 168 -13.41 9.41 21.05
N GLY C 169 -14.61 9.32 20.48
CA GLY C 169 -14.77 8.98 19.06
C GLY C 169 -14.56 7.49 18.71
N VAL C 170 -14.41 6.68 19.73
CA VAL C 170 -14.16 5.24 19.60
C VAL C 170 -15.48 4.48 19.82
N HIS C 171 -15.77 3.58 18.88
CA HIS C 171 -16.82 2.58 19.05
C HIS C 171 -16.24 1.23 18.74
N THR C 172 -16.16 0.39 19.76
CA THR C 172 -15.80 -1.02 19.58
C THR C 172 -17.06 -1.86 19.67
N PHE C 173 -17.32 -2.61 18.62
CA PHE C 173 -18.55 -3.39 18.43
C PHE C 173 -18.44 -4.76 19.06
N PRO C 174 -19.55 -5.33 19.56
CA PRO C 174 -19.45 -6.67 20.15
C PRO C 174 -19.15 -7.73 19.11
N ALA C 175 -18.46 -8.77 19.54
CA ALA C 175 -18.05 -9.84 18.65
C ALA C 175 -19.24 -10.70 18.26
N VAL C 176 -19.22 -11.22 17.05
CA VAL C 176 -20.23 -12.21 16.64
C VAL C 176 -19.50 -13.51 16.34
N LEU C 177 -20.08 -14.59 16.86
CA LEU C 177 -19.55 -15.94 16.67
C LEU C 177 -20.05 -16.57 15.38
N GLN C 178 -19.12 -17.08 14.60
CA GLN C 178 -19.47 -17.93 13.46
C GLN C 178 -18.44 -19.02 13.27
N SER C 179 -18.90 -20.27 13.15
CA SER C 179 -18.03 -21.39 12.78
C SER C 179 -16.82 -21.53 13.73
N ASP C 180 -17.11 -21.50 15.02
CA ASP C 180 -16.08 -21.56 16.09
C ASP C 180 -15.14 -20.34 16.19
N LEU C 181 -15.45 -19.27 15.46
CA LEU C 181 -14.57 -18.11 15.37
C LEU C 181 -15.31 -16.78 15.46
N TYR C 182 -14.71 -15.86 16.20
CA TYR C 182 -15.27 -14.54 16.46
C TYR C 182 -14.76 -13.54 15.45
N THR C 183 -15.58 -12.52 15.19
CA THR C 183 -15.14 -11.36 14.44
C THR C 183 -15.74 -10.14 15.11
N LEU C 184 -14.93 -9.10 15.27
CA LEU C 184 -15.40 -7.79 15.71
C LEU C 184 -14.69 -6.70 14.96
N SER C 185 -15.20 -5.50 15.11
CA SER C 185 -14.55 -4.32 14.56
C SER C 185 -14.51 -3.23 15.59
N SER C 186 -13.72 -2.21 15.29
CA SER C 186 -13.64 -0.99 16.08
C SER C 186 -13.43 0.22 15.17
N SER C 187 -14.19 1.27 15.41
CA SER C 187 -14.01 2.52 14.68
C SER C 187 -13.49 3.64 15.57
N VAL C 188 -12.62 4.47 15.00
CA VAL C 188 -12.19 5.72 15.64
C VAL C 188 -12.43 6.89 14.69
N THR C 189 -13.07 7.93 15.21
CA THR C 189 -13.30 9.17 14.46
C THR C 189 -12.46 10.29 15.05
N VAL C 190 -11.58 10.85 14.21
CA VAL C 190 -10.66 11.94 14.57
C VAL C 190 -10.73 13.03 13.49
N PRO C 191 -10.23 14.24 13.80
CA PRO C 191 -10.26 15.28 12.77
C PRO C 191 -9.34 14.98 11.57
N SER C 192 -9.69 15.52 10.40
CA SER C 192 -8.79 15.49 9.22
C SER C 192 -7.42 16.17 9.45
N SER C 193 -7.34 17.02 10.48
CA SER C 193 -6.06 17.65 10.90
C SER C 193 -5.03 16.72 11.49
N THR C 194 -5.50 15.71 12.23
CA THR C 194 -4.58 14.74 12.87
C THR C 194 -4.14 13.59 11.95
N TRP C 195 -5.06 13.03 11.16
CA TRP C 195 -4.74 11.90 10.22
C TRP C 195 -4.97 12.30 8.75
N PRO C 196 -4.08 11.97 7.81
CA PRO C 196 -2.89 11.12 7.99
C PRO C 196 -1.61 11.80 8.55
N SER C 197 -1.63 13.12 8.70
CA SER C 197 -0.44 13.88 9.10
C SER C 197 0.29 13.23 10.29
N GLU C 198 -0.50 12.77 11.26
CA GLU C 198 -0.01 12.01 12.43
C GLU C 198 -0.45 10.54 12.39
N THR C 199 0.17 9.76 13.26
CA THR C 199 0.00 8.32 13.34
C THR C 199 -1.26 7.94 14.15
N VAL C 200 -2.01 7.01 13.59
CA VAL C 200 -3.13 6.36 14.29
C VAL C 200 -2.88 4.86 14.17
N THR C 201 -2.90 4.22 15.33
CA THR C 201 -2.57 2.80 15.43
C THR C 201 -3.61 2.20 16.33
N CYS C 202 -4.16 1.05 15.93
CA CYS C 202 -5.08 0.31 16.81
C CYS C 202 -4.30 -0.81 17.48
N ASN C 203 -4.55 -0.99 18.75
CA ASN C 203 -3.86 -1.97 19.55
C ASN C 203 -4.87 -3.04 19.89
N VAL C 204 -4.62 -4.24 19.39
CA VAL C 204 -5.48 -5.40 19.65
C VAL C 204 -4.73 -6.30 20.60
N ALA C 205 -5.37 -6.62 21.72
CA ALA C 205 -4.88 -7.61 22.69
C ALA C 205 -5.84 -8.78 22.82
N HIS C 206 -5.30 -9.99 22.67
CA HIS C 206 -6.08 -11.24 22.79
C HIS C 206 -5.40 -12.09 23.86
N PRO C 207 -5.80 -11.93 25.15
CA PRO C 207 -5.15 -12.61 26.26
C PRO C 207 -5.08 -14.12 26.11
N ALA C 208 -6.15 -14.77 25.65
CA ALA C 208 -6.18 -16.26 25.59
C ALA C 208 -4.99 -16.87 24.85
N SER C 209 -4.54 -16.20 23.79
CA SER C 209 -3.38 -16.64 23.01
C SER C 209 -2.15 -15.75 23.22
N SER C 210 -2.14 -14.94 24.26
CA SER C 210 -1.04 -13.99 24.54
C SER C 210 -0.63 -13.06 23.39
N THR C 211 -1.58 -12.79 22.50
CA THR C 211 -1.32 -12.02 21.29
C THR C 211 -1.50 -10.54 21.55
N LYS C 212 -0.61 -9.76 20.98
CA LYS C 212 -0.67 -8.32 21.01
C LYS C 212 -0.25 -7.83 19.61
N VAL C 213 -1.14 -7.12 18.96
CA VAL C 213 -0.85 -6.57 17.64
C VAL C 213 -1.14 -5.09 17.56
N ASP C 214 -0.22 -4.40 16.91
CA ASP C 214 -0.36 -2.98 16.63
C ASP C 214 -0.49 -2.81 15.14
N LYS C 215 -1.65 -2.38 14.68
CA LYS C 215 -1.87 -2.13 13.25
C LYS C 215 -1.99 -0.63 12.99
N LYS C 216 -0.99 -0.09 12.32
CA LYS C 216 -1.02 1.31 11.91
C LYS C 216 -1.98 1.48 10.74
N ILE C 217 -2.82 2.50 10.82
CA ILE C 217 -3.73 2.85 9.71
C ILE C 217 -2.99 3.77 8.76
N VAL C 218 -2.79 3.33 7.52
CA VAL C 218 -2.16 4.13 6.46
C VAL C 218 -3.12 4.30 5.29
N PRO C 219 -3.04 5.45 4.58
CA PRO C 219 -4.02 5.72 3.52
C PRO C 219 -3.86 4.93 2.22
N ARG C 220 -4.85 5.12 1.36
CA ARG C 220 -4.98 4.48 0.04
C ARG C 220 -5.05 2.95 0.13
N ASP D 1 -33.10 -19.59 49.32
CA ASP D 1 -34.23 -19.34 50.26
C ASP D 1 -35.04 -18.11 49.81
N ILE D 2 -34.40 -16.94 49.87
CA ILE D 2 -35.07 -15.65 49.58
C ILE D 2 -35.03 -15.38 48.09
N VAL D 3 -36.18 -14.95 47.60
CA VAL D 3 -36.41 -14.71 46.17
C VAL D 3 -36.62 -13.22 46.03
N MET D 4 -36.05 -12.64 44.98
CA MET D 4 -36.12 -11.20 44.75
C MET D 4 -36.73 -10.94 43.38
N SER D 5 -37.54 -9.89 43.32
CA SER D 5 -38.32 -9.54 42.14
C SER D 5 -38.08 -8.10 41.81
N GLN D 6 -37.81 -7.81 40.55
CA GLN D 6 -37.66 -6.42 40.13
C GLN D 6 -38.61 -6.06 39.03
N SER D 7 -39.13 -4.83 39.08
CA SER D 7 -40.04 -4.34 38.06
C SER D 7 -39.92 -2.81 37.93
N PRO D 8 -40.16 -2.26 36.73
CA PRO D 8 -40.32 -3.03 35.50
C PRO D 8 -38.98 -3.62 35.06
N SER D 9 -39.03 -4.56 34.14
CA SER D 9 -37.82 -5.19 33.62
C SER D 9 -37.01 -4.18 32.81
N SER D 10 -37.73 -3.38 32.04
CA SER D 10 -37.12 -2.39 31.15
C SER D 10 -37.79 -1.04 31.36
N LEU D 11 -37.06 0.03 31.13
CA LEU D 11 -37.56 1.38 31.33
C LEU D 11 -36.77 2.36 30.47
N ALA D 12 -37.48 3.35 29.92
CA ALA D 12 -36.88 4.40 29.07
C ALA D 12 -37.40 5.80 29.41
N VAL D 13 -36.47 6.73 29.65
CA VAL D 13 -36.80 8.12 29.93
C VAL D 13 -35.83 9.07 29.25
N SER D 14 -36.24 10.32 29.12
CA SER D 14 -35.36 11.39 28.64
C SER D 14 -34.46 11.89 29.74
N ALA D 15 -33.33 12.46 29.33
CA ALA D 15 -32.39 13.14 30.22
C ALA D 15 -33.08 14.27 30.97
N GLY D 16 -32.91 14.30 32.29
CA GLY D 16 -33.57 15.27 33.17
C GLY D 16 -34.84 14.78 33.86
N GLU D 17 -35.42 13.69 33.36
CA GLU D 17 -36.66 13.14 33.93
C GLU D 17 -36.41 12.28 35.16
N LYS D 18 -37.47 12.04 35.92
CA LYS D 18 -37.44 11.17 37.09
C LYS D 18 -37.80 9.75 36.70
N VAL D 19 -37.07 8.79 37.27
CA VAL D 19 -37.47 7.40 37.19
C VAL D 19 -37.44 6.77 38.58
N THR D 20 -38.41 5.88 38.84
CA THR D 20 -38.42 5.01 40.03
C THR D 20 -38.52 3.59 39.55
N MET D 21 -37.90 2.67 40.27
CA MET D 21 -37.97 1.23 39.96
C MET D 21 -38.06 0.43 41.22
N SER D 22 -38.86 -0.62 41.20
CA SER D 22 -39.30 -1.29 42.41
C SER D 22 -38.59 -2.64 42.56
N CYS D 23 -38.36 -3.01 43.80
CA CYS D 23 -37.75 -4.27 44.16
C CYS D 23 -38.61 -4.89 45.27
N LYS D 24 -38.98 -6.15 45.07
CA LYS D 24 -39.76 -6.92 46.05
C LYS D 24 -39.02 -8.15 46.53
N SER D 25 -39.06 -8.40 47.84
CA SER D 25 -38.46 -9.58 48.46
C SER D 25 -39.55 -10.51 49.00
N SER D 26 -39.24 -11.80 49.04
CA SER D 26 -40.20 -12.83 49.47
C SER D 26 -40.42 -12.83 50.99
N GLN D 27 -39.35 -12.59 51.76
CA GLN D 27 -39.44 -12.38 53.21
C GLN D 27 -39.00 -10.99 53.55
N SER D 28 -39.25 -10.61 54.79
CA SER D 28 -38.75 -9.35 55.34
C SER D 28 -37.23 -9.36 55.40
N LEU D 29 -36.64 -8.19 55.13
CA LEU D 29 -35.19 -8.02 55.16
C LEU D 29 -34.75 -7.13 56.30
N LEU D 30 -35.69 -6.76 57.16
CA LEU D 30 -35.40 -5.95 58.35
C LEU D 30 -34.87 -6.84 59.47
N ASN D 31 -33.73 -6.47 60.05
CA ASN D 31 -33.24 -7.10 61.29
C ASN D 31 -33.71 -6.26 62.48
N SER D 32 -34.44 -6.89 63.39
CA SER D 32 -35.04 -6.21 64.53
C SER D 32 -34.01 -5.48 65.38
N ARG D 33 -32.98 -6.23 65.79
CA ARG D 33 -31.75 -5.63 66.34
C ARG D 33 -30.90 -5.08 65.19
N THR D 34 -30.24 -3.95 65.42
CA THR D 34 -29.54 -3.17 64.36
C THR D 34 -30.45 -2.24 63.53
N ARG D 35 -31.73 -2.63 63.36
CA ARG D 35 -32.75 -1.78 62.70
C ARG D 35 -32.48 -1.52 61.20
N LYS D 36 -31.69 -2.38 60.58
CA LYS D 36 -31.34 -2.22 59.15
C LYS D 36 -32.07 -3.21 58.28
N ASN D 37 -32.43 -2.74 57.08
CA ASN D 37 -32.83 -3.62 55.99
C ASN D 37 -31.60 -3.98 55.15
N TYR D 38 -31.32 -5.27 55.03
CA TYR D 38 -30.14 -5.73 54.29
C TYR D 38 -30.43 -5.87 52.81
N LEU D 39 -30.59 -4.68 52.23
CA LEU D 39 -30.98 -4.51 50.86
C LEU D 39 -30.01 -3.53 50.24
N ALA D 40 -29.47 -3.90 49.08
CA ALA D 40 -28.54 -3.05 48.38
C ALA D 40 -28.88 -2.94 46.92
N TRP D 41 -28.57 -1.78 46.35
CA TRP D 41 -28.71 -1.53 44.93
C TRP D 41 -27.38 -1.39 44.25
N TYR D 42 -27.28 -1.98 43.04
CA TYR D 42 -26.09 -2.01 42.22
C TYR D 42 -26.39 -1.52 40.81
N GLN D 43 -25.41 -0.84 40.23
CA GLN D 43 -25.45 -0.34 38.87
C GLN D 43 -24.39 -1.04 38.00
N GLN D 44 -24.85 -1.60 36.89
CA GLN D 44 -23.92 -2.12 35.90
C GLN D 44 -24.12 -1.49 34.53
N LYS D 45 -23.14 -0.68 34.19
CA LYS D 45 -23.01 -0.11 32.85
C LYS D 45 -22.49 -1.17 31.88
N PRO D 46 -22.65 -0.95 30.56
CA PRO D 46 -22.15 -1.86 29.54
C PRO D 46 -20.63 -2.04 29.59
N GLY D 47 -20.19 -3.27 29.47
CA GLY D 47 -18.75 -3.59 29.52
C GLY D 47 -18.03 -3.41 30.87
N GLN D 48 -18.78 -3.08 31.91
CA GLN D 48 -18.18 -2.80 33.23
C GLN D 48 -18.65 -3.77 34.27
N SER D 49 -17.89 -3.83 35.36
CA SER D 49 -18.27 -4.63 36.50
C SER D 49 -19.32 -3.83 37.28
N PRO D 50 -20.13 -4.52 38.11
CA PRO D 50 -21.09 -3.80 38.93
C PRO D 50 -20.47 -2.87 39.96
N LYS D 51 -21.22 -1.83 40.29
CA LYS D 51 -20.85 -0.81 41.27
C LYS D 51 -21.99 -0.71 42.29
N LEU D 52 -21.62 -0.71 43.57
CA LEU D 52 -22.53 -0.50 44.71
C LEU D 52 -23.02 0.93 44.72
N LEU D 53 -24.35 1.10 44.76
CA LEU D 53 -24.98 2.43 44.80
C LEU D 53 -25.45 2.76 46.21
N ILE D 54 -26.26 1.86 46.75
CA ILE D 54 -26.92 2.06 48.03
C ILE D 54 -26.82 0.76 48.81
N TYR D 55 -26.63 0.88 50.11
CA TYR D 55 -26.76 -0.25 51.04
C TYR D 55 -27.67 0.16 52.17
N TRP D 56 -28.05 -0.81 53.01
CA TRP D 56 -29.04 -0.60 54.07
C TRP D 56 -30.34 0.04 53.57
N ALA D 57 -30.77 -0.39 52.39
CA ALA D 57 -31.93 0.15 51.65
C ALA D 57 -31.84 1.63 51.24
N SER D 58 -31.33 2.48 52.14
CA SER D 58 -31.36 3.96 51.98
C SER D 58 -30.02 4.70 52.10
N THR D 59 -28.93 4.01 52.42
CA THR D 59 -27.62 4.68 52.59
C THR D 59 -26.80 4.66 51.30
N ARG D 60 -26.57 5.85 50.73
CA ARG D 60 -25.68 5.97 49.57
C ARG D 60 -24.27 5.53 49.94
N GLU D 61 -23.66 4.79 49.01
CA GLU D 61 -22.24 4.46 49.05
C GLU D 61 -21.43 5.68 48.56
N SER D 62 -20.18 5.78 49.03
CA SER D 62 -19.25 6.76 48.51
C SER D 62 -19.12 6.67 46.99
N GLY D 63 -18.82 7.81 46.37
CA GLY D 63 -18.69 7.87 44.92
C GLY D 63 -19.97 7.78 44.11
N VAL D 64 -21.12 7.96 44.75
CA VAL D 64 -22.45 7.84 44.13
C VAL D 64 -23.20 9.19 44.12
N PRO D 65 -23.58 9.71 42.96
CA PRO D 65 -24.33 10.97 42.90
C PRO D 65 -25.60 10.99 43.75
N ASP D 66 -25.95 12.17 44.26
CA ASP D 66 -27.07 12.28 45.22
C ASP D 66 -28.47 12.19 44.58
N ARG D 67 -28.50 12.29 43.25
CA ARG D 67 -29.70 11.97 42.45
C ARG D 67 -30.24 10.53 42.64
N PHE D 68 -29.35 9.60 43.00
CA PHE D 68 -29.73 8.24 43.34
C PHE D 68 -30.23 8.21 44.77
N THR D 69 -31.44 7.70 44.97
CA THR D 69 -32.01 7.54 46.30
C THR D 69 -32.67 6.19 46.41
N GLY D 70 -32.45 5.55 47.54
CA GLY D 70 -33.04 4.27 47.88
C GLY D 70 -34.03 4.44 49.03
N SER D 71 -35.10 3.67 48.98
CA SER D 71 -36.14 3.72 49.99
C SER D 71 -36.88 2.40 50.12
N GLY D 72 -37.75 2.35 51.11
CA GLY D 72 -38.59 1.18 51.39
C GLY D 72 -38.19 0.47 52.65
N SER D 73 -38.92 -0.59 52.97
CA SER D 73 -38.64 -1.40 54.15
C SER D 73 -39.26 -2.78 54.07
N GLY D 74 -38.77 -3.67 54.92
CA GLY D 74 -39.31 -5.02 55.06
C GLY D 74 -39.20 -5.82 53.78
N THR D 75 -40.25 -5.77 52.96
CA THR D 75 -40.33 -6.51 51.69
C THR D 75 -40.45 -5.69 50.40
N ASP D 76 -40.60 -4.37 50.53
CA ASP D 76 -40.83 -3.52 49.34
C ASP D 76 -39.88 -2.34 49.31
N PHE D 77 -39.11 -2.27 48.22
CA PHE D 77 -38.01 -1.32 48.11
C PHE D 77 -38.06 -0.60 46.77
N THR D 78 -37.59 0.64 46.79
CA THR D 78 -37.61 1.49 45.63
C THR D 78 -36.24 2.16 45.45
N LEU D 79 -35.81 2.22 44.20
CA LEU D 79 -34.71 3.11 43.80
C LEU D 79 -35.28 4.23 42.97
N THR D 80 -34.90 5.46 43.33
CA THR D 80 -35.33 6.66 42.62
C THR D 80 -34.13 7.39 42.05
N ILE D 81 -34.18 7.64 40.75
CA ILE D 81 -33.19 8.50 40.13
C ILE D 81 -33.92 9.78 39.84
N SER D 82 -33.55 10.83 40.56
CA SER D 82 -34.12 12.16 40.31
C SER D 82 -33.26 12.81 39.24
N SER D 83 -33.86 13.29 38.15
CA SER D 83 -33.13 13.86 37.04
C SER D 83 -32.04 12.89 36.53
N VAL D 84 -32.47 12.01 35.64
CA VAL D 84 -31.66 11.04 34.93
C VAL D 84 -30.68 11.73 34.00
N GLN D 85 -29.46 11.20 33.93
CA GLN D 85 -28.41 11.72 33.00
C GLN D 85 -28.09 10.68 31.96
N ALA D 86 -27.52 11.14 30.85
CA ALA D 86 -27.02 10.26 29.78
C ALA D 86 -26.19 9.10 30.38
N GLU D 87 -25.26 9.49 31.24
CA GLU D 87 -24.32 8.59 31.96
C GLU D 87 -24.99 7.47 32.78
N ASP D 88 -26.26 7.64 33.15
CA ASP D 88 -27.01 6.66 33.96
C ASP D 88 -27.51 5.40 33.23
N LEU D 89 -27.24 5.30 31.94
CA LEU D 89 -27.48 4.09 31.18
C LEU D 89 -26.84 2.93 31.94
N ALA D 90 -27.63 1.90 32.22
CA ALA D 90 -27.16 0.73 32.97
C ALA D 90 -28.31 -0.21 33.22
N VAL D 91 -27.97 -1.40 33.71
CA VAL D 91 -28.93 -2.27 34.42
C VAL D 91 -28.76 -1.99 35.91
N TYR D 92 -29.89 -1.95 36.61
CA TYR D 92 -29.91 -1.72 38.04
C TYR D 92 -30.43 -2.99 38.68
N TYR D 93 -29.64 -3.51 39.63
CA TYR D 93 -29.97 -4.74 40.37
C TYR D 93 -30.13 -4.43 41.81
N CYS D 94 -31.19 -4.95 42.41
CA CYS D 94 -31.35 -4.95 43.83
C CYS D 94 -30.83 -6.28 44.29
N LYS D 95 -30.49 -6.36 45.58
CA LYS D 95 -29.91 -7.55 46.12
C LYS D 95 -30.05 -7.61 47.62
N GLN D 96 -30.38 -8.80 48.09
CA GLN D 96 -30.62 -9.04 49.48
C GLN D 96 -29.39 -9.66 50.08
N SER D 97 -29.08 -9.24 51.30
CA SER D 97 -27.98 -9.85 52.08
C SER D 97 -28.37 -10.19 53.55
N PHE D 98 -29.68 -10.35 53.76
CA PHE D 98 -30.26 -10.73 55.04
C PHE D 98 -29.85 -12.16 55.39
N TYR D 99 -30.09 -13.06 54.45
CA TYR D 99 -29.68 -14.45 54.57
C TYR D 99 -29.09 -14.92 53.23
N LEU D 100 -27.77 -15.12 53.23
CA LEU D 100 -26.97 -15.38 52.02
C LEU D 100 -27.16 -14.17 51.11
N ARG D 101 -27.12 -14.37 49.79
CA ARG D 101 -27.31 -13.27 48.85
C ARG D 101 -28.26 -13.70 47.73
N THR D 102 -29.09 -12.77 47.29
CA THR D 102 -29.89 -12.96 46.10
C THR D 102 -29.98 -11.66 45.37
N PHE D 103 -29.75 -11.72 44.06
CA PHE D 103 -29.98 -10.58 43.19
C PHE D 103 -31.35 -10.71 42.57
N GLY D 104 -31.98 -9.57 42.36
CA GLY D 104 -33.12 -9.48 41.46
C GLY D 104 -32.64 -9.68 40.03
N GLY D 105 -33.60 -9.85 39.12
CA GLY D 105 -33.33 -10.05 37.66
C GLY D 105 -32.94 -8.79 36.91
N GLY D 106 -33.09 -7.64 37.57
CA GLY D 106 -32.58 -6.38 37.06
C GLY D 106 -33.64 -5.51 36.43
N THR D 107 -33.33 -4.21 36.36
CA THR D 107 -34.14 -3.23 35.62
C THR D 107 -33.20 -2.50 34.70
N LYS D 108 -33.39 -2.65 33.40
CA LYS D 108 -32.55 -2.00 32.40
C LYS D 108 -33.10 -0.59 32.19
N LEU D 109 -32.22 0.40 32.35
CA LEU D 109 -32.57 1.78 32.04
C LEU D 109 -32.00 2.15 30.66
N ASP D 110 -32.90 2.39 29.71
CA ASP D 110 -32.55 3.06 28.46
C ASP D 110 -32.84 4.54 28.52
N ILE D 111 -32.27 5.26 27.57
CA ILE D 111 -32.37 6.71 27.55
C ILE D 111 -32.91 7.16 26.21
N LYS D 112 -33.96 7.98 26.27
CA LYS D 112 -34.55 8.58 25.08
C LYS D 112 -33.93 9.93 24.85
N ARG D 113 -33.85 10.30 23.57
CA ARG D 113 -33.27 11.58 23.19
C ARG D 113 -33.83 11.97 21.83
N ALA D 114 -33.44 13.15 21.33
CA ALA D 114 -33.84 13.60 20.00
C ALA D 114 -33.21 12.70 18.94
N ASP D 115 -33.93 12.57 17.83
CA ASP D 115 -33.49 11.71 16.73
C ASP D 115 -32.19 12.21 16.13
N ALA D 116 -31.35 11.26 15.70
CA ALA D 116 -30.07 11.58 15.05
C ALA D 116 -29.76 10.61 13.91
N ALA D 117 -29.28 11.17 12.81
CA ALA D 117 -28.96 10.41 11.60
C ALA D 117 -27.55 9.84 11.69
N PRO D 118 -27.33 8.65 11.11
CA PRO D 118 -26.01 8.03 11.22
C PRO D 118 -24.95 8.71 10.37
N THR D 119 -23.74 8.75 10.88
CA THR D 119 -22.56 9.03 10.08
C THR D 119 -22.15 7.69 9.49
N VAL D 120 -22.25 7.59 8.16
CA VAL D 120 -21.88 6.37 7.46
C VAL D 120 -20.47 6.48 6.88
N SER D 121 -19.73 5.39 7.00
CA SER D 121 -18.39 5.27 6.42
C SER D 121 -18.14 3.86 5.90
N ILE D 122 -17.69 3.77 4.65
CA ILE D 122 -17.46 2.48 3.99
C ILE D 122 -15.95 2.28 3.83
N PHE D 123 -15.54 1.03 3.95
CA PHE D 123 -14.11 0.67 3.95
C PHE D 123 -13.84 -0.52 3.05
N PRO D 124 -12.90 -0.38 2.09
CA PRO D 124 -12.58 -1.54 1.25
C PRO D 124 -11.71 -2.55 1.98
N PRO D 125 -11.54 -3.76 1.42
CA PRO D 125 -10.62 -4.74 2.00
C PRO D 125 -9.20 -4.20 2.11
N SER D 126 -8.53 -4.61 3.19
CA SER D 126 -7.12 -4.36 3.35
C SER D 126 -6.32 -5.28 2.43
N SER D 127 -5.14 -4.79 2.02
CA SER D 127 -4.20 -5.59 1.21
C SER D 127 -3.74 -6.89 1.90
N GLU D 128 -3.53 -6.81 3.22
CA GLU D 128 -3.18 -8.00 4.03
C GLU D 128 -4.24 -9.10 4.01
N GLN D 129 -5.51 -8.69 4.05
CA GLN D 129 -6.62 -9.65 3.98
C GLN D 129 -6.68 -10.26 2.60
N LEU D 130 -6.59 -9.40 1.58
CA LEU D 130 -6.56 -9.83 0.17
C LEU D 130 -5.39 -10.78 -0.13
N THR D 131 -4.25 -10.56 0.51
CA THR D 131 -3.09 -11.48 0.46
C THR D 131 -3.43 -12.93 0.92
N SER D 132 -4.28 -13.02 1.92
CA SER D 132 -4.70 -14.33 2.47
C SER D 132 -5.85 -15.03 1.75
N GLY D 133 -6.41 -14.36 0.73
CA GLY D 133 -7.46 -14.93 -0.15
C GLY D 133 -8.89 -14.62 0.23
N GLY D 134 -9.05 -13.75 1.25
CA GLY D 134 -10.37 -13.28 1.72
C GLY D 134 -10.54 -11.79 1.47
N ALA D 135 -11.79 -11.35 1.44
CA ALA D 135 -12.14 -9.95 1.15
C ALA D 135 -13.35 -9.52 1.97
N SER D 136 -13.12 -8.57 2.89
CA SER D 136 -14.19 -7.98 3.72
C SER D 136 -14.37 -6.50 3.47
N VAL D 137 -15.59 -6.14 3.09
CA VAL D 137 -16.00 -4.76 2.91
C VAL D 137 -16.84 -4.36 4.12
N VAL D 138 -16.44 -3.28 4.79
CA VAL D 138 -16.96 -2.88 6.10
C VAL D 138 -17.69 -1.54 6.02
N CYS D 139 -18.81 -1.48 6.73
CA CYS D 139 -19.61 -0.24 6.82
C CYS D 139 -19.85 0.06 8.29
N PHE D 140 -19.46 1.28 8.71
CA PHE D 140 -19.77 1.82 10.03
C PHE D 140 -20.89 2.87 10.00
N LEU D 141 -21.91 2.59 10.78
CA LEU D 141 -23.09 3.46 10.92
C LEU D 141 -23.09 4.01 12.34
N ASN D 142 -22.53 5.21 12.49
CA ASN D 142 -22.17 5.73 13.81
C ASN D 142 -23.10 6.85 14.32
N ASN D 143 -23.38 6.80 15.62
CA ASN D 143 -24.02 7.89 16.37
C ASN D 143 -25.42 8.27 15.85
N PHE D 144 -26.29 7.27 15.87
CA PHE D 144 -27.69 7.43 15.48
C PHE D 144 -28.69 7.13 16.60
N TYR D 145 -29.90 7.63 16.40
CA TYR D 145 -31.02 7.38 17.33
C TYR D 145 -32.36 7.58 16.59
N PRO D 146 -33.31 6.66 16.69
CA PRO D 146 -33.30 5.48 17.59
C PRO D 146 -32.60 4.26 17.03
N LYS D 147 -32.57 3.19 17.84
CA LYS D 147 -31.86 1.94 17.53
C LYS D 147 -32.31 1.22 16.25
N ASP D 148 -33.56 1.44 15.83
CA ASP D 148 -34.09 0.85 14.60
C ASP D 148 -33.34 1.35 13.38
N ILE D 149 -32.58 0.46 12.75
CA ILE D 149 -31.89 0.77 11.52
C ILE D 149 -31.80 -0.47 10.64
N ASN D 150 -31.88 -0.26 9.34
CA ASN D 150 -31.69 -1.29 8.35
C ASN D 150 -30.45 -0.99 7.51
N VAL D 151 -29.80 -2.04 7.04
CA VAL D 151 -28.64 -1.90 6.17
C VAL D 151 -28.77 -2.88 5.00
N ARG D 152 -28.42 -2.36 3.83
CA ARG D 152 -28.52 -3.12 2.57
C ARG D 152 -27.20 -2.96 1.89
N TRP D 153 -26.69 -4.07 1.37
CA TRP D 153 -25.49 -4.04 0.54
C TRP D 153 -25.91 -4.09 -0.90
N LYS D 154 -25.09 -3.48 -1.77
CA LYS D 154 -25.26 -3.62 -3.21
C LYS D 154 -23.92 -3.87 -3.86
N ILE D 155 -23.92 -4.86 -4.75
CA ILE D 155 -22.77 -5.18 -5.59
C ILE D 155 -23.16 -4.98 -7.06
N ASP D 156 -22.61 -3.92 -7.65
CA ASP D 156 -22.96 -3.48 -9.02
C ASP D 156 -24.48 -3.27 -9.19
N GLY D 157 -25.04 -2.52 -8.24
CA GLY D 157 -26.48 -2.22 -8.22
C GLY D 157 -27.43 -3.32 -7.78
N SER D 158 -26.89 -4.51 -7.52
CA SER D 158 -27.69 -5.68 -7.14
C SER D 158 -27.52 -5.94 -5.65
N GLU D 159 -28.63 -6.18 -4.96
CA GLU D 159 -28.60 -6.48 -3.52
C GLU D 159 -27.99 -7.85 -3.24
N ARG D 160 -27.18 -7.89 -2.19
CA ARG D 160 -26.44 -9.07 -1.73
C ARG D 160 -26.62 -9.30 -0.22
N GLN D 161 -27.02 -10.54 0.12
CA GLN D 161 -27.38 -10.94 1.50
C GLN D 161 -26.38 -11.89 2.16
N ASN D 162 -25.70 -12.70 1.36
CA ASN D 162 -24.76 -13.70 1.87
C ASN D 162 -23.44 -13.04 2.26
N GLY D 163 -22.84 -13.59 3.32
CA GLY D 163 -21.56 -13.13 3.82
C GLY D 163 -21.64 -11.83 4.62
N VAL D 164 -22.84 -11.41 5.03
CA VAL D 164 -23.04 -10.15 5.76
C VAL D 164 -23.21 -10.36 7.26
N LEU D 165 -22.35 -9.71 8.03
CA LEU D 165 -22.36 -9.80 9.49
C LEU D 165 -22.55 -8.44 10.13
N ASN D 166 -23.57 -8.36 10.98
CA ASN D 166 -23.99 -7.10 11.62
C ASN D 166 -23.79 -7.15 13.12
N SER D 167 -23.35 -6.01 13.66
CA SER D 167 -23.15 -5.86 15.10
C SER D 167 -23.54 -4.47 15.58
N TRP D 168 -24.35 -4.43 16.63
CA TRP D 168 -24.80 -3.19 17.25
C TRP D 168 -24.04 -2.95 18.54
N THR D 169 -23.66 -1.71 18.79
CA THR D 169 -23.17 -1.29 20.10
C THR D 169 -24.34 -1.08 21.03
N ASP D 170 -24.03 -1.13 22.33
CA ASP D 170 -24.91 -0.65 23.39
C ASP D 170 -25.02 0.87 23.23
N GLN D 171 -26.07 1.44 23.81
CA GLN D 171 -26.25 2.88 23.82
C GLN D 171 -25.00 3.59 24.42
N ASP D 172 -24.64 4.73 23.83
CA ASP D 172 -23.46 5.48 24.28
C ASP D 172 -23.77 6.21 25.60
N SER D 173 -22.81 6.27 26.50
CA SER D 173 -23.03 6.85 27.82
C SER D 173 -22.93 8.39 27.86
N LYS D 174 -22.40 8.99 26.78
CA LYS D 174 -22.30 10.47 26.63
C LYS D 174 -23.43 11.14 25.86
N ASP D 175 -23.68 10.65 24.64
CA ASP D 175 -24.68 11.25 23.76
C ASP D 175 -25.92 10.40 23.53
N SER D 176 -26.03 9.27 24.22
CA SER D 176 -27.23 8.38 24.13
C SER D 176 -27.57 7.86 22.73
N THR D 177 -26.56 7.79 21.86
CA THR D 177 -26.75 7.27 20.52
C THR D 177 -26.37 5.80 20.46
N TYR D 178 -26.69 5.19 19.33
CA TYR D 178 -26.30 3.84 19.01
C TYR D 178 -25.37 3.86 17.82
N SER D 179 -24.57 2.80 17.70
CA SER D 179 -23.72 2.58 16.52
C SER D 179 -23.84 1.15 16.03
N MET D 180 -23.55 0.99 14.75
CA MET D 180 -23.72 -0.29 14.07
C MET D 180 -22.60 -0.53 13.08
N SER D 181 -22.18 -1.78 13.02
CA SER D 181 -21.12 -2.22 12.15
C SER D 181 -21.68 -3.32 11.28
N SER D 182 -21.49 -3.18 9.97
CA SER D 182 -21.95 -4.17 9.00
C SER D 182 -20.78 -4.55 8.11
N THR D 183 -20.52 -5.85 8.01
CA THR D 183 -19.36 -6.39 7.30
C THR D 183 -19.80 -7.38 6.25
N LEU D 184 -19.47 -7.07 5.00
CA LEU D 184 -19.69 -7.97 3.86
C LEU D 184 -18.40 -8.74 3.57
N THR D 185 -18.42 -10.04 3.86
CA THR D 185 -17.24 -10.91 3.67
C THR D 185 -17.39 -11.87 2.47
N LEU D 186 -16.56 -11.63 1.47
CA LEU D 186 -16.52 -12.43 0.22
C LEU D 186 -15.15 -13.06 0.05
N THR D 187 -15.05 -13.98 -0.90
CA THR D 187 -13.73 -14.51 -1.30
C THR D 187 -13.01 -13.39 -2.07
N LYS D 188 -11.70 -13.53 -2.25
CA LYS D 188 -10.91 -12.57 -3.04
C LYS D 188 -11.32 -12.54 -4.51
N ASP D 189 -11.35 -13.71 -5.14
CA ASP D 189 -11.76 -13.83 -6.56
C ASP D 189 -13.17 -13.27 -6.78
N GLU D 190 -14.06 -13.55 -5.83
CA GLU D 190 -15.44 -13.04 -5.87
C GLU D 190 -15.44 -11.50 -5.82
N TYR D 191 -14.61 -10.94 -4.94
CA TYR D 191 -14.46 -9.47 -4.79
C TYR D 191 -13.90 -8.80 -6.06
N GLU D 192 -12.97 -9.48 -6.72
CA GLU D 192 -12.31 -8.94 -7.93
C GLU D 192 -13.10 -9.08 -9.23
N ARG D 193 -14.16 -9.90 -9.22
CA ARG D 193 -15.09 -10.01 -10.37
C ARG D 193 -15.96 -8.77 -10.54
N HIS D 194 -16.20 -8.06 -9.44
CA HIS D 194 -17.08 -6.90 -9.42
C HIS D 194 -16.27 -5.64 -9.13
N ASN D 195 -16.94 -4.48 -9.19
CA ASN D 195 -16.26 -3.18 -9.01
C ASN D 195 -16.96 -2.19 -8.06
N SER D 196 -18.28 -2.09 -8.17
CA SER D 196 -19.08 -1.16 -7.37
C SER D 196 -19.54 -1.83 -6.07
N TYR D 197 -19.16 -1.24 -4.94
CA TYR D 197 -19.58 -1.72 -3.62
C TYR D 197 -20.25 -0.60 -2.86
N THR D 198 -21.54 -0.79 -2.56
CA THR D 198 -22.36 0.16 -1.81
C THR D 198 -22.97 -0.42 -0.52
N CYS D 199 -22.90 0.36 0.57
CA CYS D 199 -23.72 0.08 1.78
C CYS D 199 -24.73 1.22 1.92
N GLU D 200 -25.98 0.83 2.15
CA GLU D 200 -27.11 1.75 2.24
C GLU D 200 -27.83 1.60 3.56
N ALA D 201 -27.92 2.70 4.30
CA ALA D 201 -28.58 2.77 5.60
C ALA D 201 -29.95 3.41 5.51
N THR D 202 -30.96 2.67 5.96
CA THR D 202 -32.32 3.18 6.08
C THR D 202 -32.59 3.39 7.56
N HIS D 203 -32.92 4.63 7.90
CA HIS D 203 -33.12 5.01 9.28
C HIS D 203 -34.24 6.02 9.43
N LYS D 204 -35.06 5.84 10.47
CA LYS D 204 -36.30 6.66 10.70
C LYS D 204 -36.19 8.13 10.33
N THR D 205 -35.04 8.71 10.63
CA THR D 205 -34.75 10.13 10.38
C THR D 205 -34.83 10.55 8.91
N SER D 206 -34.85 9.59 7.99
CA SER D 206 -35.14 9.92 6.60
C SER D 206 -35.93 8.83 5.94
N THR D 207 -36.64 9.24 4.91
CA THR D 207 -37.25 8.29 3.98
C THR D 207 -36.14 7.73 3.08
N SER D 208 -35.26 8.63 2.64
CA SER D 208 -34.17 8.31 1.74
C SER D 208 -33.14 7.50 2.51
N PRO D 209 -32.66 6.39 1.92
CA PRO D 209 -31.45 5.78 2.47
C PRO D 209 -30.23 6.69 2.38
N ILE D 210 -29.35 6.57 3.38
CA ILE D 210 -28.03 7.17 3.35
C ILE D 210 -27.17 6.14 2.65
N VAL D 211 -26.40 6.61 1.68
CA VAL D 211 -25.74 5.75 0.69
C VAL D 211 -24.26 6.07 0.66
N LYS D 212 -23.42 5.03 0.75
CA LYS D 212 -21.96 5.17 0.64
C LYS D 212 -21.33 4.08 -0.21
N SER D 213 -20.49 4.51 -1.15
CA SER D 213 -19.91 3.63 -2.15
C SER D 213 -18.42 3.85 -2.30
N PHE D 214 -17.80 2.90 -2.99
CA PHE D 214 -16.47 3.07 -3.56
C PHE D 214 -16.33 2.24 -4.83
N ASN D 215 -15.30 2.56 -5.62
CA ASN D 215 -14.91 1.76 -6.79
C ASN D 215 -13.53 1.13 -6.61
N ARG D 216 -13.44 -0.16 -6.90
CA ARG D 216 -12.18 -0.91 -6.80
C ARG D 216 -11.13 -0.24 -7.72
N ASN D 217 -11.61 0.29 -8.86
CA ASN D 217 -10.79 1.09 -9.80
C ASN D 217 -10.37 2.43 -9.19
N GLU D 218 -11.34 3.28 -8.82
CA GLU D 218 -11.01 4.52 -8.09
C GLU D 218 -10.40 4.12 -6.73
N VAL E 2 11.25 -33.34 -43.84
CA VAL E 2 11.96 -32.07 -43.73
C VAL E 2 12.68 -32.06 -42.39
N GLN E 3 13.93 -31.63 -42.44
CA GLN E 3 14.75 -31.58 -41.25
C GLN E 3 15.80 -30.49 -41.40
N LEU E 4 15.97 -29.74 -40.31
CA LEU E 4 16.96 -28.68 -40.23
C LEU E 4 17.87 -28.98 -39.08
N GLN E 5 19.14 -29.21 -39.39
CA GLN E 5 20.09 -29.79 -38.46
C GLN E 5 21.15 -28.71 -38.12
N GLN E 6 21.06 -28.17 -36.90
CA GLN E 6 21.89 -27.09 -36.39
C GLN E 6 23.07 -27.64 -35.57
N SER E 7 24.11 -26.82 -35.41
CA SER E 7 25.26 -27.16 -34.57
C SER E 7 24.94 -27.23 -33.06
N GLY E 8 25.90 -27.74 -32.30
CA GLY E 8 25.84 -27.89 -30.81
C GLY E 8 26.09 -26.56 -30.11
N PRO E 9 26.03 -26.55 -28.75
CA PRO E 9 26.30 -25.34 -27.99
C PRO E 9 27.66 -24.69 -28.21
N GLU E 10 27.64 -23.37 -28.13
CA GLU E 10 28.81 -22.55 -28.43
C GLU E 10 29.10 -21.48 -27.38
N LEU E 11 30.37 -21.41 -27.01
CA LEU E 11 30.90 -20.36 -26.13
C LEU E 11 31.82 -19.52 -26.97
N VAL E 12 31.53 -18.22 -27.01
CA VAL E 12 32.26 -17.29 -27.87
C VAL E 12 32.69 -16.06 -27.06
N LYS E 13 33.92 -15.60 -27.26
CA LYS E 13 34.49 -14.52 -26.46
C LYS E 13 33.95 -13.18 -26.95
N PRO E 14 33.71 -12.22 -26.03
CA PRO E 14 33.27 -10.88 -26.41
C PRO E 14 34.16 -10.31 -27.48
N GLY E 15 33.54 -9.63 -28.46
CA GLY E 15 34.24 -8.95 -29.56
C GLY E 15 34.79 -9.82 -30.67
N THR E 16 34.45 -11.11 -30.67
CA THR E 16 34.88 -12.03 -31.74
C THR E 16 33.68 -12.37 -32.63
N SER E 17 33.87 -13.38 -33.47
CA SER E 17 32.81 -13.88 -34.33
C SER E 17 32.49 -15.35 -34.09
N VAL E 18 31.24 -15.68 -34.43
CA VAL E 18 30.74 -17.05 -34.43
C VAL E 18 30.00 -17.29 -35.75
N LYS E 19 30.15 -18.48 -36.28
CA LYS E 19 29.45 -18.89 -37.49
C LYS E 19 28.81 -20.25 -37.28
N MET E 20 27.48 -20.31 -37.42
CA MET E 20 26.70 -21.50 -37.09
C MET E 20 25.96 -22.03 -38.35
N PRO E 21 26.05 -23.35 -38.62
CA PRO E 21 25.42 -23.95 -39.76
C PRO E 21 23.99 -24.40 -39.47
N CYS E 22 23.24 -24.52 -40.57
CA CYS E 22 21.89 -25.07 -40.56
C CYS E 22 21.82 -25.97 -41.79
N LYS E 23 21.98 -27.27 -41.55
CA LYS E 23 21.99 -28.29 -42.59
C LYS E 23 20.57 -28.76 -42.88
N ALA E 24 20.12 -28.48 -44.09
CA ALA E 24 18.78 -28.86 -44.57
C ALA E 24 18.81 -30.23 -45.24
N SER E 25 17.77 -31.02 -45.00
CA SER E 25 17.49 -32.26 -45.75
C SER E 25 15.98 -32.53 -45.89
N GLY E 26 15.64 -33.40 -46.84
CA GLY E 26 14.27 -33.86 -47.08
C GLY E 26 13.43 -33.03 -48.04
N TYR E 27 14.02 -32.03 -48.66
CA TYR E 27 13.30 -31.21 -49.61
C TYR E 27 14.27 -30.54 -50.54
N ILE E 28 13.75 -29.80 -51.51
CA ILE E 28 14.57 -29.06 -52.46
C ILE E 28 15.02 -27.77 -51.73
N PHE E 29 16.25 -27.76 -51.23
CA PHE E 29 16.88 -26.58 -50.56
C PHE E 29 16.71 -25.23 -51.29
N THR E 30 16.83 -25.28 -52.61
CA THR E 30 16.75 -24.05 -53.44
C THR E 30 15.33 -23.53 -53.67
N ASP E 31 14.33 -24.26 -53.20
CA ASP E 31 12.93 -23.86 -53.36
C ASP E 31 12.29 -23.11 -52.21
N TYR E 32 12.98 -22.99 -51.08
CA TYR E 32 12.43 -22.39 -49.86
C TYR E 32 13.43 -21.36 -49.33
N VAL E 33 12.96 -20.38 -48.56
CA VAL E 33 13.92 -19.47 -47.88
C VAL E 33 14.22 -20.04 -46.51
N ILE E 34 15.39 -19.69 -46.00
CA ILE E 34 15.79 -20.05 -44.65
C ILE E 34 15.74 -18.76 -43.84
N SER E 35 14.95 -18.81 -42.78
CA SER E 35 14.85 -17.72 -41.82
C SER E 35 15.60 -18.08 -40.56
N TRP E 36 16.10 -17.05 -39.88
CA TRP E 36 16.78 -17.18 -38.59
C TRP E 36 16.11 -16.35 -37.49
N VAL E 37 15.94 -16.95 -36.31
CA VAL E 37 15.18 -16.35 -35.19
C VAL E 37 15.99 -16.43 -33.89
N LYS E 38 15.99 -15.31 -33.17
CA LYS E 38 16.67 -15.19 -31.87
C LYS E 38 15.70 -15.30 -30.71
N GLN E 39 16.13 -16.00 -29.66
CA GLN E 39 15.37 -16.12 -28.41
C GLN E 39 16.32 -16.02 -27.22
N ARG E 40 16.31 -14.88 -26.53
CA ARG E 40 17.10 -14.71 -25.27
C ARG E 40 16.38 -15.46 -24.16
N THR E 41 17.15 -16.03 -23.23
CA THR E 41 16.60 -16.81 -22.10
C THR E 41 15.40 -16.13 -21.43
N GLY E 42 14.27 -16.82 -21.45
CA GLY E 42 13.00 -16.31 -20.87
C GLY E 42 12.25 -15.28 -21.71
N GLN E 43 12.79 -14.91 -22.86
CA GLN E 43 12.22 -13.85 -23.69
C GLN E 43 11.44 -14.42 -24.87
N GLY E 44 10.79 -13.54 -25.62
CA GLY E 44 10.09 -13.92 -26.84
C GLY E 44 11.00 -14.24 -28.01
N LEU E 45 10.37 -14.51 -29.13
CA LEU E 45 11.08 -14.69 -30.40
C LEU E 45 11.26 -13.38 -31.17
N GLU E 46 12.41 -13.26 -31.80
CA GLU E 46 12.79 -12.06 -32.54
C GLU E 46 13.40 -12.48 -33.87
N TRP E 47 12.86 -11.94 -34.98
CA TRP E 47 13.34 -12.27 -36.31
C TRP E 47 14.63 -11.54 -36.65
N ILE E 48 15.61 -12.29 -37.11
CA ILE E 48 16.92 -11.72 -37.47
C ILE E 48 16.97 -11.33 -38.95
N GLY E 49 16.59 -12.28 -39.79
CA GLY E 49 16.70 -12.13 -41.22
C GLY E 49 16.41 -13.41 -41.96
N GLU E 50 16.48 -13.35 -43.28
CA GLU E 50 16.25 -14.52 -44.15
C GLU E 50 17.21 -14.53 -45.32
N ILE E 51 17.46 -15.75 -45.83
CA ILE E 51 18.21 -15.93 -47.06
C ILE E 51 17.43 -16.80 -48.06
N PHE E 52 17.47 -16.43 -49.33
CA PHE E 52 16.97 -17.28 -50.42
C PHE E 52 18.15 -18.04 -50.97
N PRO E 53 18.28 -19.35 -50.65
CA PRO E 53 19.43 -20.12 -51.13
C PRO E 53 19.57 -20.20 -52.65
N ARG E 54 18.47 -20.12 -53.38
CA ARG E 54 18.53 -20.17 -54.85
C ARG E 54 19.41 -19.07 -55.44
N SER E 55 19.30 -17.86 -54.90
CA SER E 55 20.05 -16.70 -55.38
C SER E 55 21.08 -16.11 -54.41
N GLY E 56 21.01 -16.47 -53.13
CA GLY E 56 21.81 -15.81 -52.07
C GLY E 56 21.31 -14.46 -51.58
N SER E 57 20.16 -14.02 -52.08
CA SER E 57 19.56 -12.76 -51.65
C SER E 57 19.19 -12.85 -50.16
N THR E 58 19.40 -11.75 -49.45
CA THR E 58 19.09 -11.67 -48.01
C THR E 58 18.26 -10.45 -47.65
N TYR E 59 17.44 -10.62 -46.61
CA TYR E 59 16.74 -9.51 -45.96
C TYR E 59 17.02 -9.60 -44.46
N TYR E 60 16.95 -8.46 -43.80
CA TYR E 60 17.28 -8.36 -42.40
C TYR E 60 16.29 -7.49 -41.62
N ASN E 61 16.06 -7.88 -40.38
CA ASN E 61 15.55 -6.98 -39.37
C ASN E 61 16.64 -5.92 -39.13
N GLU E 62 16.21 -4.66 -39.19
CA GLU E 62 17.06 -3.47 -39.23
C GLU E 62 18.05 -3.38 -38.05
N LYS E 63 17.72 -3.96 -36.89
CA LYS E 63 18.68 -3.99 -35.75
C LYS E 63 19.87 -4.97 -35.95
N PHE E 64 19.72 -5.99 -36.82
CA PHE E 64 20.79 -6.98 -37.06
C PHE E 64 21.55 -6.74 -38.33
N LYS E 65 21.33 -5.59 -38.97
CA LYS E 65 22.14 -5.19 -40.13
C LYS E 65 23.55 -4.93 -39.62
N GLY E 66 24.51 -5.65 -40.18
CA GLY E 66 25.92 -5.48 -39.79
C GLY E 66 26.34 -6.11 -38.48
N LYS E 67 25.39 -6.74 -37.79
CA LYS E 67 25.66 -7.72 -36.75
C LYS E 67 25.68 -9.13 -37.35
N ALA E 68 24.54 -9.48 -37.97
CA ALA E 68 24.33 -10.82 -38.54
C ALA E 68 24.61 -10.84 -40.05
N THR E 69 25.27 -11.90 -40.50
CA THR E 69 25.52 -12.11 -41.95
C THR E 69 25.11 -13.52 -42.32
N LEU E 70 24.17 -13.61 -43.26
CA LEU E 70 23.57 -14.89 -43.69
C LEU E 70 24.13 -15.38 -45.02
N THR E 71 24.64 -16.60 -45.02
CA THR E 71 25.15 -17.23 -46.25
C THR E 71 24.47 -18.56 -46.50
N ALA E 72 24.64 -19.05 -47.73
CA ALA E 72 24.18 -20.37 -48.09
C ALA E 72 25.13 -21.03 -49.04
N ASP E 73 25.35 -22.32 -48.78
CA ASP E 73 26.13 -23.19 -49.64
C ASP E 73 25.22 -24.25 -50.28
N LYS E 74 24.88 -24.02 -51.55
CA LYS E 74 23.97 -24.90 -52.32
C LYS E 74 24.43 -26.35 -52.52
N SER E 75 25.74 -26.53 -52.60
CA SER E 75 26.32 -27.88 -52.77
C SER E 75 26.26 -28.77 -51.52
N SER E 76 26.11 -28.18 -50.35
CA SER E 76 25.95 -28.94 -49.09
C SER E 76 24.57 -28.82 -48.42
N ASN E 77 23.65 -28.10 -49.07
CA ASN E 77 22.32 -27.79 -48.47
C ASN E 77 22.37 -27.16 -47.08
N THR E 78 23.32 -26.26 -46.91
CA THR E 78 23.64 -25.70 -45.60
C THR E 78 23.60 -24.20 -45.65
N ALA E 79 22.83 -23.64 -44.73
CA ALA E 79 22.76 -22.21 -44.51
C ALA E 79 23.60 -21.86 -43.28
N TYR E 80 24.27 -20.71 -43.34
CA TYR E 80 25.12 -20.25 -42.25
C TYR E 80 24.65 -18.89 -41.78
N MET E 81 24.74 -18.67 -40.48
CA MET E 81 24.61 -17.34 -39.90
C MET E 81 25.86 -17.02 -39.06
N GLN E 82 26.46 -15.91 -39.42
CA GLN E 82 27.60 -15.37 -38.70
C GLN E 82 27.09 -14.19 -37.87
N LEU E 83 27.65 -14.03 -36.68
CA LEU E 83 27.43 -12.86 -35.82
C LEU E 83 28.79 -12.27 -35.55
N SER E 84 28.94 -10.96 -35.77
CA SER E 84 30.25 -10.30 -35.62
C SER E 84 30.31 -9.31 -34.45
N SER E 85 31.52 -9.14 -33.92
CA SER E 85 31.82 -8.25 -32.78
C SER E 85 30.79 -8.45 -31.64
N VAL E 86 30.66 -9.71 -31.23
CA VAL E 86 29.56 -10.13 -30.34
C VAL E 86 29.69 -9.64 -28.89
N THR E 87 28.55 -9.30 -28.31
CA THR E 87 28.47 -8.82 -26.93
C THR E 87 27.60 -9.79 -26.15
N SER E 88 27.50 -9.55 -24.84
CA SER E 88 26.68 -10.37 -23.95
C SER E 88 25.22 -10.36 -24.38
N GLU E 89 24.80 -9.27 -25.03
CA GLU E 89 23.46 -9.11 -25.58
C GLU E 89 23.14 -10.16 -26.65
N ASP E 90 24.17 -10.66 -27.34
CA ASP E 90 24.01 -11.67 -28.38
C ASP E 90 23.92 -13.11 -27.83
N SER E 91 23.98 -13.25 -26.51
CA SER E 91 23.75 -14.52 -25.83
C SER E 91 22.29 -14.90 -25.92
N ALA E 92 22.02 -16.02 -26.59
CA ALA E 92 20.67 -16.43 -26.94
C ALA E 92 20.68 -17.82 -27.57
N VAL E 93 19.47 -18.39 -27.69
CA VAL E 93 19.24 -19.54 -28.60
C VAL E 93 18.88 -18.94 -29.94
N TYR E 94 19.53 -19.47 -30.97
CA TYR E 94 19.29 -19.07 -32.36
C TYR E 94 18.69 -20.24 -33.17
N PHE E 95 17.52 -20.01 -33.72
CA PHE E 95 16.82 -20.98 -34.56
C PHE E 95 16.99 -20.69 -36.05
N CYS E 96 17.17 -21.74 -36.83
CA CYS E 96 16.98 -21.63 -38.27
C CYS E 96 15.61 -22.27 -38.62
N ALA E 97 15.04 -21.83 -39.72
CA ALA E 97 13.68 -22.27 -40.07
C ALA E 97 13.37 -22.18 -41.55
N ARG E 98 12.70 -23.22 -42.03
CA ARG E 98 12.27 -23.25 -43.40
C ARG E 98 11.04 -22.38 -43.51
N ASP E 99 11.10 -21.45 -44.45
CA ASP E 99 10.13 -20.41 -44.62
C ASP E 99 9.54 -20.63 -46.01
N TYR E 100 8.26 -20.95 -46.04
CA TYR E 100 7.56 -21.30 -47.30
C TYR E 100 7.19 -20.04 -48.07
N TYR E 101 8.21 -19.38 -48.58
CA TYR E 101 8.07 -18.17 -49.40
C TYR E 101 7.30 -18.49 -50.68
N GLY E 102 6.50 -17.54 -51.11
CA GLY E 102 5.72 -17.65 -52.33
C GLY E 102 4.25 -17.90 -52.09
N THR E 103 3.93 -18.79 -51.15
CA THR E 103 2.54 -19.12 -50.82
C THR E 103 2.24 -18.79 -49.35
N SER E 104 2.56 -19.70 -48.42
CA SER E 104 2.17 -19.49 -47.01
C SER E 104 2.91 -18.31 -46.35
N PHE E 105 4.15 -18.09 -46.76
CA PHE E 105 5.04 -17.14 -46.08
C PHE E 105 5.22 -17.41 -44.58
N ALA E 106 5.14 -18.70 -44.21
CA ALA E 106 5.17 -19.11 -42.82
C ALA E 106 6.36 -20.03 -42.59
N MET E 107 6.81 -20.07 -41.34
CA MET E 107 7.95 -20.91 -40.97
C MET E 107 7.41 -22.26 -40.55
N ASP E 108 7.38 -23.20 -41.50
CA ASP E 108 6.73 -24.51 -41.28
C ASP E 108 7.63 -25.61 -40.67
N TYR E 109 8.95 -25.43 -40.75
CA TYR E 109 9.89 -26.32 -40.05
C TYR E 109 11.01 -25.51 -39.42
N TRP E 110 11.42 -25.96 -38.22
CA TRP E 110 12.39 -25.30 -37.37
C TRP E 110 13.50 -26.29 -36.99
N GLY E 111 14.72 -25.79 -36.93
CA GLY E 111 15.83 -26.55 -36.32
C GLY E 111 15.64 -26.58 -34.82
N GLN E 112 16.45 -27.39 -34.13
CA GLN E 112 16.41 -27.54 -32.66
C GLN E 112 17.08 -26.38 -31.90
N GLY E 113 17.63 -25.42 -32.64
CA GLY E 113 18.22 -24.22 -32.07
C GLY E 113 19.64 -24.45 -31.58
N THR E 114 20.45 -23.40 -31.67
CA THR E 114 21.84 -23.42 -31.19
C THR E 114 21.99 -22.38 -30.08
N SER E 115 22.46 -22.88 -28.93
CA SER E 115 22.67 -22.06 -27.75
C SER E 115 24.03 -21.40 -27.89
N VAL E 116 24.04 -20.07 -27.85
CA VAL E 116 25.27 -19.26 -27.86
C VAL E 116 25.40 -18.46 -26.57
N THR E 117 26.50 -18.68 -25.85
CA THR E 117 26.88 -17.87 -24.68
C THR E 117 28.09 -17.00 -25.05
N VAL E 118 27.94 -15.68 -24.85
CA VAL E 118 29.03 -14.72 -25.07
C VAL E 118 29.63 -14.35 -23.73
N SER E 119 30.85 -14.83 -23.50
CA SER E 119 31.50 -14.69 -22.20
C SER E 119 33.00 -15.02 -22.28
N SER E 120 33.76 -14.29 -21.48
CA SER E 120 35.20 -14.53 -21.38
C SER E 120 35.46 -15.66 -20.37
N ALA E 121 34.41 -16.08 -19.65
CA ALA E 121 34.55 -17.18 -18.69
C ALA E 121 34.92 -18.44 -19.42
N LYS E 122 35.46 -19.39 -18.67
CA LYS E 122 36.06 -20.58 -19.26
C LYS E 122 35.11 -21.74 -19.14
N THR E 123 35.17 -22.66 -20.10
CA THR E 123 34.33 -23.83 -20.10
C THR E 123 34.78 -24.68 -18.93
N THR E 124 33.83 -25.08 -18.13
CA THR E 124 34.11 -25.89 -16.94
C THR E 124 33.19 -27.08 -17.00
N PRO E 125 33.74 -28.30 -17.08
CA PRO E 125 32.83 -29.45 -17.04
C PRO E 125 32.12 -29.58 -15.70
N PRO E 126 30.97 -30.27 -15.67
CA PRO E 126 30.27 -30.45 -14.40
C PRO E 126 30.90 -31.48 -13.48
N SER E 127 30.70 -31.25 -12.17
CA SER E 127 30.85 -32.30 -11.17
C SER E 127 29.45 -32.87 -10.94
N VAL E 128 29.33 -34.19 -11.12
CA VAL E 128 28.05 -34.88 -11.09
C VAL E 128 28.02 -35.78 -9.86
N TYR E 129 26.96 -35.61 -9.07
CA TYR E 129 26.83 -36.25 -7.76
C TYR E 129 25.51 -37.03 -7.67
N PRO E 130 25.55 -38.24 -7.11
CA PRO E 130 24.29 -38.95 -6.92
C PRO E 130 23.56 -38.49 -5.68
N LEU E 131 22.23 -38.46 -5.78
CA LEU E 131 21.34 -38.20 -4.66
C LEU E 131 20.61 -39.50 -4.33
N ALA E 132 21.14 -40.18 -3.33
CA ALA E 132 20.52 -41.38 -2.76
C ALA E 132 19.82 -40.95 -1.46
N PRO E 133 18.61 -41.50 -1.20
CA PRO E 133 17.88 -41.07 0.00
C PRO E 133 18.61 -41.30 1.31
N GLY E 134 18.16 -40.61 2.35
CA GLY E 134 18.57 -40.92 3.72
C GLY E 134 18.06 -42.30 4.10
N SER E 135 18.71 -42.92 5.08
CA SER E 135 18.43 -44.32 5.42
C SER E 135 17.07 -44.48 6.13
N ALA E 136 15.99 -44.40 5.36
CA ALA E 136 14.62 -44.60 5.87
C ALA E 136 13.72 -45.18 4.77
N GLN E 138 8.50 -42.83 4.70
CA GLN E 138 7.32 -41.95 4.77
C GLN E 138 6.05 -42.62 4.22
N THR E 139 5.88 -43.89 4.58
CA THR E 139 4.79 -44.73 4.06
C THR E 139 4.60 -44.73 2.54
N ASN E 140 5.71 -44.89 1.79
CA ASN E 140 5.69 -44.82 0.32
C ASN E 140 6.16 -46.09 -0.39
N SER E 141 5.37 -46.49 -1.40
CA SER E 141 5.74 -47.54 -2.35
C SER E 141 6.75 -47.04 -3.36
N MET E 142 6.73 -45.75 -3.65
CA MET E 142 7.63 -45.13 -4.61
C MET E 142 8.89 -44.63 -3.91
N VAL E 143 9.94 -44.46 -4.69
CA VAL E 143 11.19 -43.89 -4.19
C VAL E 143 11.69 -42.84 -5.19
N THR E 144 12.12 -41.71 -4.67
CA THR E 144 12.68 -40.65 -5.49
C THR E 144 14.20 -40.64 -5.36
N LEU E 145 14.85 -40.50 -6.51
CA LEU E 145 16.31 -40.38 -6.58
C LEU E 145 16.66 -39.10 -7.33
N GLY E 146 17.93 -38.77 -7.34
CA GLY E 146 18.39 -37.62 -8.11
C GLY E 146 19.86 -37.57 -8.46
N CYS E 147 20.19 -36.56 -9.25
CA CYS E 147 21.56 -36.23 -9.60
C CYS E 147 21.79 -34.72 -9.49
N LEU E 148 22.83 -34.35 -8.76
CA LEU E 148 23.24 -32.95 -8.65
C LEU E 148 24.34 -32.69 -9.67
N VAL E 149 24.09 -31.73 -10.55
CA VAL E 149 24.98 -31.38 -11.68
C VAL E 149 25.52 -29.97 -11.42
N LYS E 150 26.73 -29.95 -10.90
CA LYS E 150 27.26 -28.78 -10.23
C LYS E 150 28.48 -28.19 -10.92
N GLY E 151 28.51 -26.86 -10.96
CA GLY E 151 29.73 -26.11 -11.28
C GLY E 151 30.22 -26.14 -12.72
N TYR E 152 29.27 -26.11 -13.66
CA TYR E 152 29.62 -26.18 -15.08
C TYR E 152 29.37 -24.87 -15.73
N PHE E 153 30.05 -24.64 -16.85
CA PHE E 153 29.81 -23.49 -17.73
C PHE E 153 30.28 -23.86 -19.14
N PRO E 154 29.62 -23.39 -20.20
CA PRO E 154 28.33 -22.74 -20.14
C PRO E 154 27.20 -23.75 -20.21
N GLU E 155 25.98 -23.24 -20.20
CA GLU E 155 24.79 -24.04 -20.50
C GLU E 155 24.92 -24.59 -21.94
N PRO E 156 24.16 -25.61 -22.33
CA PRO E 156 23.32 -26.42 -21.45
C PRO E 156 23.99 -27.74 -21.08
N VAL E 157 23.41 -28.43 -20.10
CA VAL E 157 23.63 -29.87 -19.92
C VAL E 157 22.34 -30.62 -20.26
N THR E 158 22.49 -31.78 -20.88
CA THR E 158 21.39 -32.73 -21.10
C THR E 158 21.47 -33.81 -20.03
N VAL E 159 20.33 -34.14 -19.44
CA VAL E 159 20.23 -35.18 -18.41
C VAL E 159 19.17 -36.22 -18.80
N THR E 160 19.60 -37.47 -18.90
CA THR E 160 18.71 -38.62 -19.11
C THR E 160 18.94 -39.64 -17.99
N TRP E 161 17.99 -40.56 -17.83
CA TRP E 161 18.08 -41.66 -16.85
C TRP E 161 17.91 -43.00 -17.53
N ASN E 162 18.80 -43.94 -17.19
CA ASN E 162 18.94 -45.26 -17.87
C ASN E 162 19.01 -45.16 -19.38
N SER E 163 19.86 -44.24 -19.85
CA SER E 163 20.00 -43.91 -21.27
C SER E 163 18.66 -43.51 -21.88
N GLY E 164 17.80 -42.84 -21.10
CA GLY E 164 16.48 -42.42 -21.56
C GLY E 164 15.49 -43.58 -21.73
N SER E 165 15.63 -44.62 -20.91
CA SER E 165 14.61 -45.68 -20.80
C SER E 165 13.59 -45.28 -19.70
N LEU E 166 14.12 -44.79 -18.58
CA LEU E 166 13.29 -44.18 -17.54
C LEU E 166 12.93 -42.77 -18.03
N SER E 167 11.72 -42.63 -18.57
CA SER E 167 11.28 -41.39 -19.23
C SER E 167 10.29 -40.57 -18.41
N SER E 168 9.23 -41.23 -17.94
CA SER E 168 8.26 -40.60 -17.05
C SER E 168 8.79 -40.64 -15.63
N GLY E 169 8.21 -39.81 -14.77
CA GLY E 169 8.71 -39.65 -13.38
C GLY E 169 9.99 -38.84 -13.22
N VAL E 170 10.42 -38.21 -14.32
CA VAL E 170 11.63 -37.40 -14.40
C VAL E 170 11.28 -35.92 -14.36
N HIS E 171 11.95 -35.19 -13.48
CA HIS E 171 11.91 -33.72 -13.49
C HIS E 171 13.32 -33.24 -13.49
N THR E 172 13.71 -32.60 -14.59
CA THR E 172 14.97 -31.86 -14.65
C THR E 172 14.74 -30.36 -14.51
N PHE E 173 15.38 -29.80 -13.51
CA PHE E 173 15.18 -28.42 -13.13
C PHE E 173 16.07 -27.51 -13.97
N PRO E 174 15.60 -26.27 -14.23
CA PRO E 174 16.44 -25.28 -14.93
C PRO E 174 17.66 -24.82 -14.11
N ALA E 175 18.76 -24.62 -14.80
CA ALA E 175 20.02 -24.28 -14.15
C ALA E 175 19.91 -22.91 -13.55
N VAL E 176 20.64 -22.67 -12.46
CA VAL E 176 20.75 -21.33 -11.94
C VAL E 176 22.24 -20.98 -11.86
N LEU E 177 22.54 -19.76 -12.35
CA LEU E 177 23.88 -19.24 -12.47
C LEU E 177 24.35 -18.56 -11.19
N GLN E 178 25.53 -18.97 -10.73
CA GLN E 178 26.21 -18.26 -9.64
C GLN E 178 27.72 -18.26 -9.84
N SER E 179 28.33 -17.08 -9.76
CA SER E 179 29.79 -16.95 -9.75
C SER E 179 30.42 -17.61 -10.98
N ASP E 180 29.89 -17.26 -12.16
CA ASP E 180 30.36 -17.83 -13.44
C ASP E 180 30.13 -19.34 -13.63
N LEU E 181 29.29 -19.93 -12.78
CA LEU E 181 29.06 -21.37 -12.80
C LEU E 181 27.58 -21.74 -12.58
N TYR E 182 27.15 -22.75 -13.30
CA TYR E 182 25.77 -23.22 -13.25
C TYR E 182 25.61 -24.44 -12.36
N THR E 183 24.45 -24.53 -11.76
CA THR E 183 24.07 -25.73 -11.01
C THR E 183 22.64 -26.07 -11.41
N LEU E 184 22.41 -27.36 -11.62
CA LEU E 184 21.06 -27.87 -11.77
C LEU E 184 20.94 -29.22 -11.10
N SER E 185 19.72 -29.68 -10.99
CA SER E 185 19.43 -31.00 -10.48
C SER E 185 18.39 -31.67 -11.35
N SER E 186 18.30 -32.99 -11.19
CA SER E 186 17.28 -33.80 -11.85
C SER E 186 16.82 -34.85 -10.88
N SER E 187 15.50 -35.06 -10.80
CA SER E 187 14.91 -36.14 -10.01
C SER E 187 14.22 -37.20 -10.88
N VAL E 188 14.36 -38.46 -10.47
CA VAL E 188 13.59 -39.56 -11.06
C VAL E 188 12.83 -40.29 -9.96
N THR E 189 11.54 -40.51 -10.18
CA THR E 189 10.70 -41.28 -9.26
C THR E 189 10.31 -42.60 -9.91
N VAL E 190 10.71 -43.69 -9.25
CA VAL E 190 10.43 -45.07 -9.71
C VAL E 190 9.88 -45.89 -8.53
N PRO E 191 9.26 -47.05 -8.81
CA PRO E 191 8.74 -47.85 -7.69
C PRO E 191 9.85 -48.44 -6.81
N SER E 192 9.54 -48.67 -5.53
CA SER E 192 10.41 -49.39 -4.60
C SER E 192 10.79 -50.81 -5.10
N SER E 193 10.00 -51.37 -6.03
CA SER E 193 10.29 -52.68 -6.65
C SER E 193 11.55 -52.65 -7.52
N THR E 194 11.71 -51.60 -8.30
CA THR E 194 12.83 -51.52 -9.27
C THR E 194 14.17 -51.17 -8.59
N TRP E 195 14.19 -50.19 -7.70
CA TRP E 195 15.44 -49.75 -7.02
C TRP E 195 15.37 -50.09 -5.52
N PRO E 196 16.46 -50.50 -4.87
CA PRO E 196 17.81 -50.75 -5.43
C PRO E 196 18.08 -52.11 -6.11
N SER E 197 17.05 -52.95 -6.21
CA SER E 197 17.18 -54.27 -6.85
C SER E 197 17.80 -54.19 -8.25
N GLU E 198 17.34 -53.21 -9.02
CA GLU E 198 17.88 -52.91 -10.36
C GLU E 198 18.70 -51.62 -10.36
N THR E 199 19.40 -51.41 -11.47
CA THR E 199 20.32 -50.28 -11.65
C THR E 199 19.60 -49.04 -12.17
N VAL E 200 19.85 -47.92 -11.52
CA VAL E 200 19.39 -46.60 -11.98
C VAL E 200 20.63 -45.70 -12.07
N THR E 201 20.83 -45.16 -13.27
CA THR E 201 22.01 -44.40 -13.62
C THR E 201 21.61 -43.14 -14.36
N CYS E 202 22.09 -41.99 -13.91
CA CYS E 202 21.79 -40.74 -14.58
C CYS E 202 22.92 -40.40 -15.53
N ASN E 203 22.54 -39.98 -16.74
CA ASN E 203 23.49 -39.71 -17.81
C ASN E 203 23.51 -38.22 -18.06
N VAL E 204 24.64 -37.59 -17.70
CA VAL E 204 24.82 -36.15 -17.84
C VAL E 204 25.72 -35.89 -19.03
N ALA E 205 25.22 -35.13 -20.01
CA ALA E 205 25.99 -34.70 -21.18
C ALA E 205 26.16 -33.18 -21.17
N HIS E 206 27.39 -32.73 -21.35
CA HIS E 206 27.74 -31.29 -21.41
C HIS E 206 28.48 -30.96 -22.72
N PRO E 207 27.73 -30.73 -23.82
CA PRO E 207 28.32 -30.59 -25.17
C PRO E 207 29.44 -29.56 -25.34
N ALA E 208 29.41 -28.48 -24.56
CA ALA E 208 30.47 -27.46 -24.64
C ALA E 208 31.88 -28.02 -24.34
N SER E 209 31.97 -28.90 -23.33
CA SER E 209 33.27 -29.56 -22.96
C SER E 209 33.48 -30.97 -23.59
N SER E 210 32.47 -31.43 -24.31
CA SER E 210 32.28 -32.84 -24.77
C SER E 210 32.22 -33.92 -23.69
N THR E 211 31.84 -33.49 -22.49
CA THR E 211 31.82 -34.35 -21.28
C THR E 211 30.57 -35.19 -21.28
N LYS E 212 30.74 -36.45 -20.92
CA LYS E 212 29.64 -37.40 -20.79
C LYS E 212 29.92 -38.25 -19.55
N VAL E 213 29.06 -38.12 -18.54
CA VAL E 213 29.22 -38.86 -17.29
C VAL E 213 28.00 -39.70 -17.01
N ASP E 214 28.26 -40.89 -16.49
CA ASP E 214 27.25 -41.79 -16.00
C ASP E 214 27.48 -41.94 -14.53
N LYS E 215 26.50 -41.53 -13.73
CA LYS E 215 26.55 -41.70 -12.28
C LYS E 215 25.47 -42.67 -11.85
N LYS E 216 25.90 -43.84 -11.36
CA LYS E 216 24.99 -44.83 -10.80
C LYS E 216 24.55 -44.37 -9.43
N ILE E 217 23.25 -44.51 -9.16
CA ILE E 217 22.69 -44.23 -7.84
C ILE E 217 22.75 -45.51 -7.00
N VAL E 218 23.53 -45.46 -5.91
CA VAL E 218 23.66 -46.59 -4.96
C VAL E 218 23.32 -46.16 -3.52
N PRO E 219 22.63 -47.05 -2.77
CA PRO E 219 22.26 -46.71 -1.41
C PRO E 219 23.52 -46.80 -0.51
N ASP F 1 9.65 -2.16 -39.38
CA ASP F 1 8.48 -1.36 -39.88
C ASP F 1 7.16 -1.71 -39.17
N ILE F 2 6.75 -2.97 -39.26
CA ILE F 2 5.47 -3.41 -38.68
C ILE F 2 5.63 -3.99 -37.28
N VAL F 3 4.81 -3.46 -36.38
CA VAL F 3 4.87 -3.74 -34.94
C VAL F 3 3.68 -4.64 -34.68
N MET F 4 3.87 -5.60 -33.77
CA MET F 4 2.82 -6.55 -33.41
C MET F 4 2.59 -6.48 -31.92
N SER F 5 1.35 -6.70 -31.53
CA SER F 5 0.91 -6.59 -30.13
C SER F 5 0.06 -7.78 -29.78
N GLN F 6 0.38 -8.44 -28.67
CA GLN F 6 -0.43 -9.56 -28.21
C GLN F 6 -1.03 -9.27 -26.85
N SER F 7 -2.24 -9.80 -26.65
CA SER F 7 -2.91 -9.68 -25.35
C SER F 7 -3.91 -10.82 -25.16
N PRO F 8 -4.16 -11.24 -23.92
CA PRO F 8 -3.38 -10.87 -22.74
C PRO F 8 -1.99 -11.52 -22.74
N SER F 9 -1.10 -10.96 -21.94
CA SER F 9 0.26 -11.48 -21.84
C SER F 9 0.27 -12.89 -21.25
N SER F 10 -0.62 -13.10 -20.29
CA SER F 10 -0.74 -14.37 -19.61
C SER F 10 -2.20 -14.76 -19.60
N LEU F 11 -2.47 -16.05 -19.45
CA LEU F 11 -3.82 -16.56 -19.39
C LEU F 11 -3.84 -17.96 -18.78
N ALA F 12 -4.86 -18.24 -17.97
CA ALA F 12 -5.04 -19.52 -17.28
C ALA F 12 -6.48 -20.03 -17.42
N VAL F 13 -6.62 -21.30 -17.78
CA VAL F 13 -7.92 -21.98 -17.84
C VAL F 13 -7.80 -23.42 -17.40
N SER F 14 -8.95 -24.02 -17.11
CA SER F 14 -9.05 -25.45 -16.83
C SER F 14 -9.15 -26.25 -18.11
N ALA F 15 -8.70 -27.50 -18.04
CA ALA F 15 -8.81 -28.46 -19.14
C ALA F 15 -10.26 -28.61 -19.55
N GLY F 16 -10.52 -28.53 -20.87
CA GLY F 16 -11.88 -28.57 -21.43
C GLY F 16 -12.50 -27.21 -21.73
N GLU F 17 -11.96 -26.15 -21.15
CA GLU F 17 -12.50 -24.81 -21.35
C GLU F 17 -12.05 -24.19 -22.69
N LYS F 18 -12.73 -23.10 -23.04
CA LYS F 18 -12.37 -22.30 -24.21
C LYS F 18 -11.45 -21.17 -23.80
N VAL F 19 -10.44 -20.89 -24.64
CA VAL F 19 -9.66 -19.64 -24.57
C VAL F 19 -9.58 -18.98 -25.93
N THR F 20 -9.58 -17.65 -25.90
CA THR F 20 -9.23 -16.84 -27.05
C THR F 20 -8.11 -15.88 -26.65
N MET F 21 -7.27 -15.56 -27.62
CA MET F 21 -6.21 -14.58 -27.42
C MET F 21 -6.15 -13.69 -28.65
N SER F 22 -5.72 -12.45 -28.44
CA SER F 22 -5.81 -11.44 -29.48
C SER F 22 -4.44 -10.95 -29.93
N CYS F 23 -4.34 -10.69 -31.22
CA CYS F 23 -3.12 -10.21 -31.83
C CYS F 23 -3.48 -8.99 -32.67
N LYS F 24 -2.75 -7.89 -32.44
CA LYS F 24 -2.92 -6.62 -33.18
C LYS F 24 -1.67 -6.20 -33.96
N SER F 25 -1.90 -5.80 -35.21
CA SER F 25 -0.82 -5.30 -36.07
C SER F 25 -0.96 -3.79 -36.32
N SER F 26 0.19 -3.14 -36.51
CA SER F 26 0.26 -1.68 -36.66
C SER F 26 -0.23 -1.18 -38.01
N GLN F 27 -0.06 -1.97 -39.06
CA GLN F 27 -0.65 -1.66 -40.39
C GLN F 27 -1.29 -2.94 -40.93
N SER F 28 -2.27 -2.80 -41.82
CA SER F 28 -3.01 -3.92 -42.38
C SER F 28 -2.06 -4.99 -42.92
N LEU F 29 -2.48 -6.25 -42.78
CA LEU F 29 -1.71 -7.41 -43.28
C LEU F 29 -2.42 -8.10 -44.45
N LEU F 30 -3.50 -7.50 -44.92
CA LEU F 30 -4.22 -8.03 -46.08
C LEU F 30 -3.51 -7.59 -47.35
N ASN F 31 -3.25 -8.53 -48.26
CA ASN F 31 -2.83 -8.19 -49.61
C ASN F 31 -4.09 -8.18 -50.45
N SER F 32 -4.28 -7.09 -51.20
CA SER F 32 -5.46 -6.90 -52.07
C SER F 32 -5.50 -8.02 -53.10
N ARG F 33 -4.43 -8.14 -53.88
CA ARG F 33 -4.16 -9.33 -54.71
C ARG F 33 -3.86 -10.50 -53.77
N THR F 34 -4.21 -11.71 -54.17
CA THR F 34 -4.11 -12.94 -53.32
C THR F 34 -5.17 -13.03 -52.20
N ARG F 35 -5.72 -11.89 -51.77
CA ARG F 35 -6.80 -11.83 -50.77
C ARG F 35 -6.44 -12.47 -49.40
N LYS F 36 -5.13 -12.65 -49.14
CA LYS F 36 -4.66 -13.31 -47.91
C LYS F 36 -4.07 -12.33 -46.90
N ASN F 37 -4.38 -12.56 -45.63
CA ASN F 37 -3.69 -11.88 -44.53
C ASN F 37 -2.44 -12.69 -44.18
N TYR F 38 -1.28 -12.05 -44.22
CA TYR F 38 -0.01 -12.74 -43.93
C TYR F 38 0.31 -12.72 -42.45
N LEU F 39 -0.50 -13.50 -41.76
CA LEU F 39 -0.51 -13.60 -40.33
C LEU F 39 -0.46 -15.07 -39.98
N ALA F 40 0.48 -15.42 -39.11
CA ALA F 40 0.64 -16.81 -38.67
C ALA F 40 0.77 -16.92 -37.17
N TRP F 41 0.23 -18.02 -36.66
CA TRP F 41 0.34 -18.36 -35.26
C TRP F 41 1.30 -19.55 -35.03
N TYR F 42 2.07 -19.41 -33.96
CA TYR F 42 3.08 -20.40 -33.56
C TYR F 42 2.90 -20.75 -32.10
N GLN F 43 3.16 -22.03 -31.80
CA GLN F 43 3.13 -22.62 -30.47
C GLN F 43 4.54 -23.01 -30.04
N GLN F 44 4.94 -22.53 -28.86
CA GLN F 44 6.18 -23.01 -28.25
C GLN F 44 5.99 -23.53 -26.83
N LYS F 45 6.08 -24.84 -26.73
CA LYS F 45 6.10 -25.56 -25.48
C LYS F 45 7.45 -25.38 -24.77
N PRO F 46 7.49 -25.63 -23.44
CA PRO F 46 8.74 -25.50 -22.67
C PRO F 46 9.82 -26.44 -23.19
N GLY F 47 11.03 -25.92 -23.34
CA GLY F 47 12.21 -26.67 -23.86
C GLY F 47 12.21 -27.04 -25.35
N GLN F 48 11.17 -26.61 -26.09
CA GLN F 48 11.01 -27.00 -27.50
C GLN F 48 11.11 -25.84 -28.45
N SER F 49 11.38 -26.18 -29.70
CA SER F 49 11.40 -25.18 -30.74
C SER F 49 9.94 -24.83 -31.10
N PRO F 50 9.72 -23.66 -31.69
CA PRO F 50 8.37 -23.32 -32.14
C PRO F 50 7.81 -24.24 -33.24
N LYS F 51 6.49 -24.33 -33.25
CA LYS F 51 5.73 -25.08 -34.22
C LYS F 51 4.68 -24.14 -34.83
N LEU F 52 4.55 -24.19 -36.17
CA LEU F 52 3.52 -23.51 -36.94
C LEU F 52 2.15 -24.11 -36.69
N LEU F 53 1.20 -23.26 -36.29
CA LEU F 53 -0.17 -23.70 -36.03
C LEU F 53 -1.09 -23.33 -37.18
N ILE F 54 -1.08 -22.04 -37.51
CA ILE F 54 -1.99 -21.45 -38.50
C ILE F 54 -1.20 -20.48 -39.35
N TYR F 55 -1.50 -20.48 -40.65
CA TYR F 55 -1.00 -19.45 -41.57
C TYR F 55 -2.19 -18.84 -42.30
N TRP F 56 -1.93 -17.78 -43.06
CA TRP F 56 -2.99 -16.98 -43.74
C TRP F 56 -4.15 -16.58 -42.80
N ALA F 57 -3.79 -16.25 -41.57
CA ALA F 57 -4.70 -15.93 -40.45
C ALA F 57 -5.63 -17.08 -39.99
N SER F 58 -6.17 -17.84 -40.94
CA SER F 58 -7.20 -18.86 -40.66
C SER F 58 -6.92 -20.31 -41.13
N THR F 59 -5.83 -20.53 -41.86
CA THR F 59 -5.57 -21.86 -42.40
C THR F 59 -4.72 -22.67 -41.45
N ARG F 60 -5.26 -23.75 -40.90
CA ARG F 60 -4.48 -24.69 -40.07
C ARG F 60 -3.39 -25.35 -40.88
N GLU F 61 -2.21 -25.42 -40.28
CA GLU F 61 -1.10 -26.23 -40.79
C GLU F 61 -1.37 -27.72 -40.52
N SER F 62 -0.81 -28.57 -41.36
CA SER F 62 -0.85 -30.03 -41.13
C SER F 62 -0.25 -30.40 -39.78
N GLY F 63 -0.78 -31.44 -39.16
CA GLY F 63 -0.33 -31.88 -37.84
C GLY F 63 -0.87 -31.11 -36.64
N VAL F 64 -1.82 -30.20 -36.86
CA VAL F 64 -2.36 -29.29 -35.84
C VAL F 64 -3.80 -29.67 -35.51
N PRO F 65 -4.10 -29.98 -34.21
CA PRO F 65 -5.47 -30.31 -33.84
C PRO F 65 -6.50 -29.25 -34.27
N ASP F 66 -7.72 -29.71 -34.52
CA ASP F 66 -8.75 -28.80 -35.06
C ASP F 66 -9.35 -27.85 -34.01
N ARG F 67 -9.14 -28.20 -32.74
CA ARG F 67 -9.45 -27.28 -31.62
C ARG F 67 -8.78 -25.90 -31.73
N PHE F 68 -7.66 -25.81 -32.43
CA PHE F 68 -6.98 -24.54 -32.71
C PHE F 68 -7.62 -23.89 -33.93
N THR F 69 -8.13 -22.67 -33.76
CA THR F 69 -8.75 -21.90 -34.86
C THR F 69 -8.25 -20.47 -34.84
N GLY F 70 -7.89 -20.00 -36.04
CA GLY F 70 -7.41 -18.64 -36.25
C GLY F 70 -8.45 -17.84 -37.02
N SER F 71 -8.55 -16.57 -36.68
CA SER F 71 -9.52 -15.67 -37.30
C SER F 71 -9.09 -14.21 -37.18
N GLY F 72 -9.83 -13.38 -37.93
CA GLY F 72 -9.58 -11.94 -38.02
C GLY F 72 -9.08 -11.51 -39.39
N SER F 73 -8.90 -10.19 -39.52
CA SER F 73 -8.45 -9.60 -40.79
C SER F 73 -7.88 -8.22 -40.63
N GLY F 74 -7.07 -7.85 -41.61
CA GLY F 74 -6.45 -6.51 -41.64
C GLY F 74 -5.47 -6.36 -40.49
N THR F 75 -5.95 -5.74 -39.43
CA THR F 75 -5.12 -5.42 -38.25
C THR F 75 -5.42 -6.15 -36.97
N ASP F 76 -6.54 -6.90 -36.93
CA ASP F 76 -6.97 -7.54 -35.70
C ASP F 76 -7.17 -9.03 -35.96
N PHE F 77 -6.54 -9.84 -35.11
CA PHE F 77 -6.50 -11.27 -35.28
C PHE F 77 -6.71 -11.97 -33.97
N THR F 78 -7.32 -13.16 -34.03
CA THR F 78 -7.65 -13.94 -32.85
C THR F 78 -7.30 -15.40 -33.04
N LEU F 79 -6.68 -15.99 -32.03
CA LEU F 79 -6.54 -17.44 -31.94
C LEU F 79 -7.54 -17.93 -30.92
N THR F 80 -8.25 -18.99 -31.28
CA THR F 80 -9.19 -19.65 -30.39
C THR F 80 -8.77 -21.10 -30.17
N ILE F 81 -8.69 -21.48 -28.92
CA ILE F 81 -8.52 -22.90 -28.57
C ILE F 81 -9.81 -23.35 -27.94
N SER F 82 -10.57 -24.15 -28.68
CA SER F 82 -11.81 -24.72 -28.18
C SER F 82 -11.34 -25.91 -27.35
N SER F 83 -11.94 -26.11 -26.19
CA SER F 83 -11.58 -27.25 -25.33
C SER F 83 -10.06 -27.50 -25.17
N VAL F 84 -9.46 -26.66 -24.34
CA VAL F 84 -8.04 -26.69 -23.98
C VAL F 84 -7.68 -28.02 -23.34
N GLN F 85 -6.50 -28.55 -23.70
CA GLN F 85 -5.97 -29.80 -23.11
C GLN F 85 -4.74 -29.52 -22.28
N ALA F 86 -4.41 -30.45 -21.40
CA ALA F 86 -3.18 -30.41 -20.58
C ALA F 86 -1.95 -30.13 -21.44
N GLU F 87 -1.89 -30.83 -22.57
CA GLU F 87 -0.80 -30.73 -23.60
C GLU F 87 -0.65 -29.35 -24.27
N ASP F 88 -1.68 -28.49 -24.19
CA ASP F 88 -1.64 -27.13 -24.80
C ASP F 88 -0.87 -26.05 -24.00
N LEU F 89 -0.29 -26.45 -22.89
CA LEU F 89 0.66 -25.59 -22.18
C LEU F 89 1.82 -25.10 -23.07
N ALA F 90 1.86 -23.80 -23.31
CA ALA F 90 2.80 -23.21 -24.26
C ALA F 90 2.67 -21.72 -24.23
N VAL F 91 3.65 -21.04 -24.84
CA VAL F 91 3.49 -19.64 -25.27
C VAL F 91 3.06 -19.64 -26.74
N TYR F 92 2.10 -18.76 -27.03
CA TYR F 92 1.56 -18.62 -28.35
C TYR F 92 2.00 -17.29 -28.89
N TYR F 93 2.61 -17.32 -30.08
CA TYR F 93 3.11 -16.13 -30.77
C TYR F 93 2.41 -15.97 -32.07
N CYS F 94 1.95 -14.74 -32.33
CA CYS F 94 1.47 -14.38 -33.63
C CYS F 94 2.64 -13.76 -34.33
N LYS F 95 2.57 -13.71 -35.64
CA LYS F 95 3.64 -13.21 -36.44
C LYS F 95 3.17 -12.76 -37.81
N GLN F 96 3.76 -11.65 -38.22
CA GLN F 96 3.47 -10.98 -39.44
C GLN F 96 4.48 -11.38 -40.48
N SER F 97 4.02 -11.67 -41.70
CA SER F 97 4.93 -11.89 -42.86
C SER F 97 4.49 -11.13 -44.13
N PHE F 98 3.80 -10.02 -43.92
CA PHE F 98 3.36 -9.12 -45.00
C PHE F 98 4.53 -8.34 -45.61
N TYR F 99 5.33 -7.77 -44.73
CA TYR F 99 6.57 -7.08 -45.10
C TYR F 99 7.64 -7.40 -44.06
N LEU F 100 8.64 -8.17 -44.46
CA LEU F 100 9.65 -8.74 -43.55
C LEU F 100 8.94 -9.65 -42.55
N ARG F 101 9.40 -9.72 -41.29
CA ARG F 101 8.72 -10.52 -40.25
C ARG F 101 8.79 -9.84 -38.90
N THR F 102 7.68 -9.90 -38.17
CA THR F 102 7.65 -9.45 -36.79
C THR F 102 6.80 -10.38 -35.94
N PHE F 103 7.37 -10.84 -34.84
CA PHE F 103 6.63 -11.63 -33.85
C PHE F 103 6.06 -10.71 -32.82
N GLY F 104 4.86 -11.05 -32.36
CA GLY F 104 4.32 -10.47 -31.13
C GLY F 104 5.14 -10.91 -29.94
N GLY F 105 4.90 -10.30 -28.79
CA GLY F 105 5.60 -10.64 -27.54
C GLY F 105 5.11 -11.91 -26.86
N GLY F 106 4.00 -12.45 -27.34
CA GLY F 106 3.55 -13.78 -26.95
C GLY F 106 2.49 -13.78 -25.86
N THR F 107 1.66 -14.82 -25.85
CA THR F 107 0.62 -15.04 -24.84
C THR F 107 0.91 -16.39 -24.22
N LYS F 108 1.23 -16.40 -22.92
CA LYS F 108 1.54 -17.63 -22.21
C LYS F 108 0.23 -18.23 -21.73
N LEU F 109 0.01 -19.49 -22.09
CA LEU F 109 -1.15 -20.24 -21.58
C LEU F 109 -0.72 -21.14 -20.44
N ASP F 110 -1.20 -20.84 -19.24
CA ASP F 110 -1.15 -21.76 -18.10
C ASP F 110 -2.45 -22.55 -17.98
N ILE F 111 -2.37 -23.63 -17.22
CA ILE F 111 -3.45 -24.56 -17.05
C ILE F 111 -3.77 -24.63 -15.56
N LYS F 112 -5.06 -24.52 -15.27
CA LYS F 112 -5.60 -24.76 -13.94
C LYS F 112 -6.05 -26.21 -13.82
N ARG F 113 -6.01 -26.70 -12.59
CA ARG F 113 -6.43 -28.06 -12.25
C ARG F 113 -6.70 -28.15 -10.74
N ALA F 114 -7.19 -29.31 -10.31
CA ALA F 114 -7.44 -29.55 -8.89
C ALA F 114 -6.12 -29.51 -8.11
N ASP F 115 -6.20 -29.05 -6.86
CA ASP F 115 -5.04 -28.88 -6.02
C ASP F 115 -4.34 -30.21 -5.80
N ALA F 116 -3.02 -30.16 -5.64
CA ALA F 116 -2.21 -31.35 -5.34
C ALA F 116 -1.03 -31.02 -4.44
N ALA F 117 -0.81 -31.88 -3.44
CA ALA F 117 0.25 -31.68 -2.43
C ALA F 117 1.58 -32.20 -2.95
N PRO F 118 2.69 -31.57 -2.55
CA PRO F 118 3.97 -32.03 -3.05
C PRO F 118 4.43 -33.33 -2.41
N THR F 119 5.10 -34.16 -3.21
CA THR F 119 5.91 -35.26 -2.71
C THR F 119 7.26 -34.65 -2.39
N VAL F 120 7.60 -34.63 -1.10
CA VAL F 120 8.88 -34.07 -0.65
C VAL F 120 9.88 -35.18 -0.41
N SER F 121 11.11 -34.93 -0.86
CA SER F 121 12.24 -35.85 -0.65
C SER F 121 13.53 -35.06 -0.38
N ILE F 122 14.21 -35.42 0.72
CA ILE F 122 15.42 -34.72 1.16
C ILE F 122 16.61 -35.63 0.94
N PHE F 123 17.73 -35.03 0.53
CA PHE F 123 18.93 -35.77 0.12
C PHE F 123 20.21 -35.22 0.74
N PRO F 124 20.95 -36.05 1.52
CA PRO F 124 22.19 -35.55 2.11
C PRO F 124 23.33 -35.40 1.09
N PRO F 125 24.39 -34.66 1.45
CA PRO F 125 25.52 -34.54 0.55
C PRO F 125 26.11 -35.89 0.16
N SER F 126 26.53 -36.00 -1.08
CA SER F 126 27.26 -37.17 -1.55
C SER F 126 28.66 -37.16 -0.94
N SER F 127 29.23 -38.35 -0.81
CA SER F 127 30.61 -38.51 -0.35
C SER F 127 31.63 -37.83 -1.28
N GLU F 128 31.40 -37.93 -2.59
CA GLU F 128 32.25 -37.27 -3.60
C GLU F 128 32.32 -35.75 -3.44
N GLN F 129 31.17 -35.14 -3.14
CA GLN F 129 31.11 -33.69 -2.92
C GLN F 129 31.82 -33.32 -1.62
N LEU F 130 31.57 -34.11 -0.58
CA LEU F 130 32.25 -33.96 0.72
C LEU F 130 33.78 -34.11 0.61
N THR F 131 34.22 -35.01 -0.28
CA THR F 131 35.64 -35.17 -0.61
C THR F 131 36.25 -33.83 -1.03
N SER F 132 35.54 -33.10 -1.89
CA SER F 132 36.03 -31.83 -2.47
C SER F 132 35.93 -30.60 -1.55
N GLY F 133 35.34 -30.78 -0.36
CA GLY F 133 35.26 -29.72 0.66
C GLY F 133 33.94 -28.97 0.73
N GLY F 134 33.01 -29.33 -0.16
CA GLY F 134 31.68 -28.71 -0.24
C GLY F 134 30.59 -29.67 0.22
N ALA F 135 29.46 -29.10 0.62
CA ALA F 135 28.34 -29.88 1.15
C ALA F 135 27.01 -29.27 0.71
N SER F 136 26.27 -30.00 -0.12
CA SER F 136 24.94 -29.59 -0.58
C SER F 136 23.88 -30.56 -0.09
N VAL F 137 22.88 -29.99 0.59
CA VAL F 137 21.69 -30.70 1.00
C VAL F 137 20.58 -30.27 0.04
N VAL F 138 19.89 -31.26 -0.52
CA VAL F 138 18.93 -31.05 -1.61
C VAL F 138 17.53 -31.53 -1.25
N CYS F 139 16.54 -30.70 -1.58
CA CYS F 139 15.13 -31.00 -1.33
C CYS F 139 14.28 -30.89 -2.61
N PHE F 140 13.68 -32.00 -3.01
CA PHE F 140 12.78 -32.04 -4.15
C PHE F 140 11.35 -31.91 -3.62
N LEU F 141 10.60 -31.03 -4.26
CA LEU F 141 9.18 -30.83 -3.99
C LEU F 141 8.46 -31.08 -5.30
N ASN F 142 7.93 -32.29 -5.45
CA ASN F 142 7.44 -32.77 -6.75
C ASN F 142 5.91 -32.87 -6.89
N ASN F 143 5.43 -32.49 -8.07
CA ASN F 143 4.04 -32.71 -8.52
C ASN F 143 2.94 -32.06 -7.69
N PHE F 144 3.08 -30.77 -7.54
CA PHE F 144 2.15 -29.96 -6.76
C PHE F 144 1.43 -28.91 -7.60
N TYR F 145 0.29 -28.48 -7.06
CA TYR F 145 -0.51 -27.42 -7.66
C TYR F 145 -1.34 -26.73 -6.56
N PRO F 146 -1.39 -25.39 -6.50
CA PRO F 146 -0.81 -24.46 -7.48
C PRO F 146 0.67 -24.13 -7.26
N LYS F 147 1.21 -23.29 -8.16
CA LYS F 147 2.64 -22.93 -8.17
C LYS F 147 3.15 -22.28 -6.88
N ASP F 148 2.26 -21.57 -6.17
CA ASP F 148 2.61 -20.90 -4.92
C ASP F 148 3.10 -21.95 -3.92
N ILE F 149 4.39 -21.91 -3.61
CA ILE F 149 4.95 -22.75 -2.58
C ILE F 149 6.08 -22.02 -1.90
N ASN F 150 6.21 -22.25 -0.59
CA ASN F 150 7.32 -21.71 0.19
C ASN F 150 8.13 -22.84 0.78
N VAL F 151 9.44 -22.64 0.87
CA VAL F 151 10.36 -23.65 1.39
C VAL F 151 11.30 -23.00 2.40
N ARG F 152 11.46 -23.67 3.53
CA ARG F 152 12.20 -23.14 4.64
C ARG F 152 13.13 -24.24 5.14
N TRP F 153 14.41 -23.90 5.30
CA TRP F 153 15.40 -24.84 5.77
C TRP F 153 15.48 -24.67 7.28
N LYS F 154 15.91 -25.74 7.95
CA LYS F 154 16.27 -25.69 9.36
C LYS F 154 17.49 -26.51 9.65
N ILE F 155 18.42 -25.88 10.36
CA ILE F 155 19.63 -26.53 10.83
C ILE F 155 19.55 -26.55 12.36
N ASP F 156 19.40 -27.75 12.92
CA ASP F 156 19.22 -27.95 14.38
C ASP F 156 18.10 -27.07 14.95
N GLY F 157 16.95 -27.11 14.27
CA GLY F 157 15.76 -26.33 14.64
C GLY F 157 15.77 -24.84 14.31
N SER F 158 16.89 -24.33 13.81
CA SER F 158 17.09 -22.91 13.49
C SER F 158 17.06 -22.66 11.99
N GLU F 159 16.27 -21.67 11.57
CA GLU F 159 16.12 -21.32 10.16
C GLU F 159 17.39 -20.63 9.62
N ARG F 160 17.75 -20.92 8.37
CA ARG F 160 18.75 -20.10 7.65
C ARG F 160 18.50 -20.03 6.16
N GLN F 161 18.84 -18.82 5.75
CA GLN F 161 18.63 -18.24 4.44
C GLN F 161 19.84 -18.39 3.52
N ASN F 162 21.04 -18.34 4.09
CA ASN F 162 22.28 -18.29 3.29
C ASN F 162 22.65 -19.66 2.68
N GLY F 163 23.10 -19.61 1.43
CA GLY F 163 23.50 -20.79 0.65
C GLY F 163 22.36 -21.56 -0.02
N VAL F 164 21.15 -20.97 -0.02
CA VAL F 164 19.96 -21.66 -0.55
C VAL F 164 19.66 -21.23 -1.99
N LEU F 165 19.54 -22.23 -2.84
CA LEU F 165 19.22 -22.01 -4.25
C LEU F 165 17.98 -22.78 -4.69
N ASN F 166 17.01 -22.05 -5.21
CA ASN F 166 15.69 -22.59 -5.55
C ASN F 166 15.52 -22.58 -7.05
N SER F 167 14.85 -23.60 -7.56
CA SER F 167 14.52 -23.69 -8.99
C SER F 167 13.19 -24.41 -9.25
N TRP F 168 12.33 -23.71 -9.99
CA TRP F 168 11.00 -24.22 -10.34
C TRP F 168 10.99 -24.74 -11.76
N THR F 169 10.35 -25.90 -11.95
CA THR F 169 10.07 -26.40 -13.28
C THR F 169 8.97 -25.55 -13.89
N ASP F 170 8.86 -25.69 -15.20
CA ASP F 170 7.66 -25.29 -15.90
C ASP F 170 6.55 -26.30 -15.58
N GLN F 171 5.32 -25.90 -15.80
CA GLN F 171 4.17 -26.79 -15.63
C GLN F 171 4.29 -28.06 -16.50
N ASP F 172 3.91 -29.19 -15.93
CA ASP F 172 4.00 -30.48 -16.64
C ASP F 172 2.88 -30.62 -17.71
N SER F 173 3.23 -31.14 -18.88
CA SER F 173 2.30 -31.19 -20.04
C SER F 173 1.23 -32.31 -19.94
N LYS F 174 1.46 -33.24 -19.01
CA LYS F 174 0.57 -34.41 -18.77
C LYS F 174 -0.42 -34.24 -17.60
N ASP F 175 0.11 -33.90 -16.42
CA ASP F 175 -0.72 -33.73 -15.21
C ASP F 175 -0.83 -32.30 -14.69
N SER F 176 -0.31 -31.33 -15.45
CA SER F 176 -0.44 -29.90 -15.15
C SER F 176 0.12 -29.44 -13.79
N THR F 177 1.00 -30.25 -13.21
CA THR F 177 1.60 -29.93 -11.91
C THR F 177 2.91 -29.20 -12.10
N TYR F 178 3.38 -28.63 -10.99
CA TYR F 178 4.68 -27.97 -10.90
C TYR F 178 5.59 -28.78 -10.00
N SER F 179 6.89 -28.60 -10.21
CA SER F 179 7.90 -29.17 -9.31
C SER F 179 8.88 -28.07 -8.90
N MET F 180 9.59 -28.34 -7.81
CA MET F 180 10.52 -27.37 -7.26
C MET F 180 11.70 -28.10 -6.62
N SER F 181 12.87 -27.49 -6.80
CA SER F 181 14.13 -28.00 -6.28
C SER F 181 14.72 -26.90 -5.42
N SER F 182 15.09 -27.28 -4.20
CA SER F 182 15.72 -26.35 -3.26
C SER F 182 16.99 -26.99 -2.74
N THR F 183 18.10 -26.26 -2.88
CA THR F 183 19.43 -26.77 -2.55
C THR F 183 20.04 -25.84 -1.52
N LEU F 184 20.41 -26.42 -0.37
CA LEU F 184 21.17 -25.74 0.67
C LEU F 184 22.64 -26.13 0.51
N THR F 185 23.47 -25.16 0.12
CA THR F 185 24.91 -25.39 -0.10
C THR F 185 25.76 -24.74 1.00
N LEU F 186 26.45 -25.58 1.76
CA LEU F 186 27.35 -25.15 2.84
C LEU F 186 28.76 -25.66 2.58
N THR F 187 29.71 -25.17 3.38
CA THR F 187 31.07 -25.75 3.38
C THR F 187 31.01 -27.09 4.13
N LYS F 188 31.99 -27.96 3.90
CA LYS F 188 32.05 -29.28 4.57
C LYS F 188 32.16 -29.16 6.10
N ASP F 189 33.11 -28.34 6.56
CA ASP F 189 33.29 -28.08 8.01
C ASP F 189 32.06 -27.46 8.68
N GLU F 190 31.36 -26.63 7.91
CA GLU F 190 30.06 -26.05 8.34
C GLU F 190 28.96 -27.10 8.47
N TYR F 191 28.93 -28.02 7.50
CA TYR F 191 27.99 -29.16 7.51
C TYR F 191 28.22 -30.11 8.68
N GLU F 192 29.49 -30.37 8.98
CA GLU F 192 29.88 -31.33 10.04
C GLU F 192 29.82 -30.79 11.48
N ARG F 193 29.65 -29.48 11.62
CA ARG F 193 29.40 -28.87 12.95
C ARG F 193 27.99 -29.19 13.47
N HIS F 194 27.06 -29.39 12.55
CA HIS F 194 25.65 -29.62 12.88
C HIS F 194 25.24 -31.04 12.51
N ASN F 195 24.02 -31.42 12.90
CA ASN F 195 23.53 -32.81 12.72
C ASN F 195 22.12 -32.96 12.10
N SER F 196 21.20 -32.11 12.54
CA SER F 196 19.82 -32.14 12.07
C SER F 196 19.71 -31.23 10.85
N TYR F 197 19.17 -31.78 9.76
CA TYR F 197 18.88 -31.02 8.53
C TYR F 197 17.45 -31.27 8.08
N THR F 198 16.64 -30.22 8.12
CA THR F 198 15.22 -30.26 7.72
C THR F 198 14.88 -29.29 6.59
N CYS F 199 14.12 -29.77 5.59
CA CYS F 199 13.45 -28.90 4.61
C CYS F 199 11.95 -28.97 4.88
N GLU F 200 11.31 -27.81 4.90
CA GLU F 200 9.89 -27.69 5.20
C GLU F 200 9.14 -26.94 4.11
N ALA F 201 8.16 -27.62 3.53
CA ALA F 201 7.33 -27.07 2.45
C ALA F 201 5.99 -26.59 2.97
N THR F 202 5.70 -25.31 2.72
CA THR F 202 4.40 -24.72 3.03
C THR F 202 3.66 -24.51 1.72
N HIS F 203 2.53 -25.18 1.58
CA HIS F 203 1.76 -25.18 0.34
C HIS F 203 0.28 -25.10 0.64
N LYS F 204 -0.46 -24.33 -0.18
CA LYS F 204 -1.92 -24.07 0.03
C LYS F 204 -2.74 -25.27 0.53
N THR F 205 -2.42 -26.42 -0.02
CA THR F 205 -3.07 -27.71 0.31
C THR F 205 -2.83 -28.27 1.73
N SER F 206 -2.00 -27.61 2.52
CA SER F 206 -1.83 -28.00 3.94
C SER F 206 -1.62 -26.78 4.82
N THR F 207 -2.29 -26.73 5.99
CA THR F 207 -2.06 -25.67 6.99
C THR F 207 -0.76 -25.91 7.75
N SER F 208 -0.41 -27.20 7.91
CA SER F 208 0.84 -27.64 8.51
C SER F 208 1.84 -27.82 7.37
N PRO F 209 3.06 -27.27 7.53
CA PRO F 209 4.13 -27.56 6.57
C PRO F 209 4.42 -29.05 6.43
N ILE F 210 4.74 -29.48 5.20
CA ILE F 210 5.23 -30.82 4.95
C ILE F 210 6.69 -30.77 5.27
N VAL F 211 7.15 -31.72 6.09
CA VAL F 211 8.45 -31.66 6.77
C VAL F 211 9.24 -32.92 6.48
N LYS F 212 10.49 -32.74 6.06
CA LYS F 212 11.40 -33.86 5.80
C LYS F 212 12.79 -33.61 6.33
N SER F 213 13.31 -34.58 7.08
CA SER F 213 14.56 -34.45 7.81
C SER F 213 15.44 -35.66 7.63
N PHE F 214 16.70 -35.48 8.01
CA PHE F 214 17.64 -36.59 8.25
C PHE F 214 18.66 -36.21 9.32
N ASN F 215 19.32 -37.23 9.85
CA ASN F 215 20.38 -37.09 10.88
C ASN F 215 21.68 -37.88 10.51
N ARG F 216 22.39 -38.43 11.50
CA ARG F 216 23.47 -39.40 11.26
C ARG F 216 22.90 -40.73 10.74
N VAL G 2 -28.10 24.21 -34.31
CA VAL G 2 -28.61 22.96 -33.75
C VAL G 2 -28.64 23.08 -32.25
N GLN G 3 -29.79 22.79 -31.66
CA GLN G 3 -29.97 22.95 -30.23
C GLN G 3 -30.95 21.91 -29.71
N LEU G 4 -30.58 21.30 -28.60
CA LEU G 4 -31.39 20.28 -27.95
C LEU G 4 -31.74 20.82 -26.58
N GLN G 5 -33.04 20.98 -26.37
CA GLN G 5 -33.55 21.66 -25.20
C GLN G 5 -34.19 20.58 -24.33
N GLN G 6 -33.59 20.38 -23.16
CA GLN G 6 -34.05 19.41 -22.19
C GLN G 6 -34.75 20.08 -21.05
N SER G 7 -35.64 19.37 -20.36
CA SER G 7 -36.41 19.95 -19.26
C SER G 7 -35.49 20.43 -18.14
N GLY G 8 -36.09 21.09 -17.14
CA GLY G 8 -35.42 21.33 -15.89
C GLY G 8 -35.20 20.08 -15.06
N PRO G 9 -34.60 20.22 -13.87
CA PRO G 9 -34.40 19.20 -12.84
C PRO G 9 -35.68 18.54 -12.38
N GLU G 10 -35.54 17.28 -11.96
CA GLU G 10 -36.65 16.48 -11.57
C GLU G 10 -36.35 15.76 -10.26
N LEU G 11 -37.41 15.65 -9.46
CA LEU G 11 -37.44 14.81 -8.30
C LEU G 11 -38.53 13.81 -8.57
N VAL G 12 -38.19 12.53 -8.40
CA VAL G 12 -39.14 11.45 -8.65
C VAL G 12 -39.11 10.46 -7.51
N LYS G 13 -40.27 9.96 -7.15
CA LYS G 13 -40.39 9.10 -5.99
C LYS G 13 -40.02 7.66 -6.38
N PRO G 14 -39.36 6.94 -5.47
CA PRO G 14 -39.04 5.55 -5.74
C PRO G 14 -40.25 4.73 -6.17
N GLY G 15 -40.05 3.93 -7.21
CA GLY G 15 -41.09 3.07 -7.77
C GLY G 15 -42.15 3.74 -8.62
N THR G 16 -41.90 4.97 -9.05
CA THR G 16 -42.80 5.70 -9.95
C THR G 16 -42.07 5.96 -11.26
N SER G 17 -42.71 6.73 -12.15
CA SER G 17 -42.17 7.04 -13.44
C SER G 17 -41.83 8.50 -13.62
N VAL G 18 -40.91 8.72 -14.55
CA VAL G 18 -40.54 10.05 -15.00
C VAL G 18 -40.41 10.05 -16.51
N LYS G 19 -40.93 11.12 -17.13
CA LYS G 19 -40.85 11.30 -18.56
C LYS G 19 -40.21 12.66 -18.84
N MET G 20 -39.11 12.64 -19.59
CA MET G 20 -38.34 13.86 -19.83
C MET G 20 -38.24 14.15 -21.33
N PRO G 21 -38.55 15.41 -21.75
CA PRO G 21 -38.51 15.81 -23.14
C PRO G 21 -37.13 16.30 -23.61
N CYS G 22 -36.94 16.19 -24.90
CA CYS G 22 -35.76 16.72 -25.58
C CYS G 22 -36.23 17.42 -26.84
N LYS G 23 -36.40 18.73 -26.73
CA LYS G 23 -36.94 19.57 -27.80
C LYS G 23 -35.83 20.01 -28.76
N ALA G 24 -35.91 19.50 -29.98
CA ALA G 24 -34.94 19.79 -31.03
C ALA G 24 -35.31 21.03 -31.83
N SER G 25 -34.31 21.85 -32.14
CA SER G 25 -34.44 22.95 -33.09
C SER G 25 -33.18 23.22 -33.90
N GLY G 26 -33.35 23.87 -35.06
CA GLY G 26 -32.24 24.25 -35.96
C GLY G 26 -31.89 23.27 -37.06
N TYR G 27 -32.62 22.18 -37.17
CA TYR G 27 -32.35 21.19 -38.20
C TYR G 27 -33.61 20.37 -38.50
N ILE G 28 -33.48 19.50 -39.47
CA ILE G 28 -34.56 18.59 -39.86
C ILE G 28 -34.56 17.44 -38.83
N PHE G 29 -35.46 17.53 -37.85
CA PHE G 29 -35.66 16.50 -36.80
C PHE G 29 -35.70 15.06 -37.35
N THR G 30 -36.42 14.87 -38.44
CA THR G 30 -36.62 13.52 -39.01
C THR G 30 -35.37 12.94 -39.71
N ASP G 31 -34.36 13.76 -39.89
CA ASP G 31 -33.11 13.32 -40.60
C ASP G 31 -31.95 12.81 -39.72
N TYR G 32 -32.15 12.83 -38.41
CA TYR G 32 -31.10 12.43 -37.45
C TYR G 32 -31.68 11.55 -36.36
N VAL G 33 -30.89 10.66 -35.78
CA VAL G 33 -31.40 9.88 -34.63
C VAL G 33 -31.12 10.69 -33.39
N ILE G 34 -31.92 10.43 -32.36
CA ILE G 34 -31.74 11.02 -31.05
C ILE G 34 -31.26 9.89 -30.16
N SER G 35 -30.08 10.08 -29.56
CA SER G 35 -29.49 9.17 -28.59
C SER G 35 -29.62 9.74 -27.18
N TRP G 36 -29.75 8.85 -26.21
CA TRP G 36 -29.81 9.20 -24.78
C TRP G 36 -28.65 8.56 -24.01
N VAL G 37 -28.05 9.36 -23.10
CA VAL G 37 -26.87 8.95 -22.33
C VAL G 37 -27.07 9.23 -20.84
N LYS G 38 -26.63 8.28 -20.03
CA LYS G 38 -26.62 8.39 -18.57
C LYS G 38 -25.24 8.69 -17.97
N GLN G 39 -25.26 9.56 -16.97
CA GLN G 39 -24.06 9.89 -16.23
C GLN G 39 -24.37 10.02 -14.75
N ARG G 40 -23.98 9.02 -13.96
CA ARG G 40 -24.11 9.08 -12.47
C ARG G 40 -23.02 9.95 -11.89
N THR G 41 -23.37 10.71 -10.85
CA THR G 41 -22.43 11.69 -10.25
C THR G 41 -21.04 11.10 -10.11
N GLY G 42 -20.07 11.78 -10.72
CA GLY G 42 -18.66 11.36 -10.68
C GLY G 42 -18.32 10.11 -11.48
N GLN G 43 -19.25 9.62 -12.29
CA GLN G 43 -19.02 8.43 -13.13
C GLN G 43 -18.89 8.76 -14.61
N GLY G 44 -18.53 7.74 -15.37
CA GLY G 44 -18.44 7.88 -16.82
C GLY G 44 -19.79 7.81 -17.49
N LEU G 45 -19.78 8.06 -18.79
CA LEU G 45 -20.97 8.05 -19.63
C LEU G 45 -21.39 6.62 -19.93
N GLU G 46 -22.70 6.43 -20.06
CA GLU G 46 -23.28 5.12 -20.36
C GLU G 46 -24.46 5.29 -21.32
N TRP G 47 -24.41 4.60 -22.46
CA TRP G 47 -25.44 4.73 -23.53
C TRP G 47 -26.68 3.95 -23.17
N ILE G 48 -27.83 4.63 -23.21
CA ILE G 48 -29.12 4.04 -22.85
C ILE G 48 -29.78 3.41 -24.08
N GLY G 49 -29.88 4.19 -25.14
CA GLY G 49 -30.59 3.80 -26.34
C GLY G 49 -30.69 4.94 -27.31
N GLU G 50 -31.33 4.66 -28.45
CA GLU G 50 -31.57 5.66 -29.50
C GLU G 50 -32.95 5.50 -30.13
N ILE G 51 -33.47 6.59 -30.67
CA ILE G 51 -34.70 6.57 -31.46
C ILE G 51 -34.52 7.29 -32.79
N PHE G 52 -35.01 6.68 -33.87
N PHE G 52 -34.96 6.66 -33.89
CA PHE G 52 -35.08 7.34 -35.20
CA PHE G 52 -35.07 7.29 -35.21
C PHE G 52 -36.44 8.00 -35.26
C PHE G 52 -36.45 7.99 -35.25
N PRO G 53 -36.50 9.34 -35.16
CA PRO G 53 -37.79 10.05 -35.21
C PRO G 53 -38.58 9.89 -36.53
N ARG G 54 -37.90 9.67 -37.62
CA ARG G 54 -38.59 9.48 -38.90
C ARG G 54 -39.60 8.32 -38.82
N SER G 55 -39.15 7.19 -38.26
CA SER G 55 -39.95 5.94 -38.16
C SER G 55 -40.41 5.52 -36.76
N GLY G 56 -39.84 6.13 -35.73
CA GLY G 56 -40.07 5.67 -34.33
C GLY G 56 -39.36 4.37 -33.92
N SER G 57 -38.47 3.88 -34.78
CA SER G 57 -37.66 2.70 -34.48
C SER G 57 -36.59 2.95 -33.40
N THR G 58 -36.53 2.08 -32.40
CA THR G 58 -35.63 2.25 -31.25
C THR G 58 -34.61 1.10 -31.13
N TYR G 59 -33.49 1.42 -30.53
CA TYR G 59 -32.50 0.43 -30.07
C TYR G 59 -32.07 0.78 -28.67
N TYR G 60 -31.72 -0.25 -27.91
CA TYR G 60 -31.40 -0.08 -26.50
C TYR G 60 -30.10 -0.79 -26.18
N ASN G 61 -29.40 -0.24 -25.19
CA ASN G 61 -28.45 -1.00 -24.36
C ASN G 61 -29.30 -1.97 -23.55
N GLU G 62 -28.88 -3.23 -23.56
CA GLU G 62 -29.62 -4.36 -22.96
C GLU G 62 -30.06 -4.12 -21.52
N LYS G 63 -29.18 -3.50 -20.75
CA LYS G 63 -29.52 -3.18 -19.35
C LYS G 63 -30.77 -2.32 -19.18
N PHE G 64 -31.03 -1.44 -20.13
CA PHE G 64 -32.15 -0.49 -20.01
C PHE G 64 -33.40 -0.94 -20.74
N LYS G 65 -33.40 -2.17 -21.25
CA LYS G 65 -34.61 -2.75 -21.87
C LYS G 65 -35.65 -2.95 -20.79
N GLY G 66 -36.79 -2.25 -20.91
CA GLY G 66 -37.87 -2.34 -19.91
C GLY G 66 -37.74 -1.38 -18.74
N LYS G 67 -36.57 -0.77 -18.58
CA LYS G 67 -36.39 0.38 -17.68
C LYS G 67 -36.75 1.65 -18.42
N ALA G 68 -36.06 1.87 -19.55
CA ALA G 68 -36.20 3.08 -20.38
C ALA G 68 -37.08 2.85 -21.61
N THR G 69 -37.96 3.81 -21.90
CA THR G 69 -38.82 3.78 -23.11
C THR G 69 -38.71 5.09 -23.87
N LEU G 70 -38.25 5.00 -25.12
CA LEU G 70 -37.98 6.18 -25.98
C LEU G 70 -39.05 6.46 -27.02
N THR G 71 -39.64 7.64 -26.96
CA THR G 71 -40.66 8.07 -27.93
C THR G 71 -40.30 9.37 -28.63
N ALA G 72 -40.95 9.61 -29.75
CA ALA G 72 -40.76 10.85 -30.48
C ALA G 72 -42.09 11.36 -31.01
N ASP G 73 -42.25 12.67 -30.90
CA ASP G 73 -43.39 13.37 -31.45
C ASP G 73 -42.87 14.26 -32.58
N LYS G 74 -43.12 13.83 -33.81
CA LYS G 74 -42.68 14.56 -35.00
C LYS G 74 -43.28 15.96 -35.15
N SER G 75 -44.54 16.14 -34.74
CA SER G 75 -45.21 17.43 -34.86
C SER G 75 -44.57 18.52 -33.97
N SER G 76 -44.01 18.14 -32.84
CA SER G 76 -43.37 19.10 -31.90
C SER G 76 -41.84 19.11 -31.92
N ASN G 77 -41.23 18.30 -32.79
CA ASN G 77 -39.76 18.08 -32.81
C ASN G 77 -39.17 17.72 -31.45
N THR G 78 -39.89 16.84 -30.73
CA THR G 78 -39.57 16.52 -29.35
C THR G 78 -39.44 15.02 -29.19
N ALA G 79 -38.31 14.62 -28.61
CA ALA G 79 -38.07 13.23 -28.22
C ALA G 79 -38.35 13.14 -26.74
N TYR G 80 -38.82 11.99 -26.30
CA TYR G 80 -39.10 11.73 -24.88
C TYR G 80 -38.42 10.43 -24.44
N MET G 81 -37.89 10.47 -23.23
CA MET G 81 -37.45 9.27 -22.56
C MET G 81 -38.24 9.15 -21.26
N GLN G 82 -38.82 7.97 -21.09
CA GLN G 82 -39.47 7.57 -19.85
C GLN G 82 -38.65 6.50 -19.14
N LEU G 83 -38.57 6.62 -17.82
CA LEU G 83 -37.93 5.64 -16.94
C LEU G 83 -38.98 5.12 -15.96
N SER G 84 -39.13 3.80 -15.90
CA SER G 84 -40.20 3.21 -15.09
C SER G 84 -39.68 2.48 -13.85
N SER G 85 -40.53 2.39 -12.83
CA SER G 85 -40.21 1.73 -11.54
C SER G 85 -38.86 2.13 -10.96
N VAL G 86 -38.62 3.43 -10.93
CA VAL G 86 -37.29 3.99 -10.69
C VAL G 86 -36.76 3.75 -9.28
N THR G 87 -35.45 3.54 -9.21
CA THR G 87 -34.76 3.32 -7.94
C THR G 87 -33.66 4.34 -7.80
N SER G 88 -33.06 4.39 -6.62
CA SER G 88 -31.97 5.33 -6.33
C SER G 88 -30.81 5.20 -7.32
N GLU G 89 -30.68 4.01 -7.91
CA GLU G 89 -29.69 3.74 -8.96
C GLU G 89 -29.95 4.49 -10.30
N ASP G 90 -31.17 4.96 -10.48
CA ASP G 90 -31.52 5.80 -11.63
C ASP G 90 -31.19 7.28 -11.44
N SER G 91 -30.82 7.64 -10.23
CA SER G 91 -30.37 9.00 -9.95
C SER G 91 -29.11 9.27 -10.76
N ALA G 92 -29.22 10.24 -11.67
CA ALA G 92 -28.18 10.55 -12.65
C ALA G 92 -28.54 11.80 -13.43
N VAL G 93 -27.55 12.32 -14.16
CA VAL G 93 -27.82 13.25 -15.25
C VAL G 93 -28.04 12.42 -16.51
N TYR G 94 -29.11 12.79 -17.22
CA TYR G 94 -29.49 12.14 -18.48
C TYR G 94 -29.41 13.10 -19.64
N PHE G 95 -28.54 12.81 -20.61
CA PHE G 95 -28.36 13.64 -21.80
C PHE G 95 -29.18 13.09 -22.96
N CYS G 96 -29.67 14.01 -23.78
CA CYS G 96 -30.14 13.65 -25.13
C CYS G 96 -29.14 14.20 -26.12
N ALA G 97 -29.03 13.58 -27.28
CA ALA G 97 -28.00 13.93 -28.25
C ALA G 97 -28.36 13.62 -29.67
N ARG G 98 -28.01 14.54 -30.56
CA ARG G 98 -28.20 14.34 -31.97
C ARG G 98 -27.07 13.43 -32.48
N ASP G 99 -27.51 12.37 -33.13
CA ASP G 99 -26.63 11.31 -33.55
C ASP G 99 -26.72 11.29 -35.06
N TYR G 100 -25.60 11.60 -35.71
CA TYR G 100 -25.55 11.74 -37.18
C TYR G 100 -25.49 10.40 -37.89
N TYR G 101 -26.56 9.63 -37.75
CA TYR G 101 -26.71 8.31 -38.36
C TYR G 101 -26.58 8.42 -39.87
N GLY G 102 -25.98 7.41 -40.46
CA GLY G 102 -25.81 7.31 -41.92
C GLY G 102 -24.38 7.58 -42.35
N THR G 103 -23.79 8.64 -41.82
CA THR G 103 -22.40 9.02 -42.19
C THR G 103 -21.48 8.94 -40.98
N SER G 104 -21.43 9.98 -40.14
CA SER G 104 -20.48 10.03 -39.02
C SER G 104 -20.75 8.99 -37.92
N PHE G 105 -22.02 8.65 -37.73
CA PHE G 105 -22.51 7.83 -36.59
C PHE G 105 -22.02 8.34 -35.24
N ALA G 106 -21.88 9.65 -35.13
CA ALA G 106 -21.33 10.27 -33.93
C ALA G 106 -22.34 11.23 -33.34
N MET G 107 -22.22 11.47 -32.04
CA MET G 107 -23.13 12.39 -31.34
C MET G 107 -22.59 13.80 -31.39
N ASP G 108 -23.01 14.53 -32.42
CA ASP G 108 -22.43 15.87 -32.74
C ASP G 108 -23.03 17.06 -32.00
N TYR G 109 -24.21 16.88 -31.42
CA TYR G 109 -24.82 17.87 -30.50
C TYR G 109 -25.48 17.18 -29.32
N TRP G 110 -25.36 17.84 -28.18
CA TRP G 110 -25.82 17.35 -26.90
C TRP G 110 -26.68 18.39 -26.23
N GLY G 111 -27.76 17.95 -25.58
CA GLY G 111 -28.53 18.82 -24.68
C GLY G 111 -27.67 19.18 -23.48
N GLN G 112 -28.20 20.01 -22.60
CA GLN G 112 -27.46 20.37 -21.37
C GLN G 112 -27.68 19.40 -20.22
N GLY G 113 -28.47 18.35 -20.47
CA GLY G 113 -28.67 17.25 -19.51
C GLY G 113 -29.73 17.57 -18.50
N THR G 114 -30.48 16.55 -18.09
CA THR G 114 -31.51 16.68 -17.07
C THR G 114 -31.12 15.87 -15.85
N SER G 115 -31.09 16.56 -14.72
CA SER G 115 -30.72 16.00 -13.43
C SER G 115 -31.92 15.37 -12.73
N VAL G 116 -31.86 14.04 -12.59
CA VAL G 116 -32.92 13.29 -11.93
C VAL G 116 -32.40 12.82 -10.57
N THR G 117 -33.16 13.17 -9.53
CA THR G 117 -32.95 12.61 -8.18
C THR G 117 -34.13 11.71 -7.85
N VAL G 118 -33.84 10.45 -7.48
CA VAL G 118 -34.86 9.49 -7.02
C VAL G 118 -34.82 9.44 -5.49
N SER G 119 -35.88 9.96 -4.90
CA SER G 119 -35.95 10.10 -3.46
C SER G 119 -37.37 10.38 -3.01
N SER G 120 -37.72 9.91 -1.82
CA SER G 120 -38.98 10.26 -1.21
C SER G 120 -38.88 11.55 -0.39
N ALA G 121 -37.67 12.08 -0.26
CA ALA G 121 -37.49 13.36 0.44
C ALA G 121 -38.12 14.51 -0.34
N LYS G 122 -38.48 15.55 0.39
CA LYS G 122 -39.32 16.61 -0.12
C LYS G 122 -38.47 17.67 -0.74
N THR G 123 -39.09 18.43 -1.63
CA THR G 123 -38.44 19.60 -2.22
C THR G 123 -38.47 20.74 -1.25
N THR G 124 -37.30 21.31 -0.99
CA THR G 124 -37.13 22.39 -0.02
C THR G 124 -36.44 23.49 -0.81
N PRO G 125 -36.99 24.72 -0.81
CA PRO G 125 -36.23 25.83 -1.43
C PRO G 125 -35.05 26.27 -0.57
N PRO G 126 -34.02 26.88 -1.17
CA PRO G 126 -32.86 27.34 -0.40
C PRO G 126 -33.10 28.59 0.41
N SER G 127 -32.38 28.70 1.51
CA SER G 127 -32.15 29.97 2.19
C SER G 127 -30.82 30.50 1.63
N VAL G 128 -30.87 31.74 1.16
CA VAL G 128 -29.74 32.37 0.48
C VAL G 128 -29.25 33.56 1.28
N TYR G 129 -27.95 33.53 1.61
CA TYR G 129 -27.33 34.47 2.54
C TYR G 129 -26.10 35.15 1.95
N PRO G 130 -26.02 36.50 2.07
CA PRO G 130 -24.85 37.17 1.54
C PRO G 130 -23.64 37.02 2.44
N LEU G 131 -22.49 36.89 1.79
CA LEU G 131 -21.19 36.86 2.48
C LEU G 131 -20.46 38.16 2.15
N ALA G 132 -20.57 39.11 3.06
CA ALA G 132 -19.86 40.41 2.99
C ALA G 132 -18.70 40.37 3.96
N PRO G 133 -17.49 40.81 3.55
CA PRO G 133 -16.29 40.68 4.41
C PRO G 133 -16.40 41.37 5.77
N GLY G 134 -15.54 40.95 6.69
CA GLY G 134 -15.35 41.66 7.95
C GLY G 134 -14.86 43.09 7.68
N SER G 135 -14.94 43.93 8.70
CA SER G 135 -14.37 45.28 8.65
C SER G 135 -12.86 45.27 8.88
N ALA G 136 -12.11 44.92 7.84
CA ALA G 136 -10.64 44.85 7.90
C ALA G 136 -9.96 45.08 6.55
N GLN G 138 -6.91 42.88 4.63
CA GLN G 138 -5.84 41.89 4.46
C GLN G 138 -4.81 42.27 3.37
N THR G 139 -4.51 43.56 3.28
CA THR G 139 -3.68 44.15 2.19
C THR G 139 -4.13 43.92 0.73
N ASN G 140 -5.44 43.99 0.50
CA ASN G 140 -5.98 43.60 -0.83
C ASN G 140 -6.63 44.70 -1.66
N SER G 141 -6.15 44.85 -2.90
CA SER G 141 -6.79 45.70 -3.92
C SER G 141 -7.97 45.01 -4.61
N MET G 142 -7.96 43.68 -4.57
CA MET G 142 -9.14 42.88 -4.88
C MET G 142 -9.95 42.62 -3.63
N VAL G 143 -11.23 42.33 -3.84
CA VAL G 143 -12.13 41.98 -2.76
C VAL G 143 -12.92 40.72 -3.16
N THR G 144 -13.03 39.78 -2.22
CA THR G 144 -13.80 38.57 -2.46
C THR G 144 -15.12 38.69 -1.71
N LEU G 145 -16.19 38.30 -2.41
CA LEU G 145 -17.54 38.25 -1.84
C LEU G 145 -18.10 36.85 -2.05
N GLY G 146 -19.23 36.57 -1.41
CA GLY G 146 -19.89 35.29 -1.62
C GLY G 146 -21.35 35.21 -1.26
N CYS G 147 -21.95 34.08 -1.61
CA CYS G 147 -23.32 33.75 -1.25
C CYS G 147 -23.37 32.34 -0.69
N LEU G 148 -24.01 32.19 0.47
CA LEU G 148 -24.27 30.88 1.09
C LEU G 148 -25.68 30.42 0.70
N VAL G 149 -25.75 29.26 0.07
CA VAL G 149 -27.00 28.71 -0.47
C VAL G 149 -27.28 27.44 0.34
N LYS G 150 -28.19 27.57 1.29
CA LYS G 150 -28.33 26.63 2.38
C LYS G 150 -29.70 25.93 2.44
N GLY G 151 -29.65 24.63 2.71
CA GLY G 151 -30.84 23.85 3.11
C GLY G 151 -31.87 23.59 2.02
N TYR G 152 -31.40 23.26 0.84
CA TYR G 152 -32.28 22.99 -0.28
C TYR G 152 -32.25 21.53 -0.66
N PHE G 153 -33.31 21.09 -1.32
CA PHE G 153 -33.38 19.74 -1.92
C PHE G 153 -34.37 19.82 -3.09
N PRO G 154 -34.17 19.06 -4.17
CA PRO G 154 -32.91 18.40 -4.50
C PRO G 154 -31.96 19.36 -5.21
N GLU G 155 -30.84 18.82 -5.65
CA GLU G 155 -29.93 19.46 -6.60
C GLU G 155 -30.62 19.60 -7.96
N PRO G 156 -30.19 20.52 -8.83
CA PRO G 156 -29.15 21.50 -8.54
C PRO G 156 -29.73 22.87 -8.22
N VAL G 157 -28.85 23.74 -7.78
CA VAL G 157 -29.09 25.19 -7.87
C VAL G 157 -28.13 25.75 -8.92
N THR G 158 -28.61 26.74 -9.67
CA THR G 158 -27.75 27.53 -10.55
C THR G 158 -27.42 28.81 -9.79
N VAL G 159 -26.16 29.23 -9.87
CA VAL G 159 -25.70 30.48 -9.27
C VAL G 159 -25.00 31.30 -10.35
N THR G 160 -25.46 32.54 -10.52
CA THR G 160 -24.79 33.52 -11.38
C THR G 160 -24.57 34.76 -10.55
N TRP G 161 -23.72 35.65 -11.02
CA TRP G 161 -23.47 36.95 -10.41
C TRP G 161 -23.72 38.04 -11.45
N ASN G 162 -24.39 39.12 -11.00
CA ASN G 162 -24.87 40.22 -11.88
C ASN G 162 -25.51 39.69 -13.15
N SER G 163 -26.45 38.76 -12.95
CA SER G 163 -27.15 38.04 -14.04
C SER G 163 -26.23 37.30 -15.01
N GLY G 164 -25.02 37.00 -14.55
CA GLY G 164 -23.96 36.43 -15.38
C GLY G 164 -23.07 37.41 -16.12
N SER G 165 -23.08 38.67 -15.72
CA SER G 165 -22.18 39.68 -16.31
C SER G 165 -20.79 39.54 -15.68
N LEU G 166 -20.77 39.34 -14.36
CA LEU G 166 -19.53 38.95 -13.65
C LEU G 166 -19.31 37.46 -13.83
N SER G 167 -18.44 37.12 -14.80
CA SER G 167 -18.20 35.74 -15.21
C SER G 167 -16.92 35.22 -14.59
N SER G 168 -15.80 35.87 -14.88
CA SER G 168 -14.50 35.45 -14.34
C SER G 168 -14.38 35.87 -12.88
N GLY G 169 -13.49 35.22 -12.17
CA GLY G 169 -13.36 35.43 -10.72
C GLY G 169 -14.40 34.71 -9.86
N VAL G 170 -15.23 33.88 -10.50
CA VAL G 170 -16.32 33.16 -9.87
C VAL G 170 -15.88 31.71 -9.60
N HIS G 171 -16.11 31.25 -8.37
CA HIS G 171 -16.01 29.84 -8.03
C HIS G 171 -17.29 29.45 -7.35
N THR G 172 -18.02 28.57 -7.99
CA THR G 172 -19.17 27.93 -7.35
C THR G 172 -18.80 26.49 -6.97
N PHE G 173 -18.94 26.22 -5.68
CA PHE G 173 -18.48 24.98 -5.06
C PHE G 173 -19.55 23.89 -5.09
N PRO G 174 -19.17 22.62 -5.30
CA PRO G 174 -20.21 21.58 -5.36
C PRO G 174 -20.95 21.41 -4.05
N ALA G 175 -22.22 21.08 -4.14
CA ALA G 175 -23.07 20.96 -2.96
C ALA G 175 -22.75 19.73 -2.16
N VAL G 176 -22.86 19.83 -0.84
CA VAL G 176 -22.69 18.65 0.02
C VAL G 176 -24.01 18.34 0.71
N LEU G 177 -24.39 17.07 0.63
CA LEU G 177 -25.63 16.59 1.21
C LEU G 177 -25.46 16.29 2.68
N GLN G 178 -26.37 16.80 3.50
CA GLN G 178 -26.49 16.38 4.90
C GLN G 178 -27.95 16.40 5.37
N SER G 179 -28.40 15.28 5.93
CA SER G 179 -29.72 15.20 6.61
C SER G 179 -30.92 15.52 5.68
N ASP G 180 -30.84 15.03 4.43
CA ASP G 180 -31.80 15.30 3.33
C ASP G 180 -31.76 16.74 2.81
N LEU G 181 -30.66 17.47 3.04
CA LEU G 181 -30.54 18.85 2.60
C LEU G 181 -29.13 19.22 2.12
N TYR G 182 -29.11 20.00 1.05
CA TYR G 182 -27.87 20.41 0.42
C TYR G 182 -27.44 21.81 0.89
N THR G 183 -26.13 22.00 0.89
CA THR G 183 -25.56 23.31 1.10
C THR G 183 -24.44 23.51 0.09
N LEU G 184 -24.40 24.68 -0.51
CA LEU G 184 -23.26 25.09 -1.33
C LEU G 184 -22.97 26.55 -1.10
N SER G 185 -21.83 26.97 -1.65
CA SER G 185 -21.45 28.36 -1.64
C SER G 185 -20.88 28.74 -2.99
N SER G 186 -20.83 30.05 -3.21
CA SER G 186 -20.21 30.61 -4.39
C SER G 186 -19.42 31.85 -3.97
N SER G 187 -18.23 32.00 -4.54
CA SER G 187 -17.45 33.22 -4.38
C SER G 187 -17.30 33.97 -5.70
N VAL G 188 -17.26 35.29 -5.56
CA VAL G 188 -16.86 36.17 -6.67
C VAL G 188 -15.76 37.11 -6.18
N THR G 189 -14.71 37.21 -6.98
CA THR G 189 -13.62 38.16 -6.72
C THR G 189 -13.65 39.24 -7.80
N VAL G 190 -13.75 40.47 -7.33
CA VAL G 190 -13.77 41.66 -8.18
C VAL G 190 -12.84 42.72 -7.58
N PRO G 191 -12.45 43.74 -8.39
CA PRO G 191 -11.57 44.78 -7.81
C PRO G 191 -12.26 45.58 -6.72
N SER G 192 -11.48 46.15 -5.82
CA SER G 192 -11.99 47.15 -4.86
C SER G 192 -12.69 48.31 -5.54
N SER G 193 -12.24 48.66 -6.74
CA SER G 193 -12.78 49.84 -7.42
C SER G 193 -14.20 49.64 -8.04
N THR G 194 -14.73 48.40 -8.10
CA THR G 194 -16.14 48.16 -8.45
C THR G 194 -17.07 48.04 -7.24
N TRP G 195 -16.66 47.31 -6.19
CA TRP G 195 -17.49 47.12 -4.97
C TRP G 195 -16.83 47.79 -3.76
N PRO G 196 -17.56 48.47 -2.86
CA PRO G 196 -19.04 48.64 -2.86
C PRO G 196 -19.63 49.80 -3.67
N SER G 197 -18.79 50.51 -4.43
CA SER G 197 -19.28 51.64 -5.26
C SER G 197 -20.40 51.24 -6.22
N GLU G 198 -20.25 50.07 -6.82
CA GLU G 198 -21.28 49.47 -7.70
C GLU G 198 -21.92 48.25 -7.07
N THR G 199 -23.00 47.80 -7.69
CA THR G 199 -23.84 46.73 -7.18
C THR G 199 -23.41 45.32 -7.61
N VAL G 200 -23.24 44.45 -6.61
CA VAL G 200 -22.94 43.04 -6.86
C VAL G 200 -24.04 42.20 -6.21
N THR G 201 -24.67 41.40 -7.04
CA THR G 201 -25.86 40.65 -6.65
C THR G 201 -25.64 39.23 -7.12
N CYS G 202 -25.91 38.26 -6.25
CA CYS G 202 -25.86 36.86 -6.65
C CYS G 202 -27.27 36.32 -6.91
N ASN G 203 -27.39 35.65 -8.03
CA ASN G 203 -28.67 35.16 -8.49
C ASN G 203 -28.69 33.66 -8.29
N VAL G 204 -29.55 33.23 -7.38
CA VAL G 204 -29.70 31.81 -7.07
C VAL G 204 -31.01 31.30 -7.65
N ALA G 205 -30.90 30.34 -8.56
CA ALA G 205 -32.07 29.69 -9.15
C ALA G 205 -32.12 28.23 -8.70
N HIS G 206 -33.29 27.83 -8.20
CA HIS G 206 -33.54 26.45 -7.79
C HIS G 206 -34.77 25.98 -8.57
N PRO G 207 -34.54 25.35 -9.77
CA PRO G 207 -35.64 24.93 -10.65
C PRO G 207 -36.66 23.99 -10.01
N ALA G 208 -36.19 23.03 -9.20
CA ALA G 208 -37.10 22.03 -8.59
C ALA G 208 -38.26 22.61 -7.78
N SER G 209 -38.03 23.77 -7.15
CA SER G 209 -39.06 24.48 -6.40
C SER G 209 -39.49 25.78 -7.04
N SER G 210 -39.10 26.01 -8.31
CA SER G 210 -39.37 27.28 -8.99
C SER G 210 -39.07 28.43 -8.02
N THR G 211 -37.87 28.42 -7.48
CA THR G 211 -37.36 29.55 -6.71
C THR G 211 -36.34 30.33 -7.53
N LYS G 212 -36.38 31.63 -7.34
CA LYS G 212 -35.39 32.54 -7.91
C LYS G 212 -35.16 33.67 -6.92
N VAL G 213 -33.95 33.76 -6.38
CA VAL G 213 -33.63 34.79 -5.43
C VAL G 213 -32.48 35.63 -5.98
N ASP G 214 -32.54 36.90 -5.63
CA ASP G 214 -31.46 37.84 -5.88
C ASP G 214 -31.05 38.39 -4.55
N LYS G 215 -29.81 38.10 -4.15
CA LYS G 215 -29.27 38.64 -2.89
C LYS G 215 -28.17 39.62 -3.20
N LYS G 216 -28.43 40.89 -2.92
CA LYS G 216 -27.42 41.95 -3.07
C LYS G 216 -26.42 41.86 -1.93
N ILE G 217 -25.15 41.96 -2.27
CA ILE G 217 -24.07 42.00 -1.28
C ILE G 217 -23.90 43.46 -0.83
N VAL G 218 -24.11 43.71 0.45
CA VAL G 218 -23.88 45.04 1.05
C VAL G 218 -22.88 44.94 2.20
N PRO G 219 -22.07 46.00 2.39
CA PRO G 219 -20.99 45.89 3.38
C PRO G 219 -21.43 45.88 4.81
N ARG G 220 -20.44 45.73 5.70
CA ARG G 220 -20.67 45.74 7.13
C ARG G 220 -21.16 44.36 7.59
N HIS H 2 12.95 -12.75 -55.68
CA HIS H 2 12.90 -12.84 -54.19
C HIS H 2 12.41 -11.57 -53.48
N VAL H 3 11.10 -11.51 -53.27
CA VAL H 3 10.50 -10.43 -52.51
C VAL H 3 10.56 -10.70 -51.01
N PRO H 4 10.39 -9.62 -50.20
CA PRO H 4 10.44 -9.70 -48.75
C PRO H 4 9.09 -9.87 -48.01
N GLY H 5 8.00 -10.16 -48.72
CA GLY H 5 6.72 -10.33 -48.03
C GLY H 5 5.59 -10.76 -48.93
N GLY H 6 4.51 -11.26 -48.33
CA GLY H 6 3.35 -11.78 -49.03
C GLY H 6 2.65 -10.84 -49.99
N GLY H 7 2.70 -11.23 -51.27
CA GLY H 7 2.24 -10.41 -52.39
C GLY H 7 3.26 -9.41 -52.91
N SER H 8 3.57 -8.37 -52.13
CA SER H 8 4.70 -7.46 -52.40
C SER H 8 4.58 -6.72 -53.74
N HIS I 2 -33.52 1.77 -40.53
CA HIS I 2 -32.71 2.05 -39.30
C HIS I 2 -31.86 0.85 -38.91
N VAL I 3 -30.55 0.96 -39.14
CA VAL I 3 -29.61 -0.12 -38.79
C VAL I 3 -28.90 0.17 -37.45
N PRO I 4 -28.38 -0.88 -36.76
CA PRO I 4 -27.70 -0.72 -35.45
C PRO I 4 -26.59 0.31 -35.39
N GLY I 5 -25.77 0.36 -36.43
CA GLY I 5 -24.80 1.42 -36.59
C GLY I 5 -24.02 1.29 -37.88
N GLY I 6 -22.80 1.84 -37.86
CA GLY I 6 -21.91 1.83 -39.01
C GLY I 6 -21.45 0.47 -39.52
N GLY I 7 -21.66 -0.58 -38.73
CA GLY I 7 -21.31 -1.94 -39.14
C GLY I 7 -22.38 -2.59 -39.98
N HIS J 2 38.35 29.58 35.20
CA HIS J 2 38.19 28.79 33.94
C HIS J 2 39.35 29.09 33.00
N VAL J 3 40.22 28.10 32.78
CA VAL J 3 41.47 28.24 32.03
C VAL J 3 41.36 27.58 30.63
N PRO J 4 42.22 27.99 29.66
CA PRO J 4 42.09 27.48 28.28
C PRO J 4 42.28 25.96 28.09
N GLY J 5 43.18 25.35 28.86
CA GLY J 5 43.37 23.89 28.85
C GLY J 5 44.23 23.36 29.98
N GLY J 6 44.78 22.16 29.78
CA GLY J 6 45.58 21.45 30.79
C GLY J 6 46.97 22.03 31.05
N GLY J 7 47.54 22.68 30.04
CA GLY J 7 48.76 23.48 30.20
C GLY J 7 48.69 24.58 31.26
N SER J 8 47.52 25.20 31.39
CA SER J 8 47.33 26.25 32.39
C SER J 8 47.49 25.69 33.80
N ASP K 1 -22.77 -5.79 -26.52
CA ASP K 1 -21.91 -6.69 -27.32
C ASP K 1 -20.46 -6.19 -27.20
N ILE K 2 -20.16 -5.05 -27.83
CA ILE K 2 -18.79 -4.54 -27.95
C ILE K 2 -18.38 -3.79 -26.68
N VAL K 3 -17.18 -4.12 -26.22
CA VAL K 3 -16.60 -3.64 -24.97
C VAL K 3 -15.43 -2.77 -25.27
N MET K 4 -15.38 -1.61 -24.62
CA MET K 4 -14.35 -0.59 -24.92
C MET K 4 -13.54 -0.29 -23.69
N SER K 5 -12.22 -0.16 -23.89
CA SER K 5 -11.23 -0.06 -22.82
C SER K 5 -10.44 1.20 -23.06
N GLN K 6 -10.20 1.96 -22.01
CA GLN K 6 -9.35 3.14 -22.09
C GLN K 6 -8.19 3.11 -21.10
N SER K 7 -7.06 3.60 -21.55
CA SER K 7 -5.89 3.68 -20.68
C SER K 7 -5.00 4.84 -21.11
N PRO K 8 -4.26 5.43 -20.16
CA PRO K 8 -4.45 5.23 -18.73
C PRO K 8 -5.74 5.89 -18.24
N SER K 9 -6.20 5.47 -17.07
CA SER K 9 -7.44 5.99 -16.48
C SER K 9 -7.30 7.47 -16.07
N SER K 10 -6.09 7.81 -15.66
CA SER K 10 -5.77 9.18 -15.26
C SER K 10 -4.43 9.57 -15.89
N LEU K 11 -4.26 10.87 -16.09
CA LEU K 11 -3.03 11.37 -16.68
C LEU K 11 -2.85 12.84 -16.35
N ALA K 12 -1.60 13.23 -16.08
CA ALA K 12 -1.25 14.61 -15.71
C ALA K 12 -0.01 15.09 -16.46
N VAL K 13 -0.13 16.27 -17.09
CA VAL K 13 0.98 16.91 -17.81
C VAL K 13 0.96 18.40 -17.61
N SER K 14 2.11 19.03 -17.87
CA SER K 14 2.23 20.48 -17.86
C SER K 14 1.71 21.04 -19.17
N ALA K 15 1.28 22.29 -19.13
CA ALA K 15 0.88 23.07 -20.30
C ALA K 15 2.03 23.10 -21.31
N GLY K 16 1.68 22.90 -22.57
CA GLY K 16 2.66 22.85 -23.66
C GLY K 16 3.19 21.46 -24.00
N GLU K 17 3.00 20.49 -23.10
CA GLU K 17 3.49 19.12 -23.30
C GLU K 17 2.54 18.28 -24.16
N LYS K 18 3.07 17.19 -24.69
CA LYS K 18 2.30 16.25 -25.48
C LYS K 18 1.70 15.19 -24.56
N VAL K 19 0.46 14.80 -24.85
CA VAL K 19 -0.12 13.61 -24.24
C VAL K 19 -0.74 12.73 -25.32
N THR K 20 -0.64 11.42 -25.15
CA THR K 20 -1.40 10.44 -25.93
C THR K 20 -2.19 9.58 -24.97
N MET K 21 -3.33 9.11 -25.41
CA MET K 21 -4.15 8.18 -24.62
C MET K 21 -4.72 7.13 -25.56
N SER K 22 -4.89 5.93 -25.02
CA SER K 22 -5.19 4.77 -25.86
C SER K 22 -6.59 4.22 -25.59
N CYS K 23 -7.21 3.78 -26.66
CA CYS K 23 -8.53 3.19 -26.61
C CYS K 23 -8.45 1.84 -27.32
N LYS K 24 -8.99 0.82 -26.66
CA LYS K 24 -9.06 -0.53 -27.22
C LYS K 24 -10.51 -1.00 -27.34
N SER K 25 -10.83 -1.66 -28.46
CA SER K 25 -12.15 -2.29 -28.70
C SER K 25 -12.06 -3.80 -28.83
N SER K 26 -13.10 -4.49 -28.36
CA SER K 26 -13.12 -5.96 -28.28
C SER K 26 -13.31 -6.67 -29.63
N GLN K 27 -13.94 -5.99 -30.58
CA GLN K 27 -13.97 -6.41 -31.99
C GLN K 27 -13.51 -5.27 -32.85
N SER K 28 -13.21 -5.60 -34.11
CA SER K 28 -12.86 -4.59 -35.10
C SER K 28 -14.00 -3.60 -35.31
N LEU K 29 -13.64 -2.35 -35.52
CA LEU K 29 -14.61 -1.28 -35.78
C LEU K 29 -14.57 -0.80 -37.22
N LEU K 30 -13.73 -1.45 -38.04
CA LEU K 30 -13.61 -1.11 -39.45
C LEU K 30 -14.75 -1.74 -40.27
N ASN K 31 -15.44 -0.92 -41.06
CA ASN K 31 -16.40 -1.44 -42.06
C ASN K 31 -15.69 -1.56 -43.40
N SER K 32 -15.69 -2.77 -43.95
CA SER K 32 -14.94 -3.09 -45.20
C SER K 32 -15.39 -2.19 -46.36
N ARG K 33 -16.70 -2.14 -46.59
CA ARG K 33 -17.33 -1.08 -47.37
C ARG K 33 -17.28 0.22 -46.56
N THR K 34 -17.21 1.36 -47.25
CA THR K 34 -17.01 2.70 -46.62
C THR K 34 -15.56 2.95 -46.18
N ARG K 35 -14.87 1.90 -45.74
CA ARG K 35 -13.46 1.99 -45.27
C ARG K 35 -13.28 2.79 -43.96
N LYS K 36 -14.37 3.00 -43.22
CA LYS K 36 -14.33 3.86 -42.01
C LYS K 36 -14.37 3.03 -40.72
N ASN K 37 -13.55 3.44 -39.75
CA ASN K 37 -13.64 2.94 -38.37
C ASN K 37 -14.63 3.79 -37.60
N TYR K 38 -15.69 3.16 -37.06
CA TYR K 38 -16.76 3.88 -36.35
C TYR K 38 -16.39 4.10 -34.88
N LEU K 39 -15.41 4.96 -34.74
CA LEU K 39 -14.79 5.26 -33.47
C LEU K 39 -14.80 6.76 -33.36
N ALA K 40 -15.24 7.25 -32.22
CA ALA K 40 -15.26 8.68 -31.98
C ALA K 40 -14.71 9.00 -30.62
N TRP K 41 -14.13 10.19 -30.54
CA TRP K 41 -13.65 10.75 -29.27
C TRP K 41 -14.46 11.95 -28.83
N TYR K 42 -14.72 11.98 -27.54
CA TYR K 42 -15.51 13.01 -26.89
C TYR K 42 -14.76 13.59 -25.69
N GLN K 43 -14.93 14.91 -25.52
CA GLN K 43 -14.33 15.67 -24.43
C GLN K 43 -15.42 16.18 -23.51
N GLN K 44 -15.32 15.87 -22.21
CA GLN K 44 -16.21 16.45 -21.20
C GLN K 44 -15.44 17.20 -20.11
N LYS K 45 -15.57 18.51 -20.18
CA LYS K 45 -15.12 19.44 -19.16
C LYS K 45 -16.05 19.44 -17.95
N PRO K 46 -15.54 19.83 -16.77
CA PRO K 46 -16.34 19.86 -15.53
C PRO K 46 -17.56 20.72 -15.62
N GLY K 47 -18.71 20.19 -15.20
CA GLY K 47 -19.99 20.90 -15.28
C GLY K 47 -20.60 21.09 -16.67
N GLN K 48 -20.01 20.47 -17.69
CA GLN K 48 -20.48 20.64 -19.08
C GLN K 48 -20.93 19.33 -19.68
N SER K 49 -21.68 19.44 -20.75
CA SER K 49 -22.09 18.27 -21.49
C SER K 49 -20.90 17.83 -22.34
N PRO K 50 -20.90 16.58 -22.82
CA PRO K 50 -19.85 16.16 -23.73
C PRO K 50 -19.87 16.88 -25.08
N LYS K 51 -18.69 16.98 -25.69
CA LYS K 51 -18.46 17.58 -26.99
C LYS K 51 -17.67 16.60 -27.88
N LEU K 52 -18.20 16.39 -29.10
CA LEU K 52 -17.55 15.57 -30.12
C LEU K 52 -16.23 16.22 -30.56
N LEU K 53 -15.17 15.43 -30.53
CA LEU K 53 -13.83 15.90 -30.97
C LEU K 53 -13.46 15.35 -32.34
N ILE K 54 -13.56 14.04 -32.43
CA ILE K 54 -13.12 13.30 -33.62
C ILE K 54 -14.12 12.20 -33.91
N TYR K 55 -14.43 12.01 -35.19
CA TYR K 55 -15.21 10.87 -35.64
C TYR K 55 -14.44 10.17 -36.75
N TRP K 56 -14.91 8.97 -37.12
CA TRP K 56 -14.20 8.09 -38.08
C TRP K 56 -12.75 7.85 -37.69
N ALA K 57 -12.52 7.69 -36.38
CA ALA K 57 -11.18 7.53 -35.77
C ALA K 57 -10.18 8.70 -35.95
N SER K 58 -10.19 9.34 -37.10
CA SER K 58 -9.20 10.37 -37.46
C SER K 58 -9.74 11.69 -38.06
N THR K 59 -11.04 11.86 -38.15
CA THR K 59 -11.61 13.12 -38.67
C THR K 59 -12.06 14.09 -37.59
N ARG K 60 -11.35 15.21 -37.49
CA ARG K 60 -11.75 16.27 -36.56
C ARG K 60 -13.14 16.83 -36.89
N GLU K 61 -13.94 16.96 -35.85
CA GLU K 61 -15.22 17.66 -35.92
C GLU K 61 -14.97 19.17 -35.97
N SER K 62 -15.89 19.91 -36.59
CA SER K 62 -15.89 21.37 -36.59
C SER K 62 -15.80 21.90 -35.15
N GLY K 63 -15.19 23.07 -34.99
CA GLY K 63 -15.03 23.68 -33.66
C GLY K 63 -14.05 22.99 -32.72
N VAL K 64 -13.14 22.20 -33.28
CA VAL K 64 -12.13 21.46 -32.50
C VAL K 64 -10.71 21.90 -32.89
N PRO K 65 -9.91 22.39 -31.92
CA PRO K 65 -8.53 22.79 -32.22
C PRO K 65 -7.70 21.68 -32.86
N ASP K 66 -6.75 22.06 -33.72
CA ASP K 66 -5.99 21.10 -34.53
C ASP K 66 -4.89 20.37 -33.76
N ARG K 67 -4.62 20.82 -32.54
CA ARG K 67 -3.80 20.09 -31.54
C ARG K 67 -4.35 18.70 -31.14
N PHE K 68 -5.67 18.51 -31.29
CA PHE K 68 -6.32 17.22 -31.08
C PHE K 68 -6.19 16.39 -32.35
N THR K 69 -5.62 15.20 -32.24
CA THR K 69 -5.49 14.28 -33.37
C THR K 69 -5.85 12.86 -32.95
N GLY K 70 -6.66 12.22 -33.78
CA GLY K 70 -7.09 10.84 -33.58
C GLY K 70 -6.38 9.96 -34.59
N SER K 71 -6.10 8.73 -34.17
CA SER K 71 -5.42 7.76 -35.03
C SER K 71 -5.70 6.36 -34.55
N GLY K 72 -5.34 5.39 -35.39
CA GLY K 72 -5.53 3.96 -35.15
C GLY K 72 -6.52 3.32 -36.11
N SER K 73 -6.68 2.01 -35.96
CA SER K 73 -7.59 1.23 -36.82
C SER K 73 -7.93 -0.14 -36.27
N GLY K 74 -9.09 -0.63 -36.70
CA GLY K 74 -9.57 -1.94 -36.28
C GLY K 74 -9.94 -1.91 -34.82
N THR K 75 -9.02 -2.37 -33.98
CA THR K 75 -9.24 -2.51 -32.53
C THR K 75 -8.36 -1.66 -31.60
N ASP K 76 -7.46 -0.87 -32.16
CA ASP K 76 -6.56 -0.03 -31.33
C ASP K 76 -6.58 1.39 -31.85
N PHE K 77 -6.86 2.32 -30.95
CA PHE K 77 -7.05 3.73 -31.28
C PHE K 77 -6.37 4.63 -30.29
N THR K 78 -5.90 5.76 -30.80
CA THR K 78 -5.13 6.70 -30.02
C THR K 78 -5.63 8.12 -30.24
N LEU K 79 -5.78 8.87 -29.14
CA LEU K 79 -5.98 10.31 -29.19
C LEU K 79 -4.72 11.04 -28.72
N THR K 80 -4.24 11.95 -29.56
CA THR K 80 -3.03 12.72 -29.29
C THR K 80 -3.38 14.20 -29.14
N ILE K 81 -2.96 14.76 -28.02
CA ILE K 81 -3.05 16.18 -27.83
C ILE K 81 -1.63 16.65 -27.93
N SER K 82 -1.35 17.42 -28.98
CA SER K 82 -0.03 18.03 -29.16
C SER K 82 -0.07 19.42 -28.52
N SER K 83 0.85 19.71 -27.61
CA SER K 83 0.81 20.95 -26.83
C SER K 83 -0.52 21.20 -26.11
N VAL K 84 -0.64 20.53 -24.96
CA VAL K 84 -1.76 20.65 -24.04
C VAL K 84 -1.90 22.09 -23.54
N GLN K 85 -3.13 22.54 -23.40
CA GLN K 85 -3.44 23.86 -22.82
C GLN K 85 -4.13 23.69 -21.49
N ALA K 86 -4.15 24.76 -20.71
CA ALA K 86 -4.92 24.83 -19.45
C ALA K 86 -6.38 24.39 -19.68
N GLU K 87 -6.97 24.97 -20.72
CA GLU K 87 -8.38 24.73 -21.18
C GLU K 87 -8.72 23.26 -21.53
N ASP K 88 -7.71 22.43 -21.76
CA ASP K 88 -7.91 21.00 -22.09
C ASP K 88 -8.24 20.06 -20.91
N LEU K 89 -8.30 20.62 -19.71
CA LEU K 89 -8.81 19.89 -18.55
C LEU K 89 -10.20 19.28 -18.81
N ALA K 90 -10.26 17.96 -18.77
CA ALA K 90 -11.47 17.22 -19.12
C ALA K 90 -11.27 15.74 -18.97
N VAL K 91 -12.38 15.02 -18.97
CA VAL K 91 -12.33 13.55 -19.22
C VAL K 91 -12.54 13.33 -20.72
N TYR K 92 -11.75 12.42 -21.27
CA TYR K 92 -11.79 12.09 -22.68
C TYR K 92 -12.34 10.68 -22.80
N TYR K 93 -13.40 10.53 -23.56
CA TYR K 93 -14.08 9.24 -23.79
C TYR K 93 -13.89 8.90 -25.22
N CYS K 94 -13.61 7.62 -25.47
CA CYS K 94 -13.73 7.04 -26.78
C CYS K 94 -15.05 6.30 -26.80
N LYS K 95 -15.56 6.10 -28.00
CA LYS K 95 -16.85 5.49 -28.17
C LYS K 95 -16.96 4.81 -29.53
N GLN K 96 -17.58 3.65 -29.46
CA GLN K 96 -17.82 2.78 -30.58
C GLN K 96 -19.22 3.05 -31.11
N SER K 97 -19.37 3.17 -32.44
CA SER K 97 -20.71 3.19 -33.09
C SER K 97 -20.79 2.25 -34.33
N PHE K 98 -20.00 1.20 -34.29
CA PHE K 98 -20.01 0.13 -35.30
C PHE K 98 -21.26 -0.72 -35.22
N TYR K 99 -21.58 -1.13 -34.00
CA TYR K 99 -22.80 -1.84 -33.66
C TYR K 99 -23.32 -1.33 -32.30
N LEU K 100 -24.46 -0.67 -32.35
CA LEU K 100 -25.02 0.03 -31.17
C LEU K 100 -23.97 1.05 -30.72
N ARG K 101 -23.91 1.39 -29.43
CA ARG K 101 -22.91 2.33 -28.94
C ARG K 101 -22.31 1.85 -27.61
N THR K 102 -21.01 2.04 -27.47
CA THR K 102 -20.35 1.78 -26.20
C THR K 102 -19.29 2.84 -25.95
N PHE K 103 -19.31 3.41 -24.77
CA PHE K 103 -18.28 4.33 -24.33
C PHE K 103 -17.24 3.56 -23.54
N GLY K 104 -16.00 4.00 -23.69
CA GLY K 104 -14.94 3.62 -22.76
C GLY K 104 -15.18 4.26 -21.40
N GLY K 105 -14.43 3.80 -20.40
CA GLY K 105 -14.51 4.33 -19.02
C GLY K 105 -13.83 5.68 -18.80
N GLY K 106 -13.15 6.15 -19.83
CA GLY K 106 -12.66 7.52 -19.85
C GLY K 106 -11.20 7.63 -19.43
N THR K 107 -10.59 8.72 -19.87
CA THR K 107 -9.24 9.10 -19.45
C THR K 107 -9.37 10.54 -18.93
N LYS K 108 -9.08 10.72 -17.65
CA LYS K 108 -9.14 12.05 -17.04
C LYS K 108 -7.82 12.73 -17.22
N LEU K 109 -7.82 13.89 -17.86
CA LEU K 109 -6.61 14.68 -18.03
C LEU K 109 -6.53 15.78 -17.00
N ASP K 110 -5.62 15.64 -16.04
CA ASP K 110 -5.24 16.72 -15.11
C ASP K 110 -4.05 17.50 -15.63
N ILE K 111 -3.89 18.70 -15.10
CA ILE K 111 -2.88 19.63 -15.55
C ILE K 111 -1.98 19.97 -14.39
N LYS K 112 -0.68 19.85 -14.63
CA LYS K 112 0.33 20.23 -13.65
C LYS K 112 0.76 21.64 -13.93
N ARG K 113 1.17 22.33 -12.86
CA ARG K 113 1.63 23.70 -13.00
C ARG K 113 2.44 24.06 -11.76
N ALA K 114 3.08 25.22 -11.79
CA ALA K 114 3.89 25.68 -10.65
C ALA K 114 3.00 25.86 -9.42
N ASP K 115 3.58 25.57 -8.26
CA ASP K 115 2.85 25.63 -7.00
C ASP K 115 2.35 27.04 -6.72
N ALA K 116 1.15 27.12 -6.13
CA ALA K 116 0.53 28.42 -5.80
C ALA K 116 -0.15 28.35 -4.44
N ALA K 117 0.05 29.39 -3.65
CA ALA K 117 -0.51 29.50 -2.30
C ALA K 117 -1.92 30.02 -2.40
N PRO K 118 -2.81 29.62 -1.47
CA PRO K 118 -4.20 30.05 -1.52
C PRO K 118 -4.40 31.51 -1.07
N THR K 119 -5.35 32.18 -1.73
CA THR K 119 -5.89 33.43 -1.25
C THR K 119 -6.97 32.99 -0.28
N VAL K 120 -6.79 33.34 0.99
CA VAL K 120 -7.77 33.00 2.03
C VAL K 120 -8.62 34.24 2.37
N SER K 121 -9.92 33.98 2.50
CA SER K 121 -10.88 34.99 2.91
C SER K 121 -11.89 34.39 3.88
N ILE K 122 -12.12 35.06 5.00
CA ILE K 122 -13.04 34.59 6.03
C ILE K 122 -14.25 35.49 6.03
N PHE K 123 -15.42 34.93 6.33
CA PHE K 123 -16.71 35.67 6.23
C PHE K 123 -17.60 35.37 7.41
N PRO K 124 -17.97 36.40 8.21
CA PRO K 124 -18.86 36.15 9.34
C PRO K 124 -20.31 35.85 8.92
N PRO K 125 -21.11 35.29 9.84
CA PRO K 125 -22.52 35.05 9.52
C PRO K 125 -23.23 36.30 9.06
N SER K 126 -24.12 36.13 8.09
CA SER K 126 -25.00 37.20 7.66
C SER K 126 -26.05 37.43 8.74
N SER K 127 -26.53 38.68 8.80
CA SER K 127 -27.62 39.05 9.69
C SER K 127 -28.91 38.26 9.44
N GLU K 128 -29.22 38.02 8.17
CA GLU K 128 -30.38 37.21 7.77
C GLU K 128 -30.35 35.78 8.33
N GLN K 129 -29.17 35.18 8.30
CA GLN K 129 -28.99 33.82 8.84
C GLN K 129 -29.12 33.83 10.35
N LEU K 130 -28.49 34.82 10.98
CA LEU K 130 -28.60 35.03 12.43
C LEU K 130 -30.05 35.23 12.87
N THR K 131 -30.81 35.97 12.06
CA THR K 131 -32.26 36.15 12.27
C THR K 131 -32.99 34.81 12.43
N SER K 132 -32.63 33.83 11.63
CA SER K 132 -33.27 32.49 11.65
C SER K 132 -32.78 31.52 12.75
N GLY K 133 -31.78 31.94 13.51
CA GLY K 133 -31.26 31.17 14.65
C GLY K 133 -30.03 30.31 14.39
N GLY K 134 -29.52 30.40 13.16
CA GLY K 134 -28.30 29.70 12.74
C GLY K 134 -27.15 30.65 12.52
N ALA K 135 -25.95 30.11 12.51
CA ALA K 135 -24.72 30.90 12.35
C ALA K 135 -23.62 30.15 11.61
N SER K 136 -23.36 30.56 10.37
CA SER K 136 -22.33 29.94 9.54
C SER K 136 -21.18 30.91 9.28
N VAL K 137 -19.98 30.47 9.66
CA VAL K 137 -18.73 31.15 9.37
C VAL K 137 -18.08 30.42 8.18
N VAL K 138 -17.72 31.20 7.19
CA VAL K 138 -17.28 30.65 5.90
C VAL K 138 -15.84 31.09 5.56
N CYS K 139 -15.08 30.14 5.05
CA CYS K 139 -13.71 30.38 4.64
C CYS K 139 -13.51 29.91 3.18
N PHE K 140 -13.09 30.84 2.33
CA PHE K 140 -12.72 30.56 0.94
C PHE K 140 -11.20 30.50 0.76
N LEU K 141 -10.75 29.36 0.26
CA LEU K 141 -9.33 29.11 -0.02
C LEU K 141 -9.18 29.00 -1.53
N ASN K 142 -8.82 30.10 -2.14
CA ASN K 142 -8.96 30.24 -3.60
C ASN K 142 -7.62 30.16 -4.32
N ASN K 143 -7.63 29.53 -5.50
CA ASN K 143 -6.53 29.56 -6.49
C ASN K 143 -5.19 29.05 -6.00
N PHE K 144 -5.22 27.81 -5.53
CA PHE K 144 -4.02 27.12 -5.04
C PHE K 144 -3.68 25.89 -5.86
N TYR K 145 -2.43 25.46 -5.71
CA TYR K 145 -1.93 24.24 -6.35
C TYR K 145 -0.68 23.73 -5.60
N PRO K 146 -0.62 22.42 -5.24
CA PRO K 146 -1.55 21.37 -5.69
C PRO K 146 -2.81 21.22 -4.83
N LYS K 147 -3.63 20.25 -5.21
CA LYS K 147 -4.95 19.98 -4.57
C LYS K 147 -4.92 19.62 -3.06
N ASP K 148 -3.76 19.12 -2.61
CA ASP K 148 -3.59 18.78 -1.16
C ASP K 148 -3.62 20.01 -0.26
N ILE K 149 -4.69 20.14 0.51
CA ILE K 149 -4.81 21.22 1.48
C ILE K 149 -5.59 20.79 2.71
N ASN K 150 -5.14 21.30 3.85
CA ASN K 150 -5.80 21.06 5.13
C ASN K 150 -6.32 22.38 5.71
N VAL K 151 -7.48 22.30 6.36
CA VAL K 151 -8.12 23.47 6.95
C VAL K 151 -8.49 23.13 8.38
N ARG K 152 -8.24 24.09 9.28
CA ARG K 152 -8.46 23.91 10.69
C ARG K 152 -9.17 25.17 11.18
N TRP K 153 -10.21 24.98 11.98
CA TRP K 153 -10.96 26.09 12.59
C TRP K 153 -10.63 26.26 14.05
N LYS K 154 -10.54 27.51 14.46
CA LYS K 154 -10.29 27.82 15.87
C LYS K 154 -11.33 28.77 16.39
N ILE K 155 -11.85 28.44 17.56
CA ILE K 155 -12.79 29.29 18.29
C ILE K 155 -12.08 29.65 19.60
N ASP K 156 -11.77 30.93 19.75
CA ASP K 156 -11.04 31.47 20.92
C ASP K 156 -9.76 30.63 21.18
N GLY K 157 -8.98 30.44 20.12
CA GLY K 157 -7.73 29.66 20.18
C GLY K 157 -7.82 28.14 20.21
N SER K 158 -9.04 27.64 20.39
CA SER K 158 -9.30 26.20 20.56
C SER K 158 -9.83 25.63 19.25
N GLU K 159 -9.29 24.49 18.84
CA GLU K 159 -9.72 23.82 17.62
C GLU K 159 -11.12 23.26 17.78
N ARG K 160 -11.90 23.35 16.70
CA ARG K 160 -13.29 22.90 16.66
C ARG K 160 -13.52 22.07 15.41
N GLN K 161 -14.14 20.88 15.59
CA GLN K 161 -14.31 19.91 14.51
C GLN K 161 -15.76 19.77 14.03
N ASN K 162 -16.70 19.91 14.96
CA ASN K 162 -18.13 19.73 14.66
C ASN K 162 -18.78 20.92 14.00
N GLY K 163 -19.63 20.60 13.01
CA GLY K 163 -20.32 21.59 12.22
C GLY K 163 -19.57 22.08 11.00
N VAL K 164 -18.45 21.43 10.64
CA VAL K 164 -17.59 21.89 9.53
C VAL K 164 -17.89 21.13 8.24
N LEU K 165 -18.15 21.88 7.20
CA LEU K 165 -18.42 21.32 5.88
C LEU K 165 -17.44 21.87 4.87
N ASN K 166 -16.82 20.95 4.14
CA ASN K 166 -15.75 21.29 3.17
C ASN K 166 -16.16 20.88 1.78
N SER K 167 -15.82 21.73 0.81
CA SER K 167 -16.11 21.46 -0.59
C SER K 167 -14.98 21.97 -1.49
N TRP K 168 -14.53 21.10 -2.39
CA TRP K 168 -13.46 21.40 -3.35
C TRP K 168 -14.05 21.62 -4.74
N THR K 169 -13.53 22.62 -5.45
CA THR K 169 -13.79 22.77 -6.86
C THR K 169 -12.94 21.78 -7.67
N ASP K 170 -13.39 21.54 -8.89
CA ASP K 170 -12.56 20.92 -9.93
C ASP K 170 -11.50 21.91 -10.34
N GLN K 171 -10.44 21.42 -10.94
CA GLN K 171 -9.34 22.28 -11.44
C GLN K 171 -9.86 23.37 -12.39
N ASP K 172 -9.35 24.59 -12.25
CA ASP K 172 -9.81 25.72 -13.03
C ASP K 172 -9.26 25.66 -14.47
N SER K 173 -10.11 25.96 -15.44
CA SER K 173 -9.77 25.78 -16.87
C SER K 173 -8.84 26.87 -17.42
N LYS K 174 -8.68 27.98 -16.67
CA LYS K 174 -7.85 29.13 -17.06
C LYS K 174 -6.42 29.13 -16.46
N ASP K 175 -6.33 28.97 -15.14
CA ASP K 175 -5.03 28.99 -14.43
C ASP K 175 -4.62 27.66 -13.81
N SER K 176 -5.41 26.61 -14.01
CA SER K 176 -5.10 25.25 -13.49
C SER K 176 -5.00 25.12 -11.96
N THR K 177 -5.61 26.03 -11.25
CA THR K 177 -5.60 25.99 -9.79
C THR K 177 -6.87 25.31 -9.28
N TYR K 178 -6.85 25.03 -7.98
CA TYR K 178 -7.97 24.50 -7.26
C TYR K 178 -8.47 25.51 -6.25
N SER K 179 -9.74 25.39 -5.90
CA SER K 179 -10.34 26.20 -4.85
C SER K 179 -11.14 25.37 -3.87
N MET K 180 -11.25 25.87 -2.66
CA MET K 180 -11.85 25.13 -1.55
C MET K 180 -12.68 26.06 -0.69
N SER K 181 -13.80 25.52 -0.24
CA SER K 181 -14.75 26.25 0.60
C SER K 181 -14.94 25.45 1.85
N SER K 182 -14.77 26.10 2.99
CA SER K 182 -14.94 25.47 4.28
C SER K 182 -15.90 26.33 5.11
N THR K 183 -16.93 25.67 5.62
CA THR K 183 -18.04 26.33 6.33
C THR K 183 -18.28 25.76 7.72
N LEU K 184 -18.04 26.58 8.72
CA LEU K 184 -18.28 26.22 10.13
C LEU K 184 -19.68 26.67 10.48
N THR K 185 -20.59 25.71 10.68
CA THR K 185 -22.00 26.01 10.99
C THR K 185 -22.34 25.69 12.45
N LEU K 186 -22.65 26.73 13.22
CA LEU K 186 -23.03 26.65 14.63
C LEU K 186 -24.45 27.18 14.83
N THR K 187 -24.98 27.00 16.03
CA THR K 187 -26.23 27.68 16.42
C THR K 187 -25.89 29.15 16.69
N LYS K 188 -26.92 29.99 16.68
CA LYS K 188 -26.75 31.44 16.97
C LYS K 188 -26.23 31.71 18.38
N ASP K 189 -26.89 31.10 19.38
CA ASP K 189 -26.48 31.22 20.79
C ASP K 189 -25.04 30.74 20.97
N GLU K 190 -24.69 29.63 20.32
CA GLU K 190 -23.32 29.08 20.35
C GLU K 190 -22.29 30.03 19.74
N TYR K 191 -22.67 30.69 18.65
CA TYR K 191 -21.84 31.71 17.99
C TYR K 191 -21.63 32.97 18.85
N GLU K 192 -22.66 33.36 19.59
CA GLU K 192 -22.62 34.57 20.43
C GLU K 192 -21.98 34.39 21.82
N ARG K 193 -21.71 33.14 22.20
CA ARG K 193 -20.92 32.84 23.42
C ARG K 193 -19.42 33.10 23.26
N HIS K 194 -18.95 33.07 22.01
CA HIS K 194 -17.53 33.25 21.69
C HIS K 194 -17.33 34.46 20.79
N ASN K 195 -16.07 34.86 20.64
CA ASN K 195 -15.74 36.12 19.93
C ASN K 195 -14.72 35.98 18.78
N SER K 196 -13.66 35.20 19.02
CA SER K 196 -12.59 35.01 18.05
C SER K 196 -12.88 33.81 17.15
N TYR K 197 -12.93 34.06 15.84
CA TYR K 197 -13.14 33.01 14.84
C TYR K 197 -12.04 33.02 13.79
N THR K 198 -11.24 31.95 13.79
CA THR K 198 -10.12 31.78 12.86
C THR K 198 -10.26 30.53 11.94
N CYS K 199 -9.96 30.71 10.65
CA CYS K 199 -9.73 29.57 9.75
C CYS K 199 -8.25 29.58 9.40
N GLU K 200 -7.64 28.41 9.43
CA GLU K 200 -6.22 28.24 9.15
C GLU K 200 -5.99 27.19 8.05
N ALA K 201 -5.31 27.62 6.99
CA ALA K 201 -4.97 26.77 5.84
C ALA K 201 -3.53 26.31 5.84
N THR K 202 -3.35 24.99 5.84
CA THR K 202 -2.02 24.38 5.75
C THR K 202 -1.86 23.77 4.36
N HIS K 203 -0.91 24.29 3.61
CA HIS K 203 -0.72 23.92 2.23
C HIS K 203 0.77 23.67 1.98
N LYS K 204 1.05 22.76 1.06
CA LYS K 204 2.45 22.36 0.68
C LYS K 204 3.44 23.50 0.47
N THR K 205 2.94 24.60 -0.10
CA THR K 205 3.72 25.82 -0.38
C THR K 205 4.25 26.55 0.87
N SER K 206 3.80 26.16 2.07
CA SER K 206 4.46 26.61 3.29
C SER K 206 4.28 25.65 4.41
N THR K 207 5.23 25.68 5.32
CA THR K 207 5.05 24.96 6.59
C THR K 207 4.11 25.75 7.49
N SER K 208 4.21 27.07 7.42
CA SER K 208 3.35 27.95 8.22
C SER K 208 1.92 28.02 7.68
N PRO K 209 0.95 27.67 8.53
CA PRO K 209 -0.41 27.90 8.06
C PRO K 209 -0.68 29.36 7.66
N ILE K 210 -1.56 29.52 6.68
CA ILE K 210 -2.13 30.82 6.33
C ILE K 210 -3.37 30.99 7.18
N VAL K 211 -3.43 32.11 7.88
CA VAL K 211 -4.32 32.32 8.99
C VAL K 211 -5.20 33.50 8.64
N LYS K 212 -6.50 33.39 8.91
CA LYS K 212 -7.46 34.49 8.77
C LYS K 212 -8.51 34.48 9.86
N SER K 213 -8.71 35.65 10.47
CA SER K 213 -9.57 35.81 11.63
C SER K 213 -10.45 37.03 11.55
N PHE K 214 -11.46 37.04 12.41
CA PHE K 214 -12.25 38.23 12.71
C PHE K 214 -12.79 38.18 14.15
N ASN K 215 -13.13 39.36 14.66
CA ASN K 215 -13.77 39.50 15.96
C ASN K 215 -15.26 39.85 15.74
N ARG K 216 -16.13 39.26 16.55
CA ARG K 216 -17.57 39.58 16.53
C ARG K 216 -17.77 41.03 17.02
N ASN K 217 -16.89 41.47 17.92
CA ASN K 217 -16.82 42.87 18.37
C ASN K 217 -16.32 43.79 17.24
N GLU K 218 -15.04 43.63 16.87
CA GLU K 218 -14.32 44.38 15.83
C GLU K 218 -14.81 45.82 15.57
#